data_8JEM
#
_entry.id   8JEM
#
_cell.length_a   1.00
_cell.length_b   1.00
_cell.length_c   1.00
_cell.angle_alpha   90.00
_cell.angle_beta   90.00
_cell.angle_gamma   90.00
#
_symmetry.space_group_name_H-M   'P 1'
#
loop_
_entity.id
_entity.type
_entity.pdbx_description
1 polymer 'Teichoic acid D-alanyltransferase'
2 non-polymer N-[4-(acridin-9-ylamino)-3-methoxyphenyl]methanesulfonamide
3 non-polymer '(1S)-2-{[{[(2R)-2,3-DIHYDROXYPROPYL]OXY}(HYDROXY)PHOSPHORYL]OXY}-1-[(PALMITOYLOXY)METHYL]ETHYL STEARATE'
4 non-polymer DODECYL-BETA-D-MALTOSIDE
5 non-polymer 'DIACYL GLYCEROL'
#
_entity_poly.entity_id   1
_entity_poly.type   'polypeptide(L)'
_entity_poly.pdbx_seq_one_letter_code
;MGSSHHHHHHNYDIPTTENLYFQGSMIDFLKQLPHLEPYGNPFYFIYLGIALLPIFIGLFFKKRFAIYECLVSITFIVLA
LTGTHASQILALLFYIVWQIIWVYSYKRYRSQRDNKWVFYLHSFLVVLPLILVKVEPTINGTQSLLNFLGISYLTFRAVG
MIIEMRDGVLKEFTLGEFLRFMLFMPTFTSGPIDRFKRFNEDYQSIPNRDELLNMLEQAVKYIMLGFLYKFVLAQIFGSM
LLPPLKAQALSQGGIFNLPTLGVMYVYGFDLFFDFAGYSMFALAVSNLMGIKSPINFDKPFISRDMKEFWNRWHMSLSFW
FRDFVFMRLVIVLMRNKVFKNRNTTSNVAYIINMMVMGFWHGITWYYIAYGIFHGIGLVINDAWLRKKKTINKDRKKAGL
KPLPENKWTKALGIFITFNTVMLSFLIFSGFLNDLWFTKK
;
_entity_poly.pdbx_strand_id   A,B,C,D
#
# COMPACT_ATOMS: atom_id res chain seq x y z
N GLY A 24 -12.83 -3.94 32.92
CA GLY A 24 -14.11 -4.53 33.24
C GLY A 24 -14.91 -4.90 32.00
N SER A 25 -15.48 -6.10 32.01
CA SER A 25 -16.28 -6.60 30.89
C SER A 25 -17.73 -6.71 31.33
N MET A 26 -18.61 -6.01 30.62
CA MET A 26 -20.05 -6.05 30.85
C MET A 26 -20.75 -5.82 29.51
N ILE A 27 -22.04 -5.48 29.57
CA ILE A 27 -22.73 -5.01 28.37
C ILE A 27 -22.11 -3.71 27.90
N ASP A 28 -21.56 -2.92 28.82
CA ASP A 28 -20.88 -1.68 28.45
C ASP A 28 -19.70 -1.95 27.53
N PHE A 29 -19.04 -3.09 27.68
CA PHE A 29 -17.98 -3.45 26.75
C PHE A 29 -18.52 -3.63 25.34
N LEU A 30 -19.67 -4.29 25.20
CA LEU A 30 -20.30 -4.41 23.89
C LEU A 30 -20.68 -3.05 23.33
N LYS A 31 -21.25 -2.19 24.18
CA LYS A 31 -21.64 -0.85 23.75
C LYS A 31 -20.43 0.00 23.38
N GLN A 32 -19.24 -0.35 23.89
CA GLN A 32 -18.02 0.37 23.54
C GLN A 32 -17.54 0.06 22.13
N LEU A 33 -17.95 -1.09 21.58
CA LEU A 33 -17.46 -1.53 20.28
C LEU A 33 -17.88 -0.54 19.18
N PRO A 34 -17.11 -0.44 18.10
CA PRO A 34 -17.46 0.49 17.02
C PRO A 34 -18.78 0.13 16.38
N HIS A 35 -19.49 1.15 15.91
CA HIS A 35 -20.81 1.00 15.31
C HIS A 35 -20.77 1.49 13.87
N LEU A 36 -21.30 0.68 12.97
CA LEU A 36 -21.36 1.01 11.54
C LEU A 36 -22.76 0.63 11.05
N GLU A 37 -23.65 1.61 10.97
CA GLU A 37 -24.99 1.33 10.47
C GLU A 37 -24.88 0.82 9.03
N PRO A 38 -25.53 -0.30 8.70
CA PRO A 38 -25.39 -0.86 7.36
C PRO A 38 -25.94 0.07 6.31
N TYR A 39 -25.07 0.49 5.37
CA TYR A 39 -25.43 1.37 4.27
C TYR A 39 -25.98 2.70 4.79
N GLY A 40 -25.20 3.37 5.62
CA GLY A 40 -25.59 4.64 6.17
C GLY A 40 -24.90 5.82 5.50
N ASN A 41 -23.62 5.67 5.22
CA ASN A 41 -22.82 6.70 4.57
C ASN A 41 -21.92 6.02 3.54
N PRO A 42 -21.49 6.76 2.52
CA PRO A 42 -20.67 6.14 1.46
C PRO A 42 -19.37 5.53 1.97
N PHE A 43 -18.79 6.06 3.04
CA PHE A 43 -17.57 5.48 3.56
C PHE A 43 -17.79 4.07 4.05
N TYR A 44 -19.02 3.75 4.47
CA TYR A 44 -19.36 2.35 4.73
C TYR A 44 -19.16 1.51 3.47
N PHE A 45 -19.51 2.06 2.31
CA PHE A 45 -19.29 1.33 1.07
C PHE A 45 -17.82 1.25 0.72
N ILE A 46 -17.02 2.25 1.10
CA ILE A 46 -15.58 2.13 0.93
C ILE A 46 -15.05 0.95 1.75
N TYR A 47 -15.49 0.87 3.01
CA TYR A 47 -15.09 -0.25 3.86
C TYR A 47 -15.50 -1.58 3.25
N LEU A 48 -16.76 -1.67 2.79
CA LEU A 48 -17.26 -2.92 2.24
C LEU A 48 -16.52 -3.31 0.97
N GLY A 49 -16.25 -2.35 0.10
CA GLY A 49 -15.52 -2.65 -1.12
C GLY A 49 -14.11 -3.16 -0.83
N ILE A 50 -13.41 -2.48 0.10
CA ILE A 50 -12.08 -2.93 0.46
C ILE A 50 -12.13 -4.34 1.04
N ALA A 51 -13.12 -4.61 1.90
CA ALA A 51 -13.20 -5.92 2.53
C ALA A 51 -13.54 -7.01 1.54
N LEU A 52 -14.46 -6.75 0.62
CA LEU A 52 -15.01 -7.77 -0.27
C LEU A 52 -14.24 -7.89 -1.58
N LEU A 53 -13.26 -7.04 -1.84
CA LEU A 53 -12.45 -7.22 -3.05
C LEU A 53 -11.78 -8.59 -3.11
N PRO A 54 -11.10 -9.09 -2.06
CA PRO A 54 -10.49 -10.43 -2.18
C PRO A 54 -11.49 -11.52 -2.48
N ILE A 55 -12.70 -11.45 -1.93
CA ILE A 55 -13.69 -12.48 -2.18
C ILE A 55 -14.09 -12.51 -3.64
N PHE A 56 -14.31 -11.33 -4.24
CA PHE A 56 -14.67 -11.28 -5.65
C PHE A 56 -13.53 -11.75 -6.54
N ILE A 57 -12.29 -11.35 -6.22
CA ILE A 57 -11.16 -11.80 -7.01
C ILE A 57 -11.03 -13.31 -6.95
N GLY A 58 -11.19 -13.89 -5.75
CA GLY A 58 -11.16 -15.33 -5.62
C GLY A 58 -12.28 -16.01 -6.38
N LEU A 59 -13.47 -15.39 -6.40
CA LEU A 59 -14.57 -15.93 -7.17
C LEU A 59 -14.26 -15.95 -8.65
N PHE A 60 -13.47 -14.99 -9.13
CA PHE A 60 -13.08 -14.98 -10.53
C PHE A 60 -12.39 -16.27 -10.93
N PHE A 61 -11.67 -16.91 -10.01
CA PHE A 61 -10.93 -18.14 -10.29
C PHE A 61 -11.63 -19.38 -9.77
N LYS A 62 -12.93 -19.28 -9.51
CA LYS A 62 -13.74 -20.42 -9.06
C LYS A 62 -13.19 -21.04 -7.77
N LYS A 63 -12.76 -20.20 -6.84
CA LYS A 63 -12.33 -20.65 -5.54
C LYS A 63 -12.97 -19.78 -4.46
N ARG A 64 -13.26 -20.39 -3.31
CA ARG A 64 -14.01 -19.76 -2.24
C ARG A 64 -13.20 -19.78 -0.97
N PHE A 65 -13.06 -18.62 -0.32
CA PHE A 65 -12.31 -18.48 0.92
C PHE A 65 -13.30 -18.59 2.08
N ALA A 66 -13.46 -19.81 2.61
CA ALA A 66 -14.52 -20.07 3.56
C ALA A 66 -14.31 -19.30 4.86
N ILE A 67 -13.08 -19.29 5.38
CA ILE A 67 -12.83 -18.64 6.67
C ILE A 67 -12.93 -17.12 6.54
N TYR A 68 -12.39 -16.56 5.46
CA TYR A 68 -12.40 -15.11 5.29
C TYR A 68 -13.82 -14.57 5.19
N GLU A 69 -14.67 -15.26 4.44
CA GLU A 69 -16.07 -14.83 4.33
C GLU A 69 -16.75 -14.85 5.68
N CYS A 70 -16.52 -15.91 6.46
CA CYS A 70 -17.15 -15.99 7.78
C CYS A 70 -16.67 -14.87 8.69
N LEU A 71 -15.36 -14.60 8.68
CA LEU A 71 -14.85 -13.53 9.55
C LEU A 71 -15.40 -12.17 9.13
N VAL A 72 -15.44 -11.89 7.82
CA VAL A 72 -15.96 -10.61 7.36
C VAL A 72 -17.45 -10.47 7.71
N SER A 73 -18.21 -11.54 7.50
CA SER A 73 -19.63 -11.50 7.79
C SER A 73 -19.87 -11.24 9.28
N ILE A 74 -19.14 -11.94 10.15
CA ILE A 74 -19.31 -11.73 11.58
C ILE A 74 -18.88 -10.32 11.97
N THR A 75 -17.79 -9.83 11.38
CA THR A 75 -17.33 -8.48 11.68
C THR A 75 -18.39 -7.45 11.35
N PHE A 76 -18.98 -7.52 10.15
CA PHE A 76 -19.93 -6.49 9.77
C PHE A 76 -21.27 -6.66 10.47
N ILE A 77 -21.68 -7.90 10.79
CA ILE A 77 -22.89 -8.07 11.59
C ILE A 77 -22.71 -7.45 12.97
N VAL A 78 -21.56 -7.72 13.62
CA VAL A 78 -21.31 -7.15 14.94
C VAL A 78 -21.26 -5.64 14.87
N LEU A 79 -20.60 -5.09 13.85
CA LEU A 79 -20.54 -3.63 13.72
C LEU A 79 -21.94 -3.05 13.54
N ALA A 80 -22.79 -3.72 12.76
CA ALA A 80 -24.14 -3.21 12.57
C ALA A 80 -24.98 -3.34 13.83
N LEU A 81 -24.65 -4.28 14.71
CA LEU A 81 -25.46 -4.52 15.90
C LEU A 81 -24.98 -3.78 17.14
N THR A 82 -23.74 -3.26 17.14
CA THR A 82 -23.19 -2.62 18.33
C THR A 82 -23.53 -1.13 18.38
N GLY A 83 -24.82 -0.84 18.43
CA GLY A 83 -25.31 0.52 18.51
C GLY A 83 -25.34 1.04 19.93
N THR A 84 -26.21 2.02 20.17
CA THR A 84 -26.44 2.48 21.53
C THR A 84 -26.99 1.36 22.40
N HIS A 85 -27.94 0.59 21.86
CA HIS A 85 -28.45 -0.61 22.52
C HIS A 85 -27.77 -1.81 21.90
N ALA A 86 -26.51 -2.03 22.30
CA ALA A 86 -25.73 -3.15 21.80
C ALA A 86 -25.98 -4.43 22.60
N SER A 87 -26.89 -4.40 23.57
CA SER A 87 -27.25 -5.60 24.31
C SER A 87 -28.03 -6.60 23.48
N GLN A 88 -28.20 -6.35 22.18
CA GLN A 88 -28.92 -7.25 21.29
C GLN A 88 -28.03 -8.35 20.73
N ILE A 89 -26.71 -8.27 20.92
CA ILE A 89 -25.85 -9.36 20.44
C ILE A 89 -26.12 -10.63 21.24
N LEU A 90 -26.39 -10.51 22.53
CA LEU A 90 -26.79 -11.67 23.31
C LEU A 90 -28.09 -12.25 22.77
N ALA A 91 -29.02 -11.39 22.38
CA ALA A 91 -30.25 -11.87 21.76
C ALA A 91 -29.97 -12.60 20.47
N LEU A 92 -29.03 -12.08 19.66
CA LEU A 92 -28.67 -12.76 18.41
C LEU A 92 -28.07 -14.13 18.68
N LEU A 93 -27.19 -14.24 19.68
CA LEU A 93 -26.60 -15.54 20.00
C LEU A 93 -27.66 -16.52 20.50
N PHE A 94 -28.56 -16.05 21.35
CA PHE A 94 -29.64 -16.92 21.81
C PHE A 94 -30.53 -17.36 20.66
N TYR A 95 -30.81 -16.45 19.73
CA TYR A 95 -31.63 -16.80 18.58
C TYR A 95 -30.93 -17.82 17.70
N ILE A 96 -29.62 -17.66 17.48
CA ILE A 96 -28.87 -18.62 16.69
C ILE A 96 -28.93 -20.00 17.31
N VAL A 97 -28.71 -20.06 18.63
CA VAL A 97 -28.74 -21.36 19.31
C VAL A 97 -30.14 -21.98 19.24
N TRP A 98 -31.17 -21.16 19.42
CA TRP A 98 -32.54 -21.66 19.38
C TRP A 98 -32.87 -22.22 17.99
N GLN A 99 -32.49 -21.49 16.94
CA GLN A 99 -32.77 -21.94 15.59
C GLN A 99 -31.98 -23.20 15.26
N ILE A 100 -30.71 -23.27 15.65
CA ILE A 100 -29.92 -24.48 15.43
C ILE A 100 -30.58 -25.67 16.10
N ILE A 101 -30.96 -25.51 17.37
CA ILE A 101 -31.57 -26.60 18.11
C ILE A 101 -32.81 -27.11 17.41
N TRP A 102 -33.72 -26.19 17.05
CA TRP A 102 -35.00 -26.67 16.54
C TRP A 102 -34.92 -27.15 15.09
N VAL A 103 -34.11 -26.49 14.26
CA VAL A 103 -33.93 -26.94 12.88
C VAL A 103 -33.33 -28.35 12.87
N TYR A 104 -32.31 -28.59 13.70
CA TYR A 104 -31.72 -29.92 13.70
C TYR A 104 -32.62 -30.94 14.38
N SER A 105 -33.43 -30.50 15.35
CA SER A 105 -34.41 -31.40 15.95
C SER A 105 -35.39 -31.89 14.89
N TYR A 106 -35.83 -30.99 14.01
CA TYR A 106 -36.71 -31.44 12.94
C TYR A 106 -35.96 -32.30 11.93
N LYS A 107 -34.71 -31.94 11.63
CA LYS A 107 -33.95 -32.70 10.64
C LYS A 107 -33.79 -34.16 11.07
N ARG A 108 -33.44 -34.39 12.34
CA ARG A 108 -33.36 -35.75 12.82
C ARG A 108 -34.72 -36.43 12.77
N TYR A 109 -35.79 -35.68 13.05
CA TYR A 109 -37.13 -36.26 13.09
C TYR A 109 -37.70 -36.49 11.69
N ARG A 110 -37.33 -35.66 10.72
CA ARG A 110 -37.96 -35.78 9.40
C ARG A 110 -37.58 -37.07 8.71
N SER A 111 -36.34 -37.52 8.88
CA SER A 111 -35.89 -38.72 8.17
C SER A 111 -36.72 -39.94 8.55
N GLN A 112 -37.32 -39.93 9.74
CA GLN A 112 -38.14 -41.07 10.16
C GLN A 112 -39.55 -40.97 9.58
N ARG A 113 -40.29 -39.93 9.95
CA ARG A 113 -41.68 -39.77 9.53
C ARG A 113 -42.12 -38.35 9.88
N ASP A 114 -43.16 -37.89 9.19
CA ASP A 114 -43.80 -36.61 9.49
C ASP A 114 -45.22 -36.86 9.97
N ASN A 115 -45.54 -36.33 11.14
CA ASN A 115 -46.84 -36.58 11.78
C ASN A 115 -47.86 -35.49 11.47
N LYS A 116 -47.48 -34.46 10.71
CA LYS A 116 -48.37 -33.37 10.28
C LYS A 116 -48.71 -32.46 11.44
N TRP A 117 -48.31 -32.83 12.65
CA TRP A 117 -48.41 -31.94 13.81
C TRP A 117 -47.07 -31.60 14.41
N VAL A 118 -46.10 -32.50 14.34
CA VAL A 118 -44.75 -32.16 14.75
C VAL A 118 -44.18 -31.08 13.84
N PHE A 119 -44.56 -31.09 12.56
CA PHE A 119 -44.15 -30.02 11.66
C PHE A 119 -44.71 -28.67 12.12
N TYR A 120 -45.99 -28.64 12.50
CA TYR A 120 -46.57 -27.41 13.02
C TYR A 120 -45.87 -26.98 14.30
N LEU A 121 -45.56 -27.92 15.18
CA LEU A 121 -44.88 -27.58 16.43
C LEU A 121 -43.49 -27.00 16.16
N HIS A 122 -42.75 -27.59 15.23
CA HIS A 122 -41.41 -27.08 14.94
C HIS A 122 -41.46 -25.72 14.25
N SER A 123 -42.42 -25.52 13.35
CA SER A 123 -42.56 -24.20 12.73
C SER A 123 -42.93 -23.15 13.77
N PHE A 124 -43.82 -23.49 14.69
CA PHE A 124 -44.19 -22.57 15.76
C PHE A 124 -42.99 -22.25 16.64
N LEU A 125 -42.21 -23.27 17.00
CA LEU A 125 -41.06 -23.02 17.86
C LEU A 125 -39.93 -22.32 17.12
N VAL A 126 -39.96 -22.32 15.79
CA VAL A 126 -38.99 -21.53 15.04
C VAL A 126 -39.42 -20.07 14.94
N VAL A 127 -40.72 -19.82 14.78
CA VAL A 127 -41.21 -18.44 14.77
C VAL A 127 -41.44 -17.88 16.16
N LEU A 128 -41.21 -18.67 17.21
CA LEU A 128 -41.48 -18.19 18.56
C LEU A 128 -40.71 -16.93 18.94
N PRO A 129 -39.41 -16.79 18.67
CA PRO A 129 -38.77 -15.49 18.97
C PRO A 129 -39.44 -14.33 18.26
N LEU A 130 -39.82 -14.49 16.99
CA LEU A 130 -40.45 -13.38 16.27
C LEU A 130 -41.82 -13.06 16.83
N ILE A 131 -42.61 -14.08 17.15
CA ILE A 131 -43.94 -13.81 17.68
C ILE A 131 -43.86 -13.17 19.05
N LEU A 132 -42.88 -13.58 19.86
CA LEU A 132 -42.67 -12.92 21.14
C LEU A 132 -42.26 -11.47 20.96
N VAL A 133 -41.37 -11.20 20.01
CA VAL A 133 -40.94 -9.82 19.78
C VAL A 133 -42.10 -8.96 19.32
N LYS A 134 -42.94 -9.49 18.44
CA LYS A 134 -44.05 -8.71 17.91
C LYS A 134 -45.25 -8.65 18.85
N VAL A 135 -45.28 -9.46 19.90
CA VAL A 135 -46.38 -9.41 20.86
C VAL A 135 -45.98 -8.81 22.20
N GLU A 136 -44.69 -8.59 22.46
CA GLU A 136 -44.29 -8.06 23.76
C GLU A 136 -44.68 -6.60 23.95
N PRO A 137 -44.34 -5.67 23.04
CA PRO A 137 -44.71 -4.26 23.28
C PRO A 137 -46.20 -4.06 23.45
N THR A 138 -47.02 -4.87 22.80
CA THR A 138 -48.46 -4.76 22.98
C THR A 138 -48.88 -5.09 24.40
N ILE A 139 -48.25 -6.09 25.02
CA ILE A 139 -48.72 -6.57 26.30
C ILE A 139 -48.34 -5.62 27.42
N ASN A 140 -47.04 -5.47 27.72
CA ASN A 140 -46.72 -4.65 28.88
C ASN A 140 -46.29 -3.22 28.55
N GLY A 141 -45.06 -3.05 28.07
CA GLY A 141 -44.64 -1.72 27.68
C GLY A 141 -43.55 -1.59 26.63
N THR A 142 -42.98 -2.70 26.18
CA THR A 142 -41.75 -2.63 25.42
C THR A 142 -41.44 -3.99 24.80
N GLN A 143 -40.47 -3.99 23.90
CA GLN A 143 -40.08 -5.21 23.20
C GLN A 143 -39.36 -6.16 24.15
N SER A 144 -39.42 -7.45 23.80
CA SER A 144 -38.82 -8.46 24.64
C SER A 144 -37.30 -8.42 24.53
N LEU A 145 -36.65 -9.14 25.44
CA LEU A 145 -35.19 -9.11 25.51
C LEU A 145 -34.57 -9.67 24.24
N LEU A 146 -35.16 -10.74 23.69
CA LEU A 146 -34.56 -11.45 22.57
C LEU A 146 -34.80 -10.77 21.23
N ASN A 147 -35.22 -9.52 21.23
CA ASN A 147 -35.37 -8.75 19.99
C ASN A 147 -34.04 -8.15 19.59
N PHE A 148 -33.74 -8.23 18.30
CA PHE A 148 -32.55 -7.59 17.74
C PHE A 148 -32.91 -7.06 16.36
N LEU A 149 -31.89 -6.73 15.58
CA LEU A 149 -32.11 -5.92 14.38
C LEU A 149 -32.85 -6.70 13.30
N GLY A 150 -32.26 -7.78 12.81
CA GLY A 150 -32.80 -8.45 11.64
C GLY A 150 -33.74 -9.61 11.92
N ILE A 151 -34.26 -9.72 13.14
CA ILE A 151 -35.04 -10.89 13.50
C ILE A 151 -36.28 -11.01 12.62
N SER A 152 -36.81 -9.90 12.12
CA SER A 152 -37.99 -9.98 11.28
C SER A 152 -37.68 -10.63 9.94
N TYR A 153 -36.48 -10.43 9.41
CA TYR A 153 -36.09 -10.96 8.11
C TYR A 153 -35.16 -12.16 8.23
N LEU A 154 -34.97 -12.70 9.43
CA LEU A 154 -34.21 -13.94 9.62
C LEU A 154 -35.12 -15.13 9.87
N THR A 155 -36.21 -14.93 10.62
CA THR A 155 -37.19 -15.99 10.80
C THR A 155 -37.65 -16.55 9.47
N PHE A 156 -37.89 -15.66 8.50
CA PHE A 156 -38.33 -16.09 7.17
C PHE A 156 -37.38 -17.11 6.58
N ARG A 157 -36.09 -16.96 6.83
CA ARG A 157 -35.15 -17.96 6.34
C ARG A 157 -35.29 -19.26 7.11
N ALA A 158 -35.32 -19.19 8.44
CA ALA A 158 -35.36 -20.40 9.25
C ALA A 158 -36.60 -21.22 8.94
N VAL A 159 -37.77 -20.60 8.99
CA VAL A 159 -39.01 -21.32 8.68
C VAL A 159 -38.92 -21.90 7.28
N GLY A 160 -38.29 -21.19 6.36
CA GLY A 160 -38.13 -21.72 5.01
C GLY A 160 -37.56 -23.12 5.05
N MET A 161 -36.46 -23.29 5.81
CA MET A 161 -35.85 -24.61 5.91
C MET A 161 -36.85 -25.63 6.42
N ILE A 162 -37.59 -25.29 7.49
CA ILE A 162 -38.59 -26.22 8.00
C ILE A 162 -39.58 -26.59 6.90
N ILE A 163 -40.05 -25.58 6.16
CA ILE A 163 -40.97 -25.88 5.07
C ILE A 163 -40.30 -26.78 4.05
N GLU A 164 -39.05 -26.46 3.69
CA GLU A 164 -38.34 -27.27 2.72
C GLU A 164 -38.02 -28.66 3.24
N MET A 165 -38.20 -28.92 4.53
CA MET A 165 -38.11 -30.29 5.01
C MET A 165 -39.45 -30.99 4.99
N ARG A 166 -40.54 -30.26 5.18
CA ARG A 166 -41.85 -30.92 5.21
C ARG A 166 -42.21 -31.48 3.84
N ASP A 167 -41.89 -30.74 2.78
CA ASP A 167 -42.18 -31.21 1.43
C ASP A 167 -41.10 -32.15 0.89
N GLY A 168 -40.01 -32.32 1.61
CA GLY A 168 -38.97 -33.25 1.20
C GLY A 168 -38.00 -32.74 0.17
N VAL A 169 -38.13 -31.48 -0.27
CA VAL A 169 -37.20 -30.94 -1.25
C VAL A 169 -35.81 -30.72 -0.67
N LEU A 170 -35.65 -30.88 0.64
CA LEU A 170 -34.37 -30.74 1.32
C LEU A 170 -34.16 -31.93 2.23
N LYS A 171 -33.01 -32.55 2.13
CA LYS A 171 -32.78 -33.74 2.95
C LYS A 171 -31.49 -33.69 3.75
N GLU A 172 -30.41 -33.17 3.18
CA GLU A 172 -29.11 -33.18 3.84
C GLU A 172 -28.44 -31.82 3.70
N PHE A 173 -27.86 -31.34 4.80
CA PHE A 173 -27.07 -30.12 4.81
C PHE A 173 -26.25 -30.09 6.08
N THR A 174 -25.16 -29.34 6.04
CA THR A 174 -24.27 -29.21 7.19
C THR A 174 -24.58 -27.95 7.98
N LEU A 175 -23.97 -27.84 9.16
CA LEU A 175 -24.13 -26.62 9.95
C LEU A 175 -23.49 -25.43 9.27
N GLY A 176 -22.39 -25.64 8.54
CA GLY A 176 -21.78 -24.55 7.82
C GLY A 176 -22.73 -23.92 6.82
N GLU A 177 -23.40 -24.77 6.02
CA GLU A 177 -24.34 -24.25 5.03
C GLU A 177 -25.52 -23.55 5.71
N PHE A 178 -26.03 -24.13 6.78
CA PHE A 178 -27.18 -23.55 7.47
C PHE A 178 -26.85 -22.18 8.05
N LEU A 179 -25.75 -22.08 8.80
CA LEU A 179 -25.39 -20.82 9.43
C LEU A 179 -24.78 -19.83 8.44
N ARG A 180 -24.41 -20.28 7.24
CA ARG A 180 -23.98 -19.35 6.21
C ARG A 180 -25.16 -18.78 5.46
N PHE A 181 -26.22 -19.59 5.32
CA PHE A 181 -27.43 -19.12 4.66
C PHE A 181 -28.25 -18.22 5.57
N MET A 182 -28.38 -18.56 6.84
CA MET A 182 -29.23 -17.77 7.72
C MET A 182 -28.62 -16.43 8.06
N LEU A 183 -27.32 -16.41 8.38
CA LEU A 183 -26.65 -15.19 8.82
C LEU A 183 -25.97 -14.47 7.66
N PHE A 184 -26.54 -14.53 6.48
CA PHE A 184 -25.95 -13.87 5.32
C PHE A 184 -25.77 -12.38 5.63
N MET A 185 -24.52 -11.92 5.59
CA MET A 185 -24.24 -10.55 5.99
C MET A 185 -24.90 -9.50 5.10
N PRO A 186 -24.81 -9.56 3.77
CA PRO A 186 -25.36 -8.45 2.97
C PRO A 186 -26.84 -8.19 3.21
N THR A 187 -27.66 -9.22 3.34
CA THR A 187 -29.08 -8.96 3.58
C THR A 187 -29.35 -8.73 5.07
N PHE A 188 -29.18 -9.77 5.88
CA PHE A 188 -29.39 -9.77 7.31
C PHE A 188 -30.45 -8.78 7.80
N THR A 189 -30.04 -7.54 8.05
CA THR A 189 -30.85 -6.53 8.74
C THR A 189 -32.25 -6.40 8.18
N SER A 190 -32.37 -6.02 6.91
CA SER A 190 -33.67 -5.92 6.26
C SER A 190 -33.60 -6.33 4.79
N GLY A 191 -32.54 -7.00 4.37
CA GLY A 191 -32.32 -7.27 2.99
C GLY A 191 -33.34 -8.23 2.42
N PRO A 192 -33.16 -8.59 1.16
CA PRO A 192 -34.13 -9.48 0.50
C PRO A 192 -34.18 -10.83 1.19
N ILE A 193 -35.36 -11.39 1.28
CA ILE A 193 -35.56 -12.69 1.90
C ILE A 193 -35.25 -13.78 0.90
N ASP A 194 -34.36 -14.68 1.26
CA ASP A 194 -33.92 -15.76 0.39
C ASP A 194 -34.59 -17.06 0.78
N ARG A 195 -34.28 -18.12 0.05
CA ARG A 195 -34.73 -19.46 0.35
C ARG A 195 -33.53 -20.38 0.33
N PHE A 196 -33.59 -21.47 1.10
CA PHE A 196 -32.37 -22.26 1.26
C PHE A 196 -31.98 -22.99 -0.01
N LYS A 197 -32.94 -23.61 -0.69
CA LYS A 197 -32.59 -24.41 -1.87
C LYS A 197 -31.89 -23.55 -2.91
N ARG A 198 -32.50 -22.42 -3.29
CA ARG A 198 -31.90 -21.54 -4.28
C ARG A 198 -30.58 -20.98 -3.79
N PHE A 199 -30.51 -20.57 -2.52
CA PHE A 199 -29.29 -19.97 -2.01
C PHE A 199 -28.14 -20.94 -2.03
N ASN A 200 -28.39 -22.18 -1.61
CA ASN A 200 -27.32 -23.17 -1.57
C ASN A 200 -26.88 -23.56 -2.97
N GLU A 201 -27.83 -23.80 -3.88
CA GLU A 201 -27.45 -24.14 -5.25
C GLU A 201 -26.72 -22.99 -5.93
N ASP A 202 -26.98 -21.75 -5.50
CA ASP A 202 -26.25 -20.62 -6.05
C ASP A 202 -24.88 -20.45 -5.42
N TYR A 203 -24.74 -20.76 -4.13
CA TYR A 203 -23.46 -20.61 -3.47
C TYR A 203 -22.48 -21.69 -3.93
N GLN A 204 -22.96 -22.91 -4.12
CA GLN A 204 -22.04 -23.99 -4.51
C GLN A 204 -21.43 -23.76 -5.87
N SER A 205 -22.23 -23.34 -6.85
CA SER A 205 -21.78 -23.22 -8.24
C SER A 205 -21.38 -21.77 -8.51
N ILE A 206 -20.09 -21.49 -8.40
CA ILE A 206 -19.56 -20.16 -8.71
C ILE A 206 -19.75 -19.89 -10.19
N PRO A 207 -20.25 -18.72 -10.59
CA PRO A 207 -20.45 -18.44 -12.02
C PRO A 207 -19.13 -18.25 -12.73
N ASN A 208 -19.21 -18.26 -14.07
CA ASN A 208 -18.03 -18.12 -14.90
C ASN A 208 -17.52 -16.67 -14.87
N ARG A 209 -16.50 -16.41 -15.67
CA ARG A 209 -15.83 -15.11 -15.62
C ARG A 209 -16.67 -14.01 -16.26
N ASP A 210 -17.29 -14.30 -17.41
CA ASP A 210 -18.09 -13.29 -18.09
C ASP A 210 -19.32 -12.92 -17.26
N GLU A 211 -20.00 -13.91 -16.70
CA GLU A 211 -21.15 -13.61 -15.84
C GLU A 211 -20.71 -12.85 -14.60
N LEU A 212 -19.54 -13.17 -14.06
CA LEU A 212 -19.03 -12.43 -12.91
C LEU A 212 -18.79 -10.97 -13.28
N LEU A 213 -18.26 -10.71 -14.47
CA LEU A 213 -18.07 -9.32 -14.89
C LEU A 213 -19.41 -8.61 -15.05
N ASN A 214 -20.40 -9.29 -15.63
CA ASN A 214 -21.73 -8.69 -15.74
C ASN A 214 -22.30 -8.38 -14.37
N MET A 215 -22.11 -9.29 -13.41
CA MET A 215 -22.61 -9.06 -12.06
C MET A 215 -21.88 -7.90 -11.38
N LEU A 216 -20.57 -7.76 -11.64
CA LEU A 216 -19.85 -6.61 -11.08
C LEU A 216 -20.35 -5.30 -11.66
N GLU A 217 -20.59 -5.26 -12.97
CA GLU A 217 -21.11 -4.04 -13.58
C GLU A 217 -22.50 -3.71 -13.04
N GLN A 218 -23.35 -4.73 -12.89
CA GLN A 218 -24.66 -4.50 -12.31
C GLN A 218 -24.57 -4.09 -10.84
N ALA A 219 -23.57 -4.59 -10.12
CA ALA A 219 -23.38 -4.18 -8.73
C ALA A 219 -22.98 -2.72 -8.65
N VAL A 220 -22.12 -2.27 -9.55
CA VAL A 220 -21.75 -0.85 -9.57
C VAL A 220 -22.96 0.02 -9.91
N LYS A 221 -23.76 -0.43 -10.88
CA LYS A 221 -24.99 0.29 -11.21
C LYS A 221 -25.93 0.35 -10.02
N TYR A 222 -26.07 -0.76 -9.29
CA TYR A 222 -26.92 -0.78 -8.11
C TYR A 222 -26.40 0.16 -7.03
N ILE A 223 -25.08 0.21 -6.85
CA ILE A 223 -24.51 1.11 -5.86
C ILE A 223 -24.82 2.56 -6.21
N MET A 224 -24.64 2.92 -7.49
CA MET A 224 -24.93 4.29 -7.91
C MET A 224 -26.40 4.64 -7.72
N LEU A 225 -27.29 3.77 -8.21
CA LEU A 225 -28.71 4.04 -8.08
C LEU A 225 -29.16 4.05 -6.62
N GLY A 226 -28.53 3.23 -5.78
CA GLY A 226 -28.83 3.30 -4.36
C GLY A 226 -28.37 4.60 -3.74
N PHE A 227 -27.20 5.09 -4.15
CA PHE A 227 -26.78 6.43 -3.73
C PHE A 227 -27.85 7.45 -4.04
N LEU A 228 -28.30 7.47 -5.30
CA LEU A 228 -29.30 8.43 -5.71
C LEU A 228 -30.60 8.27 -4.92
N TYR A 229 -31.03 7.02 -4.71
CA TYR A 229 -32.31 6.77 -4.07
C TYR A 229 -32.28 7.13 -2.58
N LYS A 230 -31.25 6.68 -1.87
CA LYS A 230 -31.26 6.74 -0.42
C LYS A 230 -30.60 7.99 0.14
N PHE A 231 -29.55 8.50 -0.49
CA PHE A 231 -28.84 9.65 0.05
C PHE A 231 -29.27 10.97 -0.56
N VAL A 232 -30.12 10.96 -1.59
CA VAL A 232 -30.56 12.20 -2.21
C VAL A 232 -32.08 12.28 -2.17
N LEU A 233 -32.76 11.36 -2.87
CA LEU A 233 -34.21 11.41 -2.94
C LEU A 233 -34.85 11.11 -1.60
N ALA A 234 -34.34 10.11 -0.87
CA ALA A 234 -34.86 9.81 0.45
C ALA A 234 -34.63 10.98 1.40
N GLN A 235 -33.45 11.60 1.34
CA GLN A 235 -33.19 12.77 2.17
C GLN A 235 -34.16 13.90 1.84
N ILE A 236 -34.39 14.16 0.56
CA ILE A 236 -35.29 15.23 0.16
C ILE A 236 -36.69 14.97 0.66
N PHE A 237 -37.19 13.74 0.47
CA PHE A 237 -38.56 13.45 0.83
C PHE A 237 -38.76 13.17 2.32
N GLY A 238 -37.69 12.99 3.09
CA GLY A 238 -37.86 12.66 4.49
C GLY A 238 -37.40 13.73 5.45
N SER A 239 -36.52 14.62 5.02
CA SER A 239 -36.00 15.68 5.88
C SER A 239 -36.37 17.07 5.42
N MET A 240 -36.97 17.22 4.24
CA MET A 240 -37.32 18.53 3.71
C MET A 240 -38.82 18.76 3.58
N LEU A 241 -39.59 17.74 3.19
CA LEU A 241 -41.02 17.89 3.01
C LEU A 241 -41.86 17.20 4.07
N LEU A 242 -41.46 16.00 4.50
CA LEU A 242 -42.28 15.22 5.42
C LEU A 242 -42.47 15.89 6.78
N PRO A 243 -41.45 16.38 7.47
CA PRO A 243 -41.69 16.99 8.79
C PRO A 243 -42.56 18.24 8.71
N PRO A 244 -42.27 19.20 7.83
CA PRO A 244 -43.18 20.36 7.74
C PRO A 244 -44.59 19.99 7.29
N LEU A 245 -44.74 19.01 6.40
CA LEU A 245 -46.09 18.62 6.00
C LEU A 245 -46.84 17.98 7.15
N LYS A 246 -46.16 17.15 7.95
CA LYS A 246 -46.80 16.60 9.14
C LYS A 246 -47.19 17.71 10.11
N ALA A 247 -46.32 18.70 10.30
CA ALA A 247 -46.63 19.80 11.20
C ALA A 247 -47.86 20.56 10.73
N GLN A 248 -47.93 20.85 9.43
CA GLN A 248 -49.09 21.55 8.88
C GLN A 248 -50.36 20.73 9.04
N ALA A 249 -50.29 19.42 8.78
CA ALA A 249 -51.47 18.57 8.92
C ALA A 249 -51.95 18.53 10.36
N LEU A 250 -51.03 18.42 11.31
CA LEU A 250 -51.42 18.42 12.72
C LEU A 250 -52.01 19.77 13.13
N SER A 251 -51.42 20.87 12.65
CA SER A 251 -51.91 22.19 13.02
C SER A 251 -53.31 22.43 12.49
N GLN A 252 -53.55 22.13 11.22
CA GLN A 252 -54.88 22.32 10.66
C GLN A 252 -55.89 21.37 11.29
N GLY A 253 -55.47 20.14 11.58
CA GLY A 253 -56.34 19.19 12.25
C GLY A 253 -57.43 18.67 11.33
N GLY A 254 -58.42 18.01 11.96
CA GLY A 254 -59.54 17.45 11.24
C GLY A 254 -59.22 16.09 10.65
N ILE A 255 -60.26 15.46 10.11
CA ILE A 255 -60.10 14.13 9.53
C ILE A 255 -59.26 14.19 8.27
N PHE A 256 -59.57 15.13 7.38
CA PHE A 256 -58.88 15.28 6.10
C PHE A 256 -58.42 16.71 5.93
N ASN A 257 -57.36 16.88 5.14
CA ASN A 257 -56.87 18.20 4.76
C ASN A 257 -55.89 18.03 3.61
N LEU A 258 -55.61 19.13 2.92
CA LEU A 258 -54.57 19.09 1.89
C LEU A 258 -53.21 18.67 2.41
N PRO A 259 -52.75 19.12 3.58
CA PRO A 259 -51.50 18.55 4.11
C PRO A 259 -51.57 17.06 4.35
N THR A 260 -52.75 16.49 4.57
CA THR A 260 -52.85 15.03 4.64
C THR A 260 -52.49 14.38 3.31
N LEU A 261 -52.98 14.94 2.20
CA LEU A 261 -52.57 14.44 0.89
C LEU A 261 -51.06 14.64 0.69
N GLY A 262 -50.54 15.79 1.11
CA GLY A 262 -49.12 16.02 0.99
C GLY A 262 -48.29 14.99 1.73
N VAL A 263 -48.66 14.71 2.98
CA VAL A 263 -47.90 13.75 3.77
C VAL A 263 -48.07 12.34 3.23
N MET A 264 -49.26 12.01 2.72
CA MET A 264 -49.46 10.70 2.11
C MET A 264 -48.53 10.49 0.93
N TYR A 265 -48.55 11.41 -0.03
CA TYR A 265 -47.70 11.25 -1.21
C TYR A 265 -46.22 11.29 -0.84
N VAL A 266 -45.83 12.22 0.03
CA VAL A 266 -44.43 12.36 0.38
C VAL A 266 -43.93 11.14 1.14
N TYR A 267 -44.76 10.58 2.02
CA TYR A 267 -44.32 9.41 2.76
C TYR A 267 -44.26 8.18 1.86
N GLY A 268 -45.20 8.03 0.93
CA GLY A 268 -45.11 6.92 0.00
C GLY A 268 -43.83 6.98 -0.81
N PHE A 269 -43.53 8.15 -1.35
CA PHE A 269 -42.31 8.27 -2.15
C PHE A 269 -41.06 8.14 -1.29
N ASP A 270 -41.11 8.59 -0.03
CA ASP A 270 -39.97 8.40 0.84
C ASP A 270 -39.73 6.93 1.16
N LEU A 271 -40.81 6.20 1.45
CA LEU A 271 -40.68 4.77 1.71
C LEU A 271 -40.07 4.07 0.50
N PHE A 272 -40.58 4.36 -0.70
CA PHE A 272 -40.02 3.68 -1.87
C PHE A 272 -38.57 4.08 -2.09
N PHE A 273 -38.28 5.38 -2.12
CA PHE A 273 -36.93 5.83 -2.42
C PHE A 273 -35.93 5.49 -1.33
N ASP A 274 -36.38 5.09 -0.14
CA ASP A 274 -35.45 4.64 0.88
C ASP A 274 -35.28 3.13 0.86
N PHE A 275 -36.39 2.38 0.79
CA PHE A 275 -36.29 0.93 0.81
C PHE A 275 -35.68 0.40 -0.48
N ALA A 276 -36.05 0.97 -1.64
CA ALA A 276 -35.43 0.55 -2.88
C ALA A 276 -33.95 0.86 -2.88
N GLY A 277 -33.55 1.98 -2.30
CA GLY A 277 -32.14 2.26 -2.16
C GLY A 277 -31.42 1.23 -1.31
N TYR A 278 -32.03 0.89 -0.17
CA TYR A 278 -31.41 -0.13 0.68
C TYR A 278 -31.33 -1.48 -0.03
N SER A 279 -32.38 -1.85 -0.74
CA SER A 279 -32.40 -3.14 -1.42
C SER A 279 -31.39 -3.17 -2.56
N MET A 280 -31.23 -2.06 -3.28
CA MET A 280 -30.19 -2.01 -4.30
C MET A 280 -28.81 -2.12 -3.67
N PHE A 281 -28.61 -1.49 -2.52
CA PHE A 281 -27.36 -1.67 -1.80
C PHE A 281 -27.13 -3.14 -1.45
N ALA A 282 -28.17 -3.80 -0.95
CA ALA A 282 -28.05 -5.19 -0.52
C ALA A 282 -27.76 -6.11 -1.71
N LEU A 283 -28.46 -5.90 -2.83
CA LEU A 283 -28.20 -6.70 -4.02
C LEU A 283 -26.81 -6.45 -4.55
N ALA A 284 -26.32 -5.22 -4.50
CA ALA A 284 -24.97 -4.94 -4.96
C ALA A 284 -23.93 -5.65 -4.10
N VAL A 285 -24.06 -5.53 -2.77
CA VAL A 285 -23.10 -6.19 -1.89
C VAL A 285 -23.19 -7.70 -2.04
N SER A 286 -24.39 -8.24 -2.22
CA SER A 286 -24.54 -9.66 -2.45
C SER A 286 -23.86 -10.10 -3.74
N ASN A 287 -24.03 -9.32 -4.81
CA ASN A 287 -23.36 -9.64 -6.06
C ASN A 287 -21.85 -9.58 -5.91
N LEU A 288 -21.34 -8.71 -5.03
CA LEU A 288 -19.91 -8.71 -4.78
C LEU A 288 -19.44 -9.95 -4.02
N MET A 289 -20.36 -10.77 -3.50
CA MET A 289 -19.99 -12.03 -2.87
C MET A 289 -20.46 -13.24 -3.69
N GLY A 290 -20.81 -13.03 -4.96
CA GLY A 290 -21.11 -14.11 -5.87
C GLY A 290 -22.52 -14.65 -5.82
N ILE A 291 -23.41 -14.05 -5.03
CA ILE A 291 -24.78 -14.50 -4.90
C ILE A 291 -25.70 -13.37 -5.32
N LYS A 292 -26.64 -13.68 -6.21
CA LYS A 292 -27.63 -12.71 -6.67
C LYS A 292 -28.90 -12.92 -5.86
N SER A 293 -29.09 -12.11 -4.82
CA SER A 293 -30.24 -12.22 -3.97
C SER A 293 -31.50 -11.79 -4.72
N PRO A 294 -32.67 -12.22 -4.28
CA PRO A 294 -33.90 -11.83 -4.97
C PRO A 294 -34.08 -10.33 -5.02
N ILE A 295 -34.62 -9.84 -6.13
CA ILE A 295 -34.84 -8.41 -6.30
C ILE A 295 -36.05 -8.00 -5.49
N ASN A 296 -35.99 -6.83 -4.87
CA ASN A 296 -37.08 -6.36 -4.04
C ASN A 296 -38.12 -5.57 -4.82
N PHE A 297 -37.69 -4.61 -5.64
CA PHE A 297 -38.59 -3.74 -6.36
C PHE A 297 -38.31 -3.78 -7.85
N ASP A 298 -39.37 -3.86 -8.65
CA ASP A 298 -39.28 -3.76 -10.11
C ASP A 298 -40.31 -2.74 -10.56
N LYS A 299 -39.96 -1.45 -10.44
CA LYS A 299 -40.77 -0.31 -10.84
C LYS A 299 -42.23 -0.47 -10.43
N PRO A 300 -42.54 -0.31 -9.15
CA PRO A 300 -43.88 -0.67 -8.67
C PRO A 300 -44.97 0.32 -9.03
N PHE A 301 -44.64 1.61 -9.13
CA PHE A 301 -45.67 2.65 -9.26
C PHE A 301 -46.39 2.62 -10.60
N ILE A 302 -45.90 1.85 -11.58
CA ILE A 302 -46.56 1.75 -12.87
C ILE A 302 -47.52 0.57 -12.92
N SER A 303 -47.85 -0.02 -11.78
CA SER A 303 -48.67 -1.22 -11.74
C SER A 303 -50.11 -0.87 -12.10
N ARG A 304 -50.64 -1.52 -13.13
CA ARG A 304 -51.99 -1.22 -13.58
C ARG A 304 -53.03 -1.66 -12.55
N ASP A 305 -52.94 -2.91 -12.10
CA ASP A 305 -53.91 -3.47 -11.17
C ASP A 305 -53.31 -3.51 -9.77
N MET A 306 -54.20 -3.68 -8.78
CA MET A 306 -53.72 -3.91 -7.42
C MET A 306 -52.99 -5.25 -7.32
N LYS A 307 -53.50 -6.27 -8.01
CA LYS A 307 -52.86 -7.59 -7.95
C LYS A 307 -51.51 -7.58 -8.65
N GLU A 308 -51.35 -6.77 -9.68
CA GLU A 308 -50.04 -6.62 -10.32
C GLU A 308 -49.11 -5.71 -9.55
N PHE A 309 -49.59 -5.09 -8.48
CA PHE A 309 -48.71 -4.26 -7.66
C PHE A 309 -47.80 -5.12 -6.78
N TRP A 310 -48.32 -6.25 -6.30
CA TRP A 310 -47.55 -7.08 -5.38
C TRP A 310 -46.51 -7.95 -6.08
N ASN A 311 -46.53 -8.03 -7.41
CA ASN A 311 -45.42 -8.61 -8.14
C ASN A 311 -44.29 -7.61 -8.36
N ARG A 312 -44.47 -6.37 -7.92
CA ARG A 312 -43.48 -5.33 -8.11
C ARG A 312 -43.04 -4.65 -6.84
N TRP A 313 -43.85 -4.63 -5.79
CA TRP A 313 -43.54 -3.94 -4.55
C TRP A 313 -43.10 -4.94 -3.49
N HIS A 314 -41.87 -4.79 -3.01
CA HIS A 314 -41.28 -5.73 -2.07
C HIS A 314 -41.46 -7.16 -2.59
N MET A 315 -40.78 -7.43 -3.71
CA MET A 315 -41.00 -8.68 -4.41
C MET A 315 -40.60 -9.88 -3.57
N SER A 316 -39.48 -9.79 -2.85
CA SER A 316 -39.01 -10.95 -2.10
C SER A 316 -40.02 -11.35 -1.03
N LEU A 317 -40.44 -10.40 -0.21
CA LEU A 317 -41.40 -10.71 0.85
C LEU A 317 -42.75 -11.13 0.29
N SER A 318 -43.24 -10.45 -0.74
CA SER A 318 -44.55 -10.79 -1.29
C SER A 318 -44.54 -12.17 -1.91
N PHE A 319 -43.47 -12.51 -2.63
CA PHE A 319 -43.33 -13.85 -3.19
C PHE A 319 -43.21 -14.89 -2.09
N TRP A 320 -42.48 -14.59 -1.02
CA TRP A 320 -42.37 -15.52 0.09
C TRP A 320 -43.75 -15.82 0.67
N PHE A 321 -44.54 -14.78 0.91
CA PHE A 321 -45.87 -15.01 1.46
C PHE A 321 -46.79 -15.71 0.47
N ARG A 322 -46.64 -15.44 -0.82
CA ARG A 322 -47.46 -16.13 -1.81
C ARG A 322 -47.14 -17.62 -1.83
N ASP A 323 -45.85 -17.96 -1.80
CA ASP A 323 -45.46 -19.36 -1.92
C ASP A 323 -45.72 -20.16 -0.65
N PHE A 324 -45.40 -19.59 0.51
CA PHE A 324 -45.39 -20.35 1.75
C PHE A 324 -46.56 -20.07 2.68
N VAL A 325 -47.36 -19.04 2.44
CA VAL A 325 -48.51 -18.73 3.26
C VAL A 325 -49.80 -18.74 2.46
N PHE A 326 -49.78 -18.24 1.23
CA PHE A 326 -50.99 -18.18 0.43
C PHE A 326 -51.28 -19.52 -0.25
N MET A 327 -50.33 -20.04 -1.02
CA MET A 327 -50.57 -21.28 -1.76
C MET A 327 -50.83 -22.44 -0.81
N ARG A 328 -50.07 -22.52 0.29
CA ARG A 328 -50.30 -23.58 1.26
C ARG A 328 -51.68 -23.46 1.89
N LEU A 329 -52.11 -22.23 2.18
CA LEU A 329 -53.44 -22.04 2.73
C LEU A 329 -54.52 -22.49 1.76
N VAL A 330 -54.37 -22.15 0.47
CA VAL A 330 -55.33 -22.57 -0.53
C VAL A 330 -55.37 -24.09 -0.64
N ILE A 331 -54.20 -24.72 -0.64
CA ILE A 331 -54.13 -26.17 -0.74
C ILE A 331 -54.79 -26.82 0.47
N VAL A 332 -54.54 -26.28 1.67
CA VAL A 332 -55.15 -26.83 2.87
C VAL A 332 -56.67 -26.70 2.81
N LEU A 333 -57.17 -25.54 2.40
CA LEU A 333 -58.62 -25.36 2.34
C LEU A 333 -59.26 -26.24 1.29
N MET A 334 -58.57 -26.46 0.16
CA MET A 334 -59.13 -27.29 -0.90
C MET A 334 -59.13 -28.76 -0.51
N ARG A 335 -58.06 -29.23 0.15
CA ARG A 335 -57.99 -30.65 0.51
C ARG A 335 -59.05 -31.01 1.54
N ASN A 336 -59.47 -30.05 2.35
CA ASN A 336 -60.59 -30.25 3.27
C ASN A 336 -61.92 -29.82 2.67
N LYS A 337 -61.91 -29.24 1.47
CA LYS A 337 -63.09 -28.73 0.76
C LYS A 337 -64.09 -28.08 1.72
N VAL A 338 -63.57 -27.20 2.57
CA VAL A 338 -64.41 -26.51 3.55
C VAL A 338 -65.36 -25.55 2.85
N PHE A 339 -64.89 -24.85 1.82
CA PHE A 339 -65.70 -23.89 1.09
C PHE A 339 -66.28 -24.53 -0.17
N LYS A 340 -67.32 -23.89 -0.70
CA LYS A 340 -68.07 -24.48 -1.80
C LYS A 340 -67.30 -24.45 -3.11
N ASN A 341 -66.67 -23.33 -3.43
CA ASN A 341 -66.04 -23.14 -4.73
C ASN A 341 -64.64 -22.55 -4.57
N ARG A 342 -63.94 -22.41 -5.69
CA ARG A 342 -62.54 -22.00 -5.68
C ARG A 342 -62.39 -20.51 -5.37
N ASN A 343 -63.26 -19.67 -5.94
CA ASN A 343 -63.08 -18.23 -5.81
C ASN A 343 -63.22 -17.77 -4.35
N THR A 344 -64.16 -18.36 -3.62
CA THR A 344 -64.30 -18.02 -2.21
C THR A 344 -63.05 -18.40 -1.42
N THR A 345 -62.48 -19.57 -1.72
CA THR A 345 -61.23 -19.96 -1.07
C THR A 345 -60.12 -18.98 -1.40
N SER A 346 -60.05 -18.54 -2.66
CA SER A 346 -59.04 -17.57 -3.05
C SER A 346 -59.21 -16.26 -2.30
N ASN A 347 -60.46 -15.79 -2.14
CA ASN A 347 -60.71 -14.55 -1.42
C ASN A 347 -60.32 -14.67 0.05
N VAL A 348 -60.71 -15.78 0.69
CA VAL A 348 -60.37 -15.96 2.10
C VAL A 348 -58.87 -16.06 2.28
N ALA A 349 -58.19 -16.77 1.38
CA ALA A 349 -56.74 -16.86 1.44
C ALA A 349 -56.10 -15.49 1.27
N TYR A 350 -56.61 -14.69 0.34
CA TYR A 350 -56.10 -13.33 0.17
C TYR A 350 -56.20 -12.55 1.48
N ILE A 351 -57.39 -12.53 2.08
CA ILE A 351 -57.61 -11.73 3.28
C ILE A 351 -56.71 -12.22 4.41
N ILE A 352 -56.66 -13.54 4.62
CA ILE A 352 -55.87 -14.07 5.74
C ILE A 352 -54.39 -13.86 5.51
N ASN A 353 -53.92 -14.03 4.26
CA ASN A 353 -52.52 -13.81 3.97
C ASN A 353 -52.11 -12.36 4.21
N MET A 354 -52.93 -11.42 3.76
CA MET A 354 -52.58 -10.02 3.96
C MET A 354 -52.68 -9.63 5.43
N MET A 355 -53.63 -10.22 6.17
CA MET A 355 -53.69 -9.99 7.60
C MET A 355 -52.45 -10.53 8.31
N VAL A 356 -51.97 -11.70 7.89
CA VAL A 356 -50.74 -12.24 8.46
C VAL A 356 -49.55 -11.35 8.12
N MET A 357 -49.53 -10.76 6.93
CA MET A 357 -48.48 -9.82 6.60
C MET A 357 -48.52 -8.60 7.52
N GLY A 358 -49.72 -8.06 7.74
CA GLY A 358 -49.86 -6.95 8.66
C GLY A 358 -49.40 -7.30 10.06
N PHE A 359 -49.77 -8.50 10.53
CA PHE A 359 -49.29 -8.94 11.84
C PHE A 359 -47.78 -9.05 11.86
N TRP A 360 -47.18 -9.56 10.79
CA TRP A 360 -45.72 -9.64 10.73
C TRP A 360 -45.10 -8.27 10.91
N HIS A 361 -45.73 -7.24 10.35
CA HIS A 361 -45.18 -5.90 10.53
C HIS A 361 -45.20 -5.48 11.99
N GLY A 362 -46.26 -5.81 12.72
CA GLY A 362 -46.38 -5.46 14.12
C GLY A 362 -47.83 -5.39 14.55
N ILE A 363 -48.11 -5.71 15.81
CA ILE A 363 -49.51 -5.76 16.28
C ILE A 363 -49.87 -4.35 16.74
N THR A 364 -50.28 -3.54 15.78
CA THR A 364 -50.88 -2.23 16.05
C THR A 364 -52.16 -2.12 15.25
N TRP A 365 -52.96 -1.09 15.53
CA TRP A 365 -54.21 -0.93 14.80
C TRP A 365 -53.95 -0.61 13.34
N TYR A 366 -52.95 0.23 13.06
CA TYR A 366 -52.73 0.65 11.67
C TYR A 366 -52.07 -0.42 10.83
N TYR A 367 -51.21 -1.26 11.40
CA TYR A 367 -50.66 -2.36 10.61
C TYR A 367 -51.72 -3.38 10.23
N ILE A 368 -52.61 -3.73 11.16
CA ILE A 368 -53.71 -4.61 10.83
C ILE A 368 -54.65 -3.96 9.83
N ALA A 369 -54.88 -2.65 9.96
CA ALA A 369 -55.68 -1.94 8.99
C ALA A 369 -55.03 -1.98 7.61
N TYR A 370 -53.72 -1.86 7.56
CA TYR A 370 -52.98 -1.96 6.31
C TYR A 370 -53.13 -3.35 5.68
N GLY A 371 -53.00 -4.38 6.50
CA GLY A 371 -53.15 -5.73 5.98
C GLY A 371 -54.55 -6.00 5.45
N ILE A 372 -55.57 -5.63 6.21
CA ILE A 372 -56.93 -5.84 5.76
C ILE A 372 -57.25 -4.97 4.55
N PHE A 373 -56.69 -3.77 4.49
CA PHE A 373 -56.90 -2.90 3.33
C PHE A 373 -56.33 -3.54 2.07
N HIS A 374 -55.11 -4.07 2.14
CA HIS A 374 -54.55 -4.72 0.97
C HIS A 374 -55.32 -5.98 0.62
N GLY A 375 -55.81 -6.71 1.63
CA GLY A 375 -56.61 -7.89 1.35
C GLY A 375 -57.89 -7.58 0.62
N ILE A 376 -58.62 -6.56 1.09
CA ILE A 376 -59.86 -6.20 0.42
C ILE A 376 -59.57 -5.59 -0.94
N GLY A 377 -58.44 -4.89 -1.09
CA GLY A 377 -58.05 -4.42 -2.41
C GLY A 377 -57.82 -5.55 -3.38
N LEU A 378 -57.10 -6.60 -2.95
CA LEU A 378 -56.87 -7.73 -3.82
C LEU A 378 -58.17 -8.44 -4.18
N VAL A 379 -59.06 -8.63 -3.20
CA VAL A 379 -60.30 -9.35 -3.50
C VAL A 379 -61.19 -8.53 -4.41
N ILE A 380 -61.21 -7.20 -4.23
CA ILE A 380 -62.00 -6.34 -5.11
C ILE A 380 -61.42 -6.35 -6.51
N ASN A 381 -60.08 -6.36 -6.62
CA ASN A 381 -59.45 -6.44 -7.94
C ASN A 381 -59.81 -7.74 -8.64
N ASP A 382 -59.79 -8.86 -7.91
CA ASP A 382 -60.15 -10.14 -8.50
C ASP A 382 -61.61 -10.15 -8.95
N ALA A 383 -62.51 -9.63 -8.10
CA ALA A 383 -63.92 -9.59 -8.47
C ALA A 383 -64.14 -8.71 -9.68
N TRP A 384 -63.45 -7.57 -9.75
CA TRP A 384 -63.59 -6.69 -10.90
C TRP A 384 -63.05 -7.34 -12.16
N LEU A 385 -61.94 -8.08 -12.06
CA LEU A 385 -61.44 -8.78 -13.23
C LEU A 385 -62.42 -9.82 -13.72
N ARG A 386 -63.03 -10.58 -12.81
CA ARG A 386 -64.01 -11.58 -13.23
C ARG A 386 -65.24 -10.94 -13.85
N LYS A 387 -65.74 -9.87 -13.24
CA LYS A 387 -66.91 -9.18 -13.80
C LYS A 387 -66.58 -8.59 -15.16
N LYS A 388 -65.39 -8.03 -15.32
CA LYS A 388 -64.97 -7.48 -16.61
C LYS A 388 -64.89 -8.58 -17.66
N LYS A 389 -64.37 -9.75 -17.28
CA LYS A 389 -64.32 -10.86 -18.22
C LYS A 389 -65.71 -11.28 -18.67
N THR A 390 -66.64 -11.39 -17.71
CA THR A 390 -68.00 -11.77 -18.08
C THR A 390 -68.67 -10.73 -18.97
N ILE A 391 -68.53 -9.45 -18.63
CA ILE A 391 -69.17 -8.40 -19.42
C ILE A 391 -68.52 -8.28 -20.80
N ASN A 392 -67.22 -8.52 -20.89
CA ASN A 392 -66.55 -8.50 -22.20
C ASN A 392 -67.01 -9.67 -23.06
N LYS A 393 -67.19 -10.85 -22.45
CA LYS A 393 -67.74 -11.98 -23.19
C LYS A 393 -69.15 -11.66 -23.69
N ASP A 394 -69.97 -11.03 -22.84
CA ASP A 394 -71.32 -10.66 -23.26
C ASP A 394 -71.30 -9.66 -24.40
N ARG A 395 -70.42 -8.65 -24.31
CA ARG A 395 -70.33 -7.65 -25.37
C ARG A 395 -69.85 -8.27 -26.68
N LYS A 396 -68.87 -9.17 -26.60
CA LYS A 396 -68.38 -9.83 -27.81
C LYS A 396 -69.46 -10.71 -28.42
N LYS A 397 -70.26 -11.39 -27.58
CA LYS A 397 -71.40 -12.15 -28.08
C LYS A 397 -72.41 -11.24 -28.76
N ALA A 398 -72.67 -10.07 -28.17
CA ALA A 398 -73.62 -9.12 -28.74
C ALA A 398 -73.07 -8.40 -29.97
N GLY A 399 -71.77 -8.54 -30.25
CA GLY A 399 -71.15 -7.92 -31.40
C GLY A 399 -70.46 -6.60 -31.11
N LEU A 400 -70.73 -5.99 -29.97
CA LEU A 400 -70.11 -4.72 -29.62
C LEU A 400 -68.62 -4.90 -29.37
N LYS A 401 -67.83 -3.95 -29.84
CA LYS A 401 -66.39 -4.00 -29.62
C LYS A 401 -66.08 -3.82 -28.13
N PRO A 402 -65.14 -4.59 -27.58
CA PRO A 402 -64.76 -4.40 -26.18
C PRO A 402 -64.19 -3.01 -25.93
N LEU A 403 -64.16 -2.64 -24.65
CA LEU A 403 -63.70 -1.32 -24.27
C LEU A 403 -62.24 -1.13 -24.70
N PRO A 404 -61.90 -0.05 -25.40
CA PRO A 404 -60.53 0.14 -25.85
C PRO A 404 -59.58 0.36 -24.69
N GLU A 405 -58.33 -0.09 -24.88
CA GLU A 405 -57.26 0.10 -23.89
C GLU A 405 -55.99 0.36 -24.67
N ASN A 406 -55.75 1.62 -25.03
CA ASN A 406 -54.53 2.01 -25.71
C ASN A 406 -53.69 2.96 -24.88
N LYS A 407 -54.25 4.06 -24.41
CA LYS A 407 -53.54 4.99 -23.54
C LYS A 407 -54.37 5.55 -22.41
N TRP A 408 -55.70 5.56 -22.51
CA TRP A 408 -56.53 6.21 -21.50
C TRP A 408 -56.95 5.25 -20.39
N THR A 409 -57.44 4.07 -20.76
CA THR A 409 -57.85 3.11 -19.74
C THR A 409 -56.67 2.64 -18.91
N LYS A 410 -55.53 2.38 -19.56
CA LYS A 410 -54.33 1.99 -18.83
C LYS A 410 -53.87 3.09 -17.88
N ALA A 411 -53.93 4.35 -18.34
CA ALA A 411 -53.57 5.47 -17.47
C ALA A 411 -54.53 5.57 -16.28
N LEU A 412 -55.82 5.35 -16.51
CA LEU A 412 -56.79 5.37 -15.41
C LEU A 412 -56.49 4.28 -14.40
N GLY A 413 -56.21 3.07 -14.87
CA GLY A 413 -55.86 1.99 -13.96
C GLY A 413 -54.61 2.27 -13.16
N ILE A 414 -53.57 2.79 -13.83
CA ILE A 414 -52.34 3.13 -13.14
C ILE A 414 -52.59 4.20 -12.10
N PHE A 415 -53.38 5.21 -12.44
CA PHE A 415 -53.65 6.29 -11.50
C PHE A 415 -54.41 5.79 -10.27
N ILE A 416 -55.44 4.97 -10.49
CA ILE A 416 -56.24 4.51 -9.36
C ILE A 416 -55.42 3.57 -8.47
N THR A 417 -54.61 2.69 -9.07
CA THR A 417 -53.76 1.82 -8.27
C THR A 417 -52.73 2.63 -7.49
N PHE A 418 -52.13 3.64 -8.13
CA PHE A 418 -51.16 4.48 -7.44
C PHE A 418 -51.78 5.21 -6.27
N ASN A 419 -52.99 5.75 -6.46
CA ASN A 419 -53.67 6.43 -5.38
C ASN A 419 -53.98 5.47 -4.23
N THR A 420 -54.47 4.27 -4.55
CA THR A 420 -54.80 3.30 -3.50
C THR A 420 -53.55 2.88 -2.74
N VAL A 421 -52.44 2.66 -3.44
CA VAL A 421 -51.21 2.28 -2.77
C VAL A 421 -50.71 3.40 -1.88
N MET A 422 -50.81 4.65 -2.35
CA MET A 422 -50.38 5.76 -1.51
C MET A 422 -51.24 5.88 -0.27
N LEU A 423 -52.55 5.64 -0.39
CA LEU A 423 -53.41 5.64 0.78
C LEU A 423 -53.01 4.54 1.75
N SER A 424 -52.68 3.35 1.22
CA SER A 424 -52.24 2.26 2.07
C SER A 424 -50.94 2.62 2.79
N PHE A 425 -50.06 3.35 2.13
CA PHE A 425 -48.81 3.73 2.78
C PHE A 425 -49.04 4.85 3.79
N LEU A 426 -50.06 5.67 3.59
CA LEU A 426 -50.45 6.61 4.63
C LEU A 426 -50.92 5.88 5.87
N ILE A 427 -51.74 4.85 5.69
CA ILE A 427 -52.21 4.06 6.83
C ILE A 427 -51.04 3.34 7.51
N PHE A 428 -50.16 2.74 6.70
CA PHE A 428 -49.02 2.02 7.23
C PHE A 428 -48.04 2.94 7.94
N SER A 429 -48.05 4.23 7.60
CA SER A 429 -47.11 5.18 8.20
C SER A 429 -47.32 5.32 9.70
N GLY A 430 -48.50 5.01 10.20
CA GLY A 430 -48.83 5.32 11.57
C GLY A 430 -49.09 6.79 11.80
N PHE A 431 -49.05 7.61 10.76
CA PHE A 431 -49.30 9.03 10.92
C PHE A 431 -50.75 9.29 11.32
N LEU A 432 -51.67 8.43 10.89
CA LEU A 432 -53.05 8.59 11.31
C LEU A 432 -53.22 8.40 12.81
N ASN A 433 -52.27 7.72 13.46
CA ASN A 433 -52.28 7.65 14.92
C ASN A 433 -52.05 9.02 15.53
N ASP A 434 -51.13 9.80 14.98
CA ASP A 434 -50.90 11.15 15.48
C ASP A 434 -52.03 12.09 15.07
N LEU A 435 -52.45 12.03 13.81
CA LEU A 435 -53.48 12.95 13.31
C LEU A 435 -54.80 12.73 14.05
N TRP A 436 -55.25 11.48 14.09
CA TRP A 436 -56.43 11.15 14.88
C TRP A 436 -55.97 10.76 16.28
N PHE A 437 -56.89 10.20 17.07
CA PHE A 437 -56.52 9.52 18.31
C PHE A 437 -57.38 8.29 18.51
N THR A 438 -57.54 7.50 17.44
CA THR A 438 -58.35 6.30 17.50
C THR A 438 -57.79 5.32 18.52
N LYS A 439 -58.66 4.42 18.98
CA LYS A 439 -58.26 3.41 19.96
C LYS A 439 -57.08 2.61 19.44
N LYS A 440 -55.95 2.74 20.13
CA LYS A 440 -54.70 2.12 19.70
C LYS A 440 -54.31 0.96 20.61
N PHE B 22 -40.86 22.96 1.06
CA PHE B 22 -39.40 22.93 1.01
C PHE B 22 -38.79 23.72 2.16
N GLN B 23 -37.47 23.63 2.28
CA GLN B 23 -36.72 24.40 3.28
C GLN B 23 -35.58 25.19 2.68
N GLY B 24 -34.94 24.70 1.63
CA GLY B 24 -33.86 25.40 0.98
C GLY B 24 -32.51 25.26 1.64
N SER B 25 -32.35 24.32 2.56
CA SER B 25 -31.08 24.10 3.25
C SER B 25 -30.16 23.14 2.51
N MET B 26 -30.57 22.66 1.33
CA MET B 26 -29.78 21.67 0.61
C MET B 26 -28.36 22.18 0.35
N ILE B 27 -28.21 23.48 0.09
CA ILE B 27 -26.88 24.05 -0.13
C ILE B 27 -25.99 23.78 1.08
N ASP B 28 -26.51 24.02 2.28
CA ASP B 28 -25.76 23.68 3.49
C ASP B 28 -25.45 22.19 3.52
N PHE B 29 -26.43 21.36 3.15
CA PHE B 29 -26.17 19.94 2.98
C PHE B 29 -25.00 19.72 2.03
N LEU B 30 -25.01 20.39 0.88
CA LEU B 30 -23.93 20.24 -0.08
C LEU B 30 -22.58 20.66 0.50
N LYS B 31 -22.59 21.49 1.54
CA LYS B 31 -21.33 21.94 2.11
C LYS B 31 -20.74 20.95 3.11
N GLN B 32 -21.50 19.95 3.57
CA GLN B 32 -20.95 18.98 4.50
C GLN B 32 -20.41 17.74 3.80
N LEU B 33 -20.44 17.70 2.48
CA LEU B 33 -19.86 16.61 1.72
C LEU B 33 -18.34 16.66 1.81
N PRO B 34 -17.67 15.53 1.60
CA PRO B 34 -16.20 15.55 1.57
C PRO B 34 -15.67 16.35 0.38
N HIS B 35 -14.50 16.95 0.57
CA HIS B 35 -13.86 17.77 -0.43
C HIS B 35 -12.47 17.24 -0.71
N LEU B 36 -12.08 17.23 -1.98
CA LEU B 36 -10.78 16.69 -2.38
C LEU B 36 -10.35 17.45 -3.63
N GLU B 37 -9.47 18.43 -3.46
CA GLU B 37 -9.06 19.26 -4.58
C GLU B 37 -8.34 18.41 -5.62
N PRO B 38 -8.71 18.52 -6.89
CA PRO B 38 -8.11 17.65 -7.92
C PRO B 38 -6.63 17.95 -8.09
N TYR B 39 -5.81 16.91 -8.03
CA TYR B 39 -4.35 17.03 -8.13
C TYR B 39 -3.81 18.03 -7.11
N GLY B 40 -4.32 17.95 -5.88
CA GLY B 40 -3.91 18.86 -4.85
C GLY B 40 -2.77 18.34 -4.00
N ASN B 41 -2.79 17.05 -3.68
CA ASN B 41 -1.78 16.43 -2.84
C ASN B 41 -1.26 15.16 -3.51
N PRO B 42 -0.04 14.74 -3.19
CA PRO B 42 0.44 13.46 -3.71
C PRO B 42 -0.42 12.29 -3.26
N PHE B 43 -1.09 12.40 -2.11
CA PHE B 43 -1.94 11.32 -1.64
C PHE B 43 -3.20 11.15 -2.49
N TYR B 44 -3.61 12.21 -3.19
CA TYR B 44 -4.76 12.13 -4.08
C TYR B 44 -4.56 11.06 -5.15
N PHE B 45 -3.31 10.89 -5.60
CA PHE B 45 -3.05 9.93 -6.66
C PHE B 45 -3.10 8.50 -6.17
N ILE B 46 -2.98 8.25 -4.87
CA ILE B 46 -3.23 6.91 -4.36
C ILE B 46 -4.70 6.54 -4.57
N TYR B 47 -5.60 7.43 -4.16
CA TYR B 47 -7.02 7.20 -4.40
C TYR B 47 -7.30 7.04 -5.88
N LEU B 48 -6.74 7.94 -6.70
CA LEU B 48 -7.03 7.91 -8.12
C LEU B 48 -6.50 6.62 -8.78
N GLY B 49 -5.30 6.19 -8.40
CA GLY B 49 -4.76 4.97 -8.97
C GLY B 49 -5.54 3.75 -8.55
N ILE B 50 -5.91 3.66 -7.27
CA ILE B 50 -6.68 2.51 -6.81
C ILE B 50 -8.05 2.48 -7.49
N ALA B 51 -8.63 3.66 -7.73
CA ALA B 51 -9.93 3.70 -8.40
C ALA B 51 -9.83 3.33 -9.86
N LEU B 52 -8.77 3.78 -10.54
CA LEU B 52 -8.63 3.58 -11.99
C LEU B 52 -7.96 2.27 -12.35
N LEU B 53 -7.46 1.52 -11.38
CA LEU B 53 -6.82 0.24 -11.70
C LEU B 53 -7.74 -0.72 -12.43
N PRO B 54 -8.99 -0.97 -12.01
CA PRO B 54 -9.84 -1.87 -12.79
C PRO B 54 -10.07 -1.43 -14.22
N ILE B 55 -10.18 -0.12 -14.47
CA ILE B 55 -10.36 0.35 -15.84
C ILE B 55 -9.16 0.01 -16.69
N PHE B 56 -7.95 0.20 -16.15
CA PHE B 56 -6.75 -0.11 -16.91
C PHE B 56 -6.61 -1.60 -17.17
N ILE B 57 -6.96 -2.43 -16.18
CA ILE B 57 -6.91 -3.88 -16.40
C ILE B 57 -7.90 -4.27 -17.49
N GLY B 58 -9.12 -3.74 -17.42
CA GLY B 58 -10.11 -4.02 -18.45
C GLY B 58 -9.63 -3.61 -19.83
N LEU B 59 -8.92 -2.48 -19.91
CA LEU B 59 -8.31 -2.09 -21.17
C LEU B 59 -7.32 -3.15 -21.63
N PHE B 60 -6.49 -3.63 -20.71
CA PHE B 60 -5.52 -4.67 -21.07
C PHE B 60 -6.21 -5.91 -21.63
N PHE B 61 -7.40 -6.22 -21.14
CA PHE B 61 -8.17 -7.34 -21.65
C PHE B 61 -9.17 -6.94 -22.73
N LYS B 62 -9.07 -5.70 -23.23
CA LYS B 62 -9.94 -5.20 -24.30
C LYS B 62 -11.40 -5.15 -23.86
N LYS B 63 -11.62 -4.55 -22.69
CA LYS B 63 -12.96 -4.36 -22.16
C LYS B 63 -13.08 -2.98 -21.51
N ARG B 64 -14.21 -2.32 -21.70
CA ARG B 64 -14.50 -1.06 -21.04
C ARG B 64 -15.72 -1.25 -20.14
N PHE B 65 -15.57 -0.89 -18.87
CA PHE B 65 -16.67 -0.97 -17.90
C PHE B 65 -17.38 0.38 -17.91
N ALA B 66 -18.47 0.46 -18.66
CA ALA B 66 -19.14 1.74 -18.84
C ALA B 66 -19.67 2.29 -17.52
N ILE B 67 -20.27 1.43 -16.70
CA ILE B 67 -20.86 1.91 -15.45
C ILE B 67 -19.79 2.29 -14.45
N TYR B 68 -18.72 1.50 -14.35
CA TYR B 68 -17.68 1.79 -13.37
C TYR B 68 -16.98 3.11 -13.68
N GLU B 69 -16.75 3.39 -14.97
CA GLU B 69 -16.16 4.67 -15.35
C GLU B 69 -17.08 5.82 -14.97
N CYS B 70 -18.38 5.66 -15.18
CA CYS B 70 -19.32 6.69 -14.75
C CYS B 70 -19.26 6.90 -13.25
N LEU B 71 -19.16 5.81 -12.47
CA LEU B 71 -19.10 5.94 -11.02
C LEU B 71 -17.85 6.69 -10.57
N VAL B 72 -16.68 6.29 -11.09
CA VAL B 72 -15.46 6.96 -10.65
C VAL B 72 -15.44 8.41 -11.11
N SER B 73 -15.89 8.68 -12.35
CA SER B 73 -15.93 10.06 -12.84
C SER B 73 -16.84 10.92 -11.98
N ILE B 74 -18.04 10.43 -11.69
CA ILE B 74 -18.98 11.23 -10.89
C ILE B 74 -18.43 11.46 -9.50
N THR B 75 -17.87 10.41 -8.88
CA THR B 75 -17.36 10.57 -7.52
C THR B 75 -16.26 11.62 -7.47
N PHE B 76 -15.33 11.60 -8.43
CA PHE B 76 -14.23 12.55 -8.35
C PHE B 76 -14.65 13.95 -8.79
N ILE B 77 -15.60 14.08 -9.72
CA ILE B 77 -16.14 15.40 -10.04
C ILE B 77 -16.79 16.02 -8.80
N VAL B 78 -17.61 15.24 -8.10
CA VAL B 78 -18.28 15.75 -6.91
C VAL B 78 -17.26 16.10 -5.83
N LEU B 79 -16.28 15.23 -5.61
CA LEU B 79 -15.25 15.53 -4.61
C LEU B 79 -14.47 16.78 -4.98
N ALA B 80 -14.30 17.06 -6.27
CA ALA B 80 -13.62 18.29 -6.66
C ALA B 80 -14.50 19.51 -6.49
N LEU B 81 -15.82 19.35 -6.59
CA LEU B 81 -16.72 20.50 -6.56
C LEU B 81 -17.33 20.77 -5.19
N THR B 82 -17.07 19.96 -4.18
CA THR B 82 -17.67 20.16 -2.85
C THR B 82 -16.79 20.99 -1.93
N GLY B 83 -16.40 22.18 -2.37
CA GLY B 83 -15.59 23.07 -1.58
C GLY B 83 -16.43 24.03 -0.76
N THR B 84 -15.86 25.20 -0.48
CA THR B 84 -16.62 26.25 0.17
C THR B 84 -17.77 26.71 -0.71
N HIS B 85 -17.58 26.72 -2.03
CA HIS B 85 -18.65 27.03 -2.97
C HIS B 85 -19.34 25.73 -3.43
N ALA B 86 -19.88 24.98 -2.48
CA ALA B 86 -20.54 23.73 -2.83
C ALA B 86 -21.79 23.97 -3.66
N SER B 87 -22.40 25.15 -3.54
CA SER B 87 -23.62 25.44 -4.28
C SER B 87 -23.43 25.29 -5.77
N GLN B 88 -22.20 25.42 -6.27
CA GLN B 88 -21.94 25.30 -7.69
C GLN B 88 -22.39 23.95 -8.23
N ILE B 89 -22.46 22.93 -7.37
CA ILE B 89 -22.93 21.63 -7.84
C ILE B 89 -24.33 21.77 -8.44
N LEU B 90 -25.21 22.49 -7.75
CA LEU B 90 -26.53 22.74 -8.31
C LEU B 90 -26.42 23.41 -9.67
N ALA B 91 -25.56 24.41 -9.78
CA ALA B 91 -25.32 25.04 -11.07
C ALA B 91 -24.90 24.03 -12.10
N LEU B 92 -23.98 23.12 -11.74
CA LEU B 92 -23.57 22.07 -12.66
C LEU B 92 -24.77 21.24 -13.09
N LEU B 93 -25.63 20.86 -12.13
CA LEU B 93 -26.80 20.07 -12.48
C LEU B 93 -27.72 20.84 -13.40
N PHE B 94 -27.71 22.17 -13.33
CA PHE B 94 -28.44 22.95 -14.33
C PHE B 94 -27.72 22.91 -15.67
N TYR B 95 -26.40 23.12 -15.65
CA TYR B 95 -25.65 23.28 -16.89
C TYR B 95 -25.86 22.09 -17.81
N ILE B 96 -25.69 20.87 -17.30
CA ILE B 96 -25.91 19.69 -18.11
C ILE B 96 -27.32 19.69 -18.67
N VAL B 97 -28.32 19.89 -17.80
CA VAL B 97 -29.70 19.88 -18.24
C VAL B 97 -29.94 20.97 -19.27
N TRP B 98 -29.14 22.04 -19.22
CA TRP B 98 -29.21 23.04 -20.27
C TRP B 98 -28.62 22.50 -21.56
N GLN B 99 -27.37 22.03 -21.51
CA GLN B 99 -26.66 21.71 -22.74
C GLN B 99 -27.38 20.61 -23.52
N ILE B 100 -27.82 19.55 -22.83
CA ILE B 100 -28.61 18.50 -23.46
C ILE B 100 -29.74 19.13 -24.27
N ILE B 101 -30.53 20.00 -23.63
CA ILE B 101 -31.70 20.56 -24.27
C ILE B 101 -31.30 21.26 -25.57
N TRP B 102 -30.15 21.92 -25.57
CA TRP B 102 -29.74 22.71 -26.73
C TRP B 102 -28.72 22.00 -27.60
N VAL B 103 -28.45 20.73 -27.35
CA VAL B 103 -27.66 19.95 -28.30
C VAL B 103 -28.63 19.14 -29.15
N TYR B 104 -29.51 18.39 -28.49
CA TYR B 104 -30.50 17.60 -29.21
C TYR B 104 -31.47 18.49 -29.98
N SER B 105 -31.77 19.68 -29.46
CA SER B 105 -32.61 20.61 -30.20
C SER B 105 -31.97 20.99 -31.54
N TYR B 106 -30.67 20.83 -31.68
CA TYR B 106 -30.05 20.96 -32.99
C TYR B 106 -30.00 19.63 -33.72
N LYS B 107 -29.77 18.53 -32.99
CA LYS B 107 -29.66 17.23 -33.62
C LYS B 107 -30.95 16.86 -34.34
N ARG B 108 -32.10 17.15 -33.73
CA ARG B 108 -33.36 16.98 -34.42
C ARG B 108 -33.45 17.89 -35.62
N TYR B 109 -33.03 19.14 -35.47
CA TYR B 109 -33.17 20.10 -36.57
C TYR B 109 -32.18 19.82 -37.69
N ARG B 110 -30.96 19.40 -37.35
CA ARG B 110 -29.91 19.25 -38.35
C ARG B 110 -30.36 18.30 -39.47
N SER B 111 -31.02 17.21 -39.11
CA SER B 111 -31.46 16.26 -40.13
C SER B 111 -32.45 16.89 -41.09
N GLN B 112 -33.34 17.74 -40.59
CA GLN B 112 -34.42 18.27 -41.43
C GLN B 112 -33.94 19.44 -42.29
N ARG B 113 -33.53 20.52 -41.64
CA ARG B 113 -33.18 21.75 -42.33
C ARG B 113 -31.81 22.22 -41.86
N ASP B 114 -31.18 23.07 -42.67
CA ASP B 114 -29.82 23.56 -42.41
C ASP B 114 -29.71 25.04 -42.69
N ASN B 115 -30.64 25.84 -42.16
CA ASN B 115 -30.51 27.28 -42.26
C ASN B 115 -29.36 27.76 -41.39
N LYS B 116 -28.64 28.78 -41.86
CA LYS B 116 -27.49 29.27 -41.11
C LYS B 116 -27.92 29.89 -39.78
N TRP B 117 -29.02 30.63 -39.77
CA TRP B 117 -29.40 31.38 -38.58
C TRP B 117 -29.81 30.46 -37.44
N VAL B 118 -30.36 29.28 -37.75
CA VAL B 118 -30.67 28.33 -36.69
C VAL B 118 -29.40 27.82 -36.05
N PHE B 119 -28.37 27.55 -36.85
CA PHE B 119 -27.09 27.16 -36.29
C PHE B 119 -26.49 28.26 -35.43
N TYR B 120 -26.56 29.51 -35.89
CA TYR B 120 -26.05 30.61 -35.09
C TYR B 120 -26.79 30.72 -33.77
N LEU B 121 -28.12 30.60 -33.81
CA LEU B 121 -28.92 30.69 -32.60
C LEU B 121 -28.59 29.56 -31.63
N HIS B 122 -28.43 28.35 -32.13
CA HIS B 122 -28.13 27.24 -31.24
C HIS B 122 -26.74 27.36 -30.64
N SER B 123 -25.76 27.82 -31.42
CA SER B 123 -24.43 28.03 -30.87
C SER B 123 -24.45 29.11 -29.80
N PHE B 124 -25.17 30.21 -30.04
CA PHE B 124 -25.26 31.26 -29.04
C PHE B 124 -25.95 30.75 -27.77
N LEU B 125 -27.03 29.98 -27.92
CA LEU B 125 -27.74 29.50 -26.74
C LEU B 125 -26.93 28.47 -25.97
N VAL B 126 -26.09 27.70 -26.64
CA VAL B 126 -25.22 26.77 -25.93
C VAL B 126 -24.12 27.53 -25.19
N VAL B 127 -23.58 28.59 -25.81
CA VAL B 127 -22.52 29.37 -25.16
C VAL B 127 -23.06 30.38 -24.16
N LEU B 128 -24.37 30.52 -24.06
CA LEU B 128 -24.95 31.52 -23.16
C LEU B 128 -24.56 31.40 -21.69
N PRO B 129 -24.51 30.22 -21.07
CA PRO B 129 -24.05 30.18 -19.68
C PRO B 129 -22.67 30.77 -19.48
N LEU B 130 -21.75 30.54 -20.42
CA LEU B 130 -20.43 31.17 -20.31
C LEU B 130 -20.53 32.68 -20.43
N ILE B 131 -21.37 33.18 -21.34
CA ILE B 131 -21.54 34.62 -21.48
C ILE B 131 -22.07 35.22 -20.18
N LEU B 132 -23.04 34.56 -19.56
CA LEU B 132 -23.57 35.07 -18.30
C LEU B 132 -22.52 35.05 -17.20
N VAL B 133 -21.75 33.96 -17.10
CA VAL B 133 -20.73 33.88 -16.06
C VAL B 133 -19.68 34.96 -16.25
N LYS B 134 -19.37 35.28 -17.50
CA LYS B 134 -18.35 36.29 -17.77
C LYS B 134 -18.86 37.71 -17.68
N VAL B 135 -20.16 37.94 -17.89
CA VAL B 135 -20.71 39.28 -17.95
C VAL B 135 -21.29 39.73 -16.61
N GLU B 136 -21.93 38.84 -15.87
CA GLU B 136 -22.58 39.25 -14.63
C GLU B 136 -21.64 39.92 -13.64
N PRO B 137 -20.41 39.44 -13.40
CA PRO B 137 -19.50 40.22 -12.53
C PRO B 137 -19.25 41.63 -13.01
N THR B 138 -19.28 41.87 -14.32
CA THR B 138 -19.12 43.24 -14.82
C THR B 138 -20.27 44.12 -14.37
N ILE B 139 -21.50 43.61 -14.43
CA ILE B 139 -22.68 44.42 -14.11
C ILE B 139 -22.97 44.38 -12.62
N ASN B 140 -23.28 43.20 -12.10
CA ASN B 140 -23.68 43.08 -10.70
C ASN B 140 -22.51 43.31 -9.76
N GLY B 141 -21.32 42.86 -10.12
CA GLY B 141 -20.18 42.90 -9.22
C GLY B 141 -19.99 41.66 -8.38
N THR B 142 -20.88 40.67 -8.50
CA THR B 142 -20.78 39.42 -7.76
C THR B 142 -20.85 38.25 -8.73
N GLN B 143 -20.22 37.15 -8.34
CA GLN B 143 -20.17 35.96 -9.19
C GLN B 143 -21.59 35.47 -9.50
N SER B 144 -21.78 35.03 -10.73
CA SER B 144 -23.10 34.60 -11.17
C SER B 144 -23.44 33.24 -10.56
N LEU B 145 -24.73 32.90 -10.59
CA LEU B 145 -25.18 31.64 -10.03
C LEU B 145 -24.72 30.46 -10.88
N LEU B 146 -24.71 30.62 -12.20
CA LEU B 146 -24.40 29.53 -13.11
C LEU B 146 -22.93 29.13 -13.08
N ASN B 147 -22.08 29.93 -12.44
CA ASN B 147 -20.65 29.65 -12.45
C ASN B 147 -20.32 28.42 -11.59
N PHE B 148 -19.47 27.56 -12.13
CA PHE B 148 -18.88 26.47 -11.36
C PHE B 148 -17.42 26.35 -11.77
N LEU B 149 -16.78 25.25 -11.39
CA LEU B 149 -15.32 25.20 -11.49
C LEU B 149 -14.85 25.18 -12.94
N GLY B 150 -15.42 24.32 -13.77
CA GLY B 150 -14.89 24.14 -15.10
C GLY B 150 -15.84 24.48 -16.23
N ILE B 151 -16.61 25.55 -16.10
CA ILE B 151 -17.56 25.90 -17.14
C ILE B 151 -16.84 26.36 -18.40
N SER B 152 -15.73 27.08 -18.23
CA SER B 152 -15.04 27.65 -19.38
C SER B 152 -14.41 26.57 -20.26
N TYR B 153 -14.08 25.42 -19.70
CA TYR B 153 -13.51 24.32 -20.46
C TYR B 153 -14.52 23.22 -20.76
N LEU B 154 -15.80 23.47 -20.48
CA LEU B 154 -16.88 22.59 -20.90
C LEU B 154 -17.74 23.20 -21.99
N THR B 155 -17.94 24.52 -21.97
CA THR B 155 -18.63 25.16 -23.06
C THR B 155 -17.90 24.95 -24.38
N PHE B 156 -16.58 24.80 -24.32
CA PHE B 156 -15.81 24.52 -25.53
C PHE B 156 -16.24 23.19 -26.15
N ARG B 157 -16.32 22.14 -25.34
CA ARG B 157 -16.75 20.85 -25.88
C ARG B 157 -18.20 20.90 -26.34
N ALA B 158 -19.07 21.53 -25.55
CA ALA B 158 -20.49 21.53 -25.86
C ALA B 158 -20.84 22.45 -27.03
N VAL B 159 -19.93 23.32 -27.46
CA VAL B 159 -20.17 24.11 -28.66
C VAL B 159 -19.39 23.51 -29.83
N GLY B 160 -18.33 22.76 -29.52
CA GLY B 160 -17.63 22.03 -30.56
C GLY B 160 -18.50 20.94 -31.15
N MET B 161 -19.34 20.31 -30.32
CA MET B 161 -20.27 19.33 -30.85
C MET B 161 -21.24 19.96 -31.83
N ILE B 162 -21.77 21.14 -31.50
CA ILE B 162 -22.68 21.82 -32.43
C ILE B 162 -21.96 22.22 -33.70
N ILE B 163 -20.74 22.74 -33.59
CA ILE B 163 -20.00 23.15 -34.77
C ILE B 163 -19.75 21.96 -35.68
N GLU B 164 -19.38 20.82 -35.10
CA GLU B 164 -19.21 19.60 -35.90
C GLU B 164 -20.53 19.20 -36.54
N MET B 165 -21.63 19.29 -35.80
CA MET B 165 -22.93 18.89 -36.34
C MET B 165 -23.33 19.76 -37.52
N ARG B 166 -22.97 21.04 -37.51
CA ARG B 166 -23.29 21.91 -38.65
C ARG B 166 -22.59 21.43 -39.91
N ASP B 167 -21.31 21.05 -39.80
CA ASP B 167 -20.55 20.63 -40.97
C ASP B 167 -21.02 19.30 -41.54
N GLY B 168 -21.85 18.55 -40.81
CA GLY B 168 -22.20 17.22 -41.24
C GLY B 168 -21.21 16.15 -40.84
N VAL B 169 -20.11 16.52 -40.18
CA VAL B 169 -19.15 15.53 -39.71
C VAL B 169 -19.78 14.62 -38.67
N LEU B 170 -20.67 15.16 -37.85
CA LEU B 170 -21.29 14.40 -36.78
C LEU B 170 -22.71 14.01 -37.14
N LYS B 171 -23.10 12.83 -36.67
CA LYS B 171 -24.42 12.27 -36.92
C LYS B 171 -24.89 11.63 -35.62
N GLU B 172 -25.85 10.70 -35.72
CA GLU B 172 -26.42 10.03 -34.56
C GLU B 172 -25.38 9.68 -33.51
N PHE B 173 -25.64 10.09 -32.27
CA PHE B 173 -24.78 9.79 -31.14
C PHE B 173 -25.65 9.62 -29.90
N THR B 174 -25.36 8.60 -29.11
CA THR B 174 -26.16 8.33 -27.93
C THR B 174 -25.85 9.33 -26.82
N LEU B 175 -26.76 9.43 -25.86
CA LEU B 175 -26.55 10.33 -24.73
C LEU B 175 -25.36 9.91 -23.88
N GLY B 176 -25.11 8.61 -23.78
CA GLY B 176 -23.96 8.15 -23.01
C GLY B 176 -22.66 8.71 -23.54
N GLU B 177 -22.48 8.69 -24.87
CA GLU B 177 -21.27 9.25 -25.47
C GLU B 177 -21.17 10.74 -25.20
N PHE B 178 -22.28 11.47 -25.38
CA PHE B 178 -22.26 12.91 -25.20
C PHE B 178 -21.88 13.29 -23.78
N LEU B 179 -22.48 12.63 -22.79
CA LEU B 179 -22.21 12.98 -21.41
C LEU B 179 -20.87 12.45 -20.93
N ARG B 180 -20.38 11.34 -21.48
CA ARG B 180 -19.04 10.89 -21.09
C ARG B 180 -17.96 11.70 -21.77
N PHE B 181 -18.30 12.42 -22.84
CA PHE B 181 -17.35 13.31 -23.50
C PHE B 181 -17.32 14.68 -22.83
N MET B 182 -18.49 15.31 -22.67
CA MET B 182 -18.52 16.66 -22.11
C MET B 182 -18.03 16.69 -20.67
N LEU B 183 -18.26 15.64 -19.90
CA LEU B 183 -17.94 15.60 -18.48
C LEU B 183 -16.76 14.69 -18.18
N PHE B 184 -15.74 14.72 -19.03
CA PHE B 184 -14.57 13.87 -18.81
C PHE B 184 -13.95 14.20 -17.46
N MET B 185 -13.65 13.16 -16.67
CA MET B 185 -13.19 13.39 -15.30
C MET B 185 -11.85 14.10 -15.23
N PRO B 186 -10.79 13.68 -15.95
CA PRO B 186 -9.49 14.37 -15.79
C PRO B 186 -9.50 15.79 -16.29
N THR B 187 -9.95 15.99 -17.53
CA THR B 187 -9.91 17.30 -18.17
C THR B 187 -11.22 18.06 -17.93
N PHE B 188 -11.54 18.26 -16.67
CA PHE B 188 -12.79 18.90 -16.29
C PHE B 188 -12.57 20.29 -15.70
N THR B 189 -11.78 20.42 -14.65
CA THR B 189 -11.65 21.68 -13.95
C THR B 189 -11.07 22.75 -14.86
N SER B 190 -9.80 22.59 -15.24
CA SER B 190 -9.21 23.41 -16.30
C SER B 190 -8.22 22.52 -17.05
N GLY B 191 -8.73 21.79 -18.04
CA GLY B 191 -7.95 20.76 -18.68
C GLY B 191 -7.91 20.95 -20.18
N PRO B 192 -7.20 20.06 -20.88
CA PRO B 192 -7.09 20.20 -22.33
C PRO B 192 -8.46 20.17 -22.99
N ILE B 193 -8.67 21.07 -23.94
CA ILE B 193 -9.95 21.19 -24.62
C ILE B 193 -9.94 20.23 -25.81
N ASP B 194 -10.95 19.36 -25.85
CA ASP B 194 -10.98 18.27 -26.81
C ASP B 194 -12.06 18.53 -27.87
N ARG B 195 -12.23 17.56 -28.76
CA ARG B 195 -13.28 17.57 -29.75
C ARG B 195 -14.04 16.26 -29.66
N PHE B 196 -15.28 16.25 -30.12
CA PHE B 196 -16.08 15.05 -29.95
C PHE B 196 -15.65 13.93 -30.86
N LYS B 197 -15.39 14.23 -32.14
CA LYS B 197 -15.08 13.16 -33.09
C LYS B 197 -13.82 12.41 -32.66
N ARG B 198 -12.76 13.15 -32.34
CA ARG B 198 -11.52 12.52 -31.93
C ARG B 198 -11.69 11.75 -30.63
N PHE B 199 -12.40 12.33 -29.66
CA PHE B 199 -12.57 11.67 -28.38
C PHE B 199 -13.36 10.38 -28.53
N ASN B 200 -14.43 10.41 -29.32
CA ASN B 200 -15.22 9.21 -29.53
C ASN B 200 -14.41 8.13 -30.25
N GLU B 201 -13.69 8.51 -31.31
CA GLU B 201 -12.91 7.52 -32.05
C GLU B 201 -11.81 6.93 -31.18
N ASP B 202 -11.25 7.71 -30.26
CA ASP B 202 -10.26 7.16 -29.35
C ASP B 202 -10.90 6.36 -28.22
N TYR B 203 -12.18 6.61 -27.93
CA TYR B 203 -12.86 5.83 -26.91
C TYR B 203 -13.26 4.46 -27.44
N GLN B 204 -13.68 4.39 -28.70
CA GLN B 204 -14.14 3.12 -29.26
C GLN B 204 -12.99 2.11 -29.36
N SER B 205 -11.88 2.52 -29.97
CA SER B 205 -10.79 1.59 -30.29
C SER B 205 -9.79 1.56 -29.14
N ILE B 206 -9.93 0.55 -28.28
CA ILE B 206 -8.99 0.38 -27.17
C ILE B 206 -7.62 0.02 -27.73
N PRO B 207 -6.54 0.63 -27.26
CA PRO B 207 -5.21 0.35 -27.82
C PRO B 207 -4.74 -1.05 -27.45
N ASN B 208 -3.76 -1.53 -28.24
CA ASN B 208 -3.18 -2.84 -27.99
C ASN B 208 -2.40 -2.86 -26.68
N ARG B 209 -1.90 -4.04 -26.33
CA ARG B 209 -1.19 -4.19 -25.06
C ARG B 209 0.10 -3.37 -25.05
N ASP B 210 0.82 -3.34 -26.16
CA ASP B 210 2.07 -2.56 -26.20
C ASP B 210 1.79 -1.06 -26.07
N GLU B 211 0.76 -0.58 -26.78
CA GLU B 211 0.40 0.83 -26.63
C GLU B 211 -0.10 1.14 -25.23
N LEU B 212 -0.80 0.20 -24.60
CA LEU B 212 -1.21 0.41 -23.21
C LEU B 212 -0.02 0.49 -22.28
N LEU B 213 0.99 -0.36 -22.49
CA LEU B 213 2.19 -0.28 -21.67
C LEU B 213 2.90 1.05 -21.89
N ASN B 214 2.99 1.51 -23.14
CA ASN B 214 3.59 2.80 -23.41
C ASN B 214 2.81 3.92 -22.73
N MET B 215 1.48 3.84 -22.76
CA MET B 215 0.66 4.84 -22.09
C MET B 215 0.88 4.82 -20.59
N LEU B 216 1.02 3.63 -20.00
CA LEU B 216 1.27 3.56 -18.56
C LEU B 216 2.63 4.18 -18.21
N GLU B 217 3.65 3.89 -19.01
CA GLU B 217 4.96 4.50 -18.77
C GLU B 217 4.89 6.01 -18.88
N GLN B 218 4.22 6.51 -19.92
CA GLN B 218 4.11 7.95 -20.09
C GLN B 218 3.26 8.58 -18.99
N ALA B 219 2.25 7.87 -18.49
CA ALA B 219 1.45 8.39 -17.39
C ALA B 219 2.26 8.50 -16.11
N VAL B 220 3.11 7.51 -15.82
CA VAL B 220 3.96 7.60 -14.64
C VAL B 220 4.97 8.74 -14.79
N LYS B 221 5.55 8.88 -15.99
CA LYS B 221 6.47 9.98 -16.24
C LYS B 221 5.77 11.32 -16.06
N TYR B 222 4.55 11.45 -16.58
CA TYR B 222 3.80 12.68 -16.43
C TYR B 222 3.46 12.97 -14.98
N ILE B 223 3.12 11.93 -14.20
CA ILE B 223 2.81 12.14 -12.79
C ILE B 223 4.04 12.64 -12.04
N MET B 224 5.20 12.03 -12.28
CA MET B 224 6.41 12.47 -11.60
C MET B 224 6.78 13.90 -11.99
N LEU B 225 6.76 14.20 -13.30
CA LEU B 225 7.04 15.56 -13.73
C LEU B 225 6.00 16.55 -13.20
N GLY B 226 4.76 16.12 -13.04
CA GLY B 226 3.76 17.00 -12.46
C GLY B 226 4.04 17.30 -11.01
N PHE B 227 4.45 16.28 -10.25
CA PHE B 227 4.90 16.52 -8.88
C PHE B 227 5.99 17.58 -8.87
N LEU B 228 7.00 17.40 -9.73
CA LEU B 228 8.12 18.34 -9.78
C LEU B 228 7.66 19.75 -10.15
N TYR B 229 6.78 19.87 -11.15
CA TYR B 229 6.40 21.17 -11.66
C TYR B 229 5.47 21.91 -10.71
N LYS B 230 4.47 21.22 -10.16
CA LYS B 230 3.44 21.89 -9.39
C LYS B 230 3.77 21.97 -7.91
N PHE B 231 4.35 20.92 -7.33
CA PHE B 231 4.59 20.90 -5.90
C PHE B 231 5.95 21.43 -5.51
N VAL B 232 6.85 21.69 -6.46
CA VAL B 232 8.18 22.18 -6.13
C VAL B 232 8.45 23.51 -6.83
N LEU B 233 8.48 23.49 -8.17
CA LEU B 233 8.86 24.69 -8.90
C LEU B 233 7.76 25.74 -8.86
N ALA B 234 6.50 25.31 -9.00
CA ALA B 234 5.39 26.25 -8.89
C ALA B 234 5.35 26.87 -7.50
N GLN B 235 5.57 26.06 -6.45
CA GLN B 235 5.61 26.59 -5.10
C GLN B 235 6.74 27.60 -4.94
N ILE B 236 7.92 27.29 -5.47
CA ILE B 236 9.05 28.20 -5.35
C ILE B 236 8.74 29.53 -6.03
N PHE B 237 8.17 29.48 -7.23
CA PHE B 237 7.93 30.70 -7.98
C PHE B 237 6.67 31.44 -7.55
N GLY B 238 5.76 30.81 -6.80
CA GLY B 238 4.50 31.46 -6.51
C GLY B 238 4.27 31.80 -5.05
N SER B 239 4.83 31.02 -4.14
CA SER B 239 4.63 31.25 -2.71
C SER B 239 5.89 31.75 -2.02
N MET B 240 6.95 32.03 -2.75
CA MET B 240 8.17 32.53 -2.11
C MET B 240 8.69 33.81 -2.73
N LEU B 241 8.58 33.97 -4.05
CA LEU B 241 9.11 35.14 -4.74
C LEU B 241 8.03 36.12 -5.17
N LEU B 242 6.89 35.61 -5.63
CA LEU B 242 5.86 36.49 -6.17
C LEU B 242 5.29 37.45 -5.13
N PRO B 243 4.95 37.04 -3.90
CA PRO B 243 4.42 38.01 -2.93
C PRO B 243 5.44 39.07 -2.55
N PRO B 244 6.70 38.71 -2.22
CA PRO B 244 7.68 39.77 -1.93
C PRO B 244 7.91 40.71 -3.10
N LEU B 245 7.97 40.18 -4.33
CA LEU B 245 8.19 41.04 -5.48
C LEU B 245 7.01 41.97 -5.71
N LYS B 246 5.78 41.47 -5.55
CA LYS B 246 4.61 42.32 -5.66
C LYS B 246 4.64 43.42 -4.60
N ALA B 247 5.00 43.05 -3.36
CA ALA B 247 5.03 44.04 -2.29
C ALA B 247 6.06 45.12 -2.57
N GLN B 248 7.26 44.74 -3.00
CA GLN B 248 8.29 45.73 -3.31
C GLN B 248 7.88 46.61 -4.48
N ALA B 249 7.30 46.02 -5.52
CA ALA B 249 6.88 46.81 -6.68
C ALA B 249 5.79 47.81 -6.29
N LEU B 250 4.83 47.41 -5.47
CA LEU B 250 3.81 48.33 -5.01
C LEU B 250 4.41 49.43 -4.13
N SER B 251 5.34 49.06 -3.25
CA SER B 251 5.92 50.05 -2.34
C SER B 251 6.72 51.11 -3.11
N GLN B 252 7.52 50.69 -4.09
CA GLN B 252 8.25 51.67 -4.88
C GLN B 252 7.31 52.54 -5.70
N GLY B 253 6.27 51.94 -6.27
CA GLY B 253 5.28 52.69 -7.01
C GLY B 253 5.81 53.17 -8.36
N GLY B 254 5.00 54.01 -9.00
CA GLY B 254 5.34 54.53 -10.31
C GLY B 254 4.77 53.70 -11.44
N ILE B 255 5.04 54.16 -12.66
CA ILE B 255 4.56 53.46 -13.84
C ILE B 255 5.27 52.11 -13.99
N PHE B 256 6.59 52.12 -13.85
CA PHE B 256 7.39 50.92 -13.99
C PHE B 256 8.55 50.97 -13.01
N ASN B 257 9.05 49.81 -12.63
CA ASN B 257 10.21 49.71 -11.75
C ASN B 257 10.81 48.32 -11.88
N LEU B 258 12.04 48.19 -11.41
CA LEU B 258 12.72 46.89 -11.46
C LEU B 258 11.94 45.78 -10.76
N PRO B 259 11.38 45.98 -9.56
CA PRO B 259 10.58 44.90 -8.96
C PRO B 259 9.42 44.48 -9.83
N THR B 260 8.83 45.40 -10.60
CA THR B 260 7.76 45.00 -11.49
C THR B 260 8.27 44.11 -12.63
N LEU B 261 9.46 44.40 -13.14
CA LEU B 261 10.05 43.51 -14.14
C LEU B 261 10.32 42.13 -13.54
N GLY B 262 10.84 42.09 -12.32
CA GLY B 262 11.04 40.81 -11.66
C GLY B 262 9.74 40.06 -11.46
N VAL B 263 8.68 40.76 -11.09
CA VAL B 263 7.39 40.10 -10.91
C VAL B 263 6.84 39.64 -12.24
N MET B 264 7.12 40.36 -13.32
CA MET B 264 6.70 39.91 -14.64
C MET B 264 7.33 38.57 -14.98
N TYR B 265 8.65 38.48 -14.86
CA TYR B 265 9.32 37.23 -15.21
C TYR B 265 8.92 36.09 -14.27
N VAL B 266 8.83 36.40 -12.97
CA VAL B 266 8.48 35.36 -12.01
C VAL B 266 7.06 34.86 -12.22
N TYR B 267 6.12 35.78 -12.52
CA TYR B 267 4.76 35.34 -12.77
C TYR B 267 4.66 34.55 -14.05
N GLY B 268 5.41 34.94 -15.08
CA GLY B 268 5.41 34.14 -16.30
C GLY B 268 5.86 32.71 -16.04
N PHE B 269 6.96 32.56 -15.31
CA PHE B 269 7.45 31.20 -15.03
C PHE B 269 6.52 30.45 -14.10
N ASP B 270 5.91 31.14 -13.12
CA ASP B 270 4.99 30.46 -12.22
C ASP B 270 3.74 30.00 -12.96
N LEU B 271 3.18 30.85 -13.81
CA LEU B 271 2.04 30.46 -14.62
C LEU B 271 2.38 29.25 -15.47
N PHE B 272 3.52 29.29 -16.16
CA PHE B 272 3.88 28.18 -17.02
C PHE B 272 4.04 26.89 -16.21
N PHE B 273 4.74 26.96 -15.07
CA PHE B 273 5.01 25.73 -14.34
C PHE B 273 3.76 25.16 -13.71
N ASP B 274 2.91 26.01 -13.12
CA ASP B 274 1.68 25.53 -12.52
C ASP B 274 0.77 24.91 -13.58
N PHE B 275 0.60 25.61 -14.71
CA PHE B 275 -0.29 25.09 -15.73
C PHE B 275 0.26 23.82 -16.38
N ALA B 276 1.58 23.77 -16.61
CA ALA B 276 2.16 22.57 -17.18
C ALA B 276 2.06 21.41 -16.23
N GLY B 277 2.19 21.66 -14.92
CA GLY B 277 1.99 20.60 -13.95
C GLY B 277 0.58 20.06 -13.98
N TYR B 278 -0.41 20.96 -14.01
CA TYR B 278 -1.79 20.49 -14.10
C TYR B 278 -2.00 19.70 -15.39
N SER B 279 -1.49 20.20 -16.51
CA SER B 279 -1.73 19.54 -17.78
C SER B 279 -1.08 18.17 -17.81
N MET B 280 0.12 18.03 -17.26
CA MET B 280 0.75 16.72 -17.21
C MET B 280 -0.03 15.77 -16.31
N PHE B 281 -0.55 16.27 -15.19
CA PHE B 281 -1.42 15.44 -14.36
C PHE B 281 -2.65 14.98 -15.13
N ALA B 282 -3.29 15.91 -15.85
CA ALA B 282 -4.51 15.58 -16.58
C ALA B 282 -4.24 14.57 -17.68
N LEU B 283 -3.14 14.75 -18.42
CA LEU B 283 -2.80 13.81 -19.48
C LEU B 283 -2.45 12.44 -18.90
N ALA B 284 -1.79 12.41 -17.74
CA ALA B 284 -1.48 11.12 -17.11
C ALA B 284 -2.76 10.39 -16.72
N VAL B 285 -3.66 11.09 -16.04
CA VAL B 285 -4.91 10.44 -15.61
C VAL B 285 -5.74 10.03 -16.83
N SER B 286 -5.70 10.83 -17.90
CA SER B 286 -6.40 10.45 -19.11
C SER B 286 -5.80 9.18 -19.72
N ASN B 287 -4.47 9.09 -19.76
CA ASN B 287 -3.83 7.89 -20.29
C ASN B 287 -4.16 6.68 -19.44
N LEU B 288 -4.35 6.85 -18.13
CA LEU B 288 -4.77 5.73 -17.31
C LEU B 288 -6.18 5.24 -17.64
N MET B 289 -6.97 6.04 -18.35
CA MET B 289 -8.28 5.60 -18.83
C MET B 289 -8.25 5.12 -20.26
N GLY B 290 -7.09 5.11 -20.91
CA GLY B 290 -6.97 4.67 -22.27
C GLY B 290 -7.22 5.74 -23.32
N ILE B 291 -7.38 6.99 -22.93
CA ILE B 291 -7.62 8.10 -23.85
C ILE B 291 -6.47 9.09 -23.73
N LYS B 292 -5.86 9.43 -24.85
CA LYS B 292 -4.77 10.39 -24.87
C LYS B 292 -5.34 11.76 -25.27
N SER B 293 -5.53 12.63 -24.28
CA SER B 293 -6.06 13.96 -24.51
C SER B 293 -5.01 14.83 -25.19
N PRO B 294 -5.43 15.91 -25.85
CA PRO B 294 -4.46 16.79 -26.50
C PRO B 294 -3.48 17.38 -25.51
N ILE B 295 -2.23 17.54 -25.95
CA ILE B 295 -1.23 18.15 -25.08
C ILE B 295 -1.52 19.63 -24.92
N ASN B 296 -0.97 20.20 -23.85
CA ASN B 296 -1.15 21.61 -23.55
C ASN B 296 0.08 22.45 -23.84
N PHE B 297 1.27 22.00 -23.41
CA PHE B 297 2.51 22.72 -23.64
C PHE B 297 3.54 21.80 -24.26
N ASP B 298 4.25 22.31 -25.27
CA ASP B 298 5.36 21.58 -25.89
C ASP B 298 6.51 22.56 -26.08
N LYS B 299 7.33 22.72 -25.03
CA LYS B 299 8.48 23.63 -25.04
C LYS B 299 8.08 25.03 -25.49
N PRO B 300 7.40 25.81 -24.65
CA PRO B 300 6.91 27.11 -25.12
C PRO B 300 7.99 28.17 -25.28
N PHE B 301 9.06 28.10 -24.50
CA PHE B 301 9.99 29.22 -24.39
C PHE B 301 11.12 29.18 -25.41
N ILE B 302 11.16 28.17 -26.27
CA ILE B 302 12.10 28.15 -27.39
C ILE B 302 11.42 28.60 -28.69
N SER B 303 10.36 29.40 -28.57
CA SER B 303 9.45 29.63 -29.69
C SER B 303 10.14 30.35 -30.85
N ARG B 304 10.93 31.38 -30.55
CA ARG B 304 11.67 32.14 -31.54
C ARG B 304 10.73 33.02 -32.36
N ASP B 305 9.42 32.88 -32.17
CA ASP B 305 8.46 33.69 -32.91
C ASP B 305 7.12 33.60 -32.22
N MET B 306 6.21 34.52 -32.59
CA MET B 306 4.88 34.51 -32.00
C MET B 306 4.05 33.35 -32.52
N LYS B 307 4.07 33.10 -33.83
CA LYS B 307 3.33 31.98 -34.38
C LYS B 307 3.83 30.67 -33.82
N GLU B 308 5.15 30.50 -33.76
CA GLU B 308 5.73 29.30 -33.16
C GLU B 308 5.53 29.29 -31.65
N PHE B 309 5.06 30.38 -31.07
CA PHE B 309 4.66 30.36 -29.66
C PHE B 309 3.24 29.84 -29.51
N TRP B 310 2.29 30.40 -30.27
CA TRP B 310 0.92 29.93 -30.18
C TRP B 310 0.76 28.52 -30.72
N ASN B 311 1.73 28.00 -31.46
CA ASN B 311 1.79 26.59 -31.76
C ASN B 311 2.51 25.79 -30.68
N ARG B 312 2.84 26.42 -29.56
CA ARG B 312 3.49 25.74 -28.45
C ARG B 312 2.91 26.07 -27.08
N TRP B 313 2.22 27.18 -26.92
CA TRP B 313 1.69 27.59 -25.62
C TRP B 313 0.19 27.36 -25.58
N HIS B 314 -0.26 26.64 -24.56
CA HIS B 314 -1.67 26.24 -24.44
C HIS B 314 -2.14 25.65 -25.76
N MET B 315 -1.57 24.50 -26.09
CA MET B 315 -1.80 23.90 -27.39
C MET B 315 -3.29 23.64 -27.62
N SER B 316 -3.98 23.07 -26.64
CA SER B 316 -5.38 22.68 -26.83
C SER B 316 -6.24 23.90 -27.12
N LEU B 317 -6.17 24.91 -26.26
CA LEU B 317 -7.01 26.09 -26.43
C LEU B 317 -6.66 26.85 -27.71
N SER B 318 -5.37 27.02 -27.98
CA SER B 318 -4.96 27.76 -29.17
C SER B 318 -5.41 27.05 -30.43
N PHE B 319 -5.25 25.73 -30.47
CA PHE B 319 -5.70 24.97 -31.64
C PHE B 319 -7.21 25.00 -31.78
N TRP B 320 -7.94 24.96 -30.66
CA TRP B 320 -9.39 25.07 -30.75
C TRP B 320 -9.79 26.40 -31.37
N PHE B 321 -9.23 27.50 -30.86
CA PHE B 321 -9.60 28.80 -31.41
C PHE B 321 -9.13 28.96 -32.85
N ARG B 322 -8.04 28.28 -33.23
CA ARG B 322 -7.61 28.35 -34.61
C ARG B 322 -8.55 27.61 -35.53
N ASP B 323 -9.02 26.43 -35.11
CA ASP B 323 -9.85 25.60 -35.97
C ASP B 323 -11.27 26.14 -36.08
N PHE B 324 -11.87 26.58 -34.97
CA PHE B 324 -13.29 26.88 -34.97
C PHE B 324 -13.64 28.36 -34.97
N VAL B 325 -12.72 29.24 -34.56
CA VAL B 325 -13.01 30.67 -34.47
C VAL B 325 -12.21 31.47 -35.50
N PHE B 326 -10.99 31.04 -35.80
CA PHE B 326 -10.14 31.75 -36.75
C PHE B 326 -10.39 31.30 -38.19
N MET B 327 -10.27 29.99 -38.46
CA MET B 327 -10.47 29.48 -39.80
C MET B 327 -11.87 29.77 -40.31
N ARG B 328 -12.88 29.58 -39.45
CA ARG B 328 -14.25 29.85 -39.85
C ARG B 328 -14.44 31.32 -40.21
N LEU B 329 -13.85 32.22 -39.43
CA LEU B 329 -13.97 33.64 -39.73
C LEU B 329 -13.26 34.00 -41.03
N VAL B 330 -12.10 33.40 -41.28
CA VAL B 330 -11.43 33.63 -42.56
C VAL B 330 -12.30 33.17 -43.72
N ILE B 331 -12.92 31.99 -43.57
CA ILE B 331 -13.77 31.47 -44.64
C ILE B 331 -14.97 32.39 -44.86
N VAL B 332 -15.56 32.89 -43.77
CA VAL B 332 -16.69 33.81 -43.91
C VAL B 332 -16.27 35.08 -44.61
N LEU B 333 -15.13 35.66 -44.22
CA LEU B 333 -14.68 36.90 -44.84
C LEU B 333 -14.35 36.71 -46.31
N MET B 334 -13.77 35.57 -46.67
CA MET B 334 -13.48 35.32 -48.08
C MET B 334 -14.74 34.97 -48.87
N ARG B 335 -15.76 34.45 -48.20
CA ARG B 335 -17.01 34.14 -48.89
C ARG B 335 -17.68 35.40 -49.42
N ASN B 336 -17.69 36.47 -48.63
CA ASN B 336 -18.31 37.72 -49.02
C ASN B 336 -17.31 38.74 -49.56
N LYS B 337 -16.04 38.36 -49.68
CA LYS B 337 -14.94 39.23 -50.14
C LYS B 337 -15.08 40.65 -49.60
N VAL B 338 -15.15 40.74 -48.26
CA VAL B 338 -15.28 42.04 -47.61
C VAL B 338 -14.05 42.90 -47.86
N PHE B 339 -12.86 42.31 -47.74
CA PHE B 339 -11.61 43.02 -47.95
C PHE B 339 -10.99 42.65 -49.28
N LYS B 340 -10.17 43.55 -49.81
CA LYS B 340 -9.64 43.38 -51.16
C LYS B 340 -8.63 42.24 -51.24
N ASN B 341 -7.69 42.17 -50.31
CA ASN B 341 -6.58 41.23 -50.38
C ASN B 341 -6.63 40.24 -49.24
N ARG B 342 -5.85 39.17 -49.39
CA ARG B 342 -5.86 38.10 -48.39
C ARG B 342 -5.18 38.54 -47.10
N ASN B 343 -4.15 39.38 -47.19
CA ASN B 343 -3.43 39.79 -45.99
C ASN B 343 -4.32 40.58 -45.04
N THR B 344 -5.16 41.47 -45.58
CA THR B 344 -6.05 42.24 -44.73
C THR B 344 -7.03 41.35 -43.99
N THR B 345 -7.62 40.38 -44.69
CA THR B 345 -8.55 39.46 -44.04
C THR B 345 -7.83 38.63 -42.99
N SER B 346 -6.60 38.19 -43.27
CA SER B 346 -5.85 37.41 -42.29
C SER B 346 -5.55 38.24 -41.05
N ASN B 347 -5.15 39.50 -41.22
CA ASN B 347 -4.88 40.35 -40.06
C ASN B 347 -6.15 40.60 -39.25
N VAL B 348 -7.27 40.87 -39.93
CA VAL B 348 -8.52 41.12 -39.22
C VAL B 348 -8.95 39.87 -38.46
N ALA B 349 -8.80 38.69 -39.08
CA ALA B 349 -9.15 37.46 -38.40
C ALA B 349 -8.25 37.21 -37.20
N TYR B 350 -6.95 37.50 -37.33
CA TYR B 350 -6.06 37.39 -36.18
C TYR B 350 -6.55 38.25 -35.03
N ILE B 351 -6.85 39.52 -35.33
CA ILE B 351 -7.27 40.45 -34.27
C ILE B 351 -8.57 39.98 -33.62
N ILE B 352 -9.55 39.57 -34.44
CA ILE B 352 -10.84 39.17 -33.89
C ILE B 352 -10.71 37.89 -33.07
N ASN B 353 -9.92 36.93 -33.55
CA ASN B 353 -9.71 35.70 -32.79
C ASN B 353 -9.05 35.99 -31.45
N MET B 354 -8.04 36.85 -31.43
CA MET B 354 -7.38 37.13 -30.16
C MET B 354 -8.27 37.96 -29.24
N MET B 355 -9.09 38.84 -29.79
CA MET B 355 -10.05 39.56 -28.95
C MET B 355 -11.06 38.61 -28.33
N VAL B 356 -11.52 37.63 -29.10
CA VAL B 356 -12.46 36.65 -28.56
C VAL B 356 -11.79 35.80 -27.48
N MET B 357 -10.50 35.50 -27.66
CA MET B 357 -9.78 34.79 -26.60
C MET B 357 -9.69 35.64 -25.33
N GLY B 358 -9.35 36.91 -25.47
CA GLY B 358 -9.32 37.79 -24.32
C GLY B 358 -10.67 37.87 -23.62
N PHE B 359 -11.75 37.98 -24.40
CA PHE B 359 -13.09 37.94 -23.83
C PHE B 359 -13.33 36.64 -23.07
N TRP B 360 -12.96 35.50 -23.68
CA TRP B 360 -13.12 34.22 -23.02
C TRP B 360 -12.44 34.21 -21.67
N HIS B 361 -11.32 34.91 -21.54
CA HIS B 361 -10.65 34.94 -20.24
C HIS B 361 -11.49 35.67 -19.20
N GLY B 362 -12.18 36.72 -19.60
CA GLY B 362 -13.03 37.50 -18.71
C GLY B 362 -13.08 38.93 -19.19
N ILE B 363 -14.23 39.57 -18.96
CA ILE B 363 -14.46 40.93 -19.44
C ILE B 363 -13.92 41.88 -18.37
N THR B 364 -12.63 42.16 -18.44
CA THR B 364 -12.00 43.24 -17.69
C THR B 364 -11.18 44.06 -18.67
N TRP B 365 -10.45 45.05 -18.16
CA TRP B 365 -9.62 45.85 -19.04
C TRP B 365 -8.36 45.09 -19.46
N TYR B 366 -7.75 44.37 -18.53
CA TYR B 366 -6.45 43.76 -18.83
C TYR B 366 -6.58 42.51 -19.70
N TYR B 367 -7.69 41.76 -19.61
CA TYR B 367 -7.85 40.61 -20.50
C TYR B 367 -8.06 41.06 -21.94
N ILE B 368 -8.87 42.10 -22.16
CA ILE B 368 -9.04 42.62 -23.51
C ILE B 368 -7.73 43.22 -24.00
N ALA B 369 -6.97 43.86 -23.11
CA ALA B 369 -5.65 44.37 -23.49
C ALA B 369 -4.74 43.23 -23.92
N TYR B 370 -4.76 42.11 -23.18
CA TYR B 370 -3.98 40.94 -23.54
C TYR B 370 -4.38 40.43 -24.92
N GLY B 371 -5.69 40.33 -25.17
CA GLY B 371 -6.15 39.83 -26.46
C GLY B 371 -5.71 40.72 -27.61
N ILE B 372 -5.93 42.02 -27.48
CA ILE B 372 -5.58 42.91 -28.58
C ILE B 372 -4.06 43.01 -28.73
N PHE B 373 -3.33 42.87 -27.62
CA PHE B 373 -1.87 42.90 -27.68
C PHE B 373 -1.34 41.69 -28.44
N HIS B 374 -1.84 40.50 -28.16
CA HIS B 374 -1.40 39.33 -28.90
C HIS B 374 -1.87 39.38 -30.35
N GLY B 375 -3.05 39.95 -30.62
CA GLY B 375 -3.46 40.11 -32.00
C GLY B 375 -2.53 41.01 -32.78
N ILE B 376 -2.15 42.13 -32.18
CA ILE B 376 -1.19 43.03 -32.82
C ILE B 376 0.16 42.32 -32.99
N GLY B 377 0.55 41.52 -32.01
CA GLY B 377 1.79 40.76 -32.14
C GLY B 377 1.78 39.82 -33.33
N LEU B 378 0.69 39.07 -33.49
CA LEU B 378 0.59 38.16 -34.62
C LEU B 378 0.56 38.92 -35.94
N VAL B 379 -0.15 40.06 -35.99
CA VAL B 379 -0.22 40.82 -37.23
C VAL B 379 1.15 41.34 -37.61
N ILE B 380 1.89 41.91 -36.65
CA ILE B 380 3.21 42.43 -36.97
C ILE B 380 4.18 41.30 -37.28
N ASN B 381 3.98 40.12 -36.68
CA ASN B 381 4.81 38.97 -37.04
C ASN B 381 4.59 38.55 -38.49
N ASP B 382 3.33 38.51 -38.92
CA ASP B 382 3.05 38.20 -40.32
C ASP B 382 3.64 39.25 -41.25
N ALA B 383 3.52 40.53 -40.87
CA ALA B 383 4.14 41.59 -41.65
C ALA B 383 5.65 41.42 -41.71
N TRP B 384 6.26 41.03 -40.59
CA TRP B 384 7.71 40.80 -40.56
C TRP B 384 8.09 39.66 -41.47
N LEU B 385 7.32 38.57 -41.49
CA LEU B 385 7.63 37.47 -42.37
C LEU B 385 7.56 37.90 -43.83
N ARG B 386 6.51 38.65 -44.19
CA ARG B 386 6.41 39.12 -45.58
C ARG B 386 7.55 40.06 -45.93
N LYS B 387 7.89 40.98 -45.04
CA LYS B 387 8.97 41.92 -45.32
C LYS B 387 10.32 41.23 -45.42
N LYS B 388 10.57 40.25 -44.54
CA LYS B 388 11.80 39.49 -44.62
C LYS B 388 11.89 38.72 -45.92
N LYS B 389 10.78 38.12 -46.36
CA LYS B 389 10.79 37.39 -47.62
C LYS B 389 11.07 38.32 -48.80
N THR B 390 10.42 39.49 -48.83
CA THR B 390 10.65 40.39 -49.95
C THR B 390 12.04 41.01 -49.92
N ILE B 391 12.59 41.26 -48.73
CA ILE B 391 13.96 41.75 -48.63
C ILE B 391 14.95 40.69 -49.08
N ASN B 392 14.70 39.43 -48.73
CA ASN B 392 15.55 38.34 -49.20
C ASN B 392 15.48 38.23 -50.72
N LYS B 393 14.30 38.38 -51.30
CA LYS B 393 14.17 38.39 -52.75
C LYS B 393 14.95 39.54 -53.36
N ASP B 394 14.87 40.73 -52.75
CA ASP B 394 15.59 41.88 -53.27
C ASP B 394 17.09 41.66 -53.24
N ARG B 395 17.59 41.09 -52.15
CA ARG B 395 19.03 40.82 -52.06
C ARG B 395 19.45 39.75 -53.05
N LYS B 396 18.62 38.72 -53.24
CA LYS B 396 18.95 37.67 -54.20
C LYS B 396 19.00 38.20 -55.63
N LYS B 397 18.05 39.08 -55.97
CA LYS B 397 18.05 39.66 -57.31
C LYS B 397 19.29 40.51 -57.56
N ALA B 398 19.77 41.19 -56.51
CA ALA B 398 20.94 42.06 -56.64
C ALA B 398 22.25 41.30 -56.54
N GLY B 399 22.21 39.99 -56.29
CA GLY B 399 23.41 39.19 -56.20
C GLY B 399 24.03 39.12 -54.82
N LEU B 400 23.52 39.88 -53.86
CA LEU B 400 24.06 39.88 -52.52
C LEU B 400 23.71 38.58 -51.80
N LYS B 401 24.47 38.30 -50.73
CA LYS B 401 24.20 37.12 -49.92
C LYS B 401 22.89 37.29 -49.15
N PRO B 402 22.09 36.24 -49.03
CA PRO B 402 20.84 36.35 -48.26
C PRO B 402 21.11 36.66 -46.80
N LEU B 403 20.08 37.19 -46.14
CA LEU B 403 20.21 37.59 -44.75
C LEU B 403 20.56 36.37 -43.89
N PRO B 404 21.41 36.54 -42.88
CA PRO B 404 21.89 35.38 -42.12
C PRO B 404 20.80 34.72 -41.30
N GLU B 405 20.94 33.41 -41.12
CA GLU B 405 20.12 32.62 -40.19
C GLU B 405 21.11 31.74 -39.44
N ASN B 406 21.55 32.19 -38.28
CA ASN B 406 22.58 31.52 -37.51
C ASN B 406 22.21 31.55 -36.05
N LYS B 407 23.18 31.24 -35.18
CA LYS B 407 22.93 31.22 -33.75
C LYS B 407 22.54 32.59 -33.23
N TRP B 408 23.17 33.65 -33.74
CA TRP B 408 22.86 34.98 -33.23
C TRP B 408 21.46 35.43 -33.61
N THR B 409 21.04 35.18 -34.85
CA THR B 409 19.69 35.54 -35.26
C THR B 409 18.65 34.74 -34.47
N LYS B 410 18.89 33.45 -34.27
CA LYS B 410 17.96 32.63 -33.49
C LYS B 410 17.90 33.12 -32.06
N ALA B 411 19.03 33.49 -31.48
CA ALA B 411 19.04 34.01 -30.12
C ALA B 411 18.28 35.33 -30.03
N LEU B 412 18.44 36.19 -31.04
CA LEU B 412 17.69 37.45 -31.06
C LEU B 412 16.19 37.20 -31.13
N GLY B 413 15.78 36.26 -31.98
CA GLY B 413 14.36 35.93 -32.06
C GLY B 413 13.82 35.37 -30.77
N ILE B 414 14.59 34.47 -30.13
CA ILE B 414 14.18 33.92 -28.84
C ILE B 414 14.04 35.03 -27.82
N PHE B 415 14.99 35.96 -27.79
CA PHE B 415 14.96 37.04 -26.81
C PHE B 415 13.73 37.94 -27.03
N ILE B 416 13.46 38.31 -28.28
CA ILE B 416 12.32 39.19 -28.56
C ILE B 416 11.02 38.49 -28.20
N THR B 417 10.87 37.23 -28.61
CA THR B 417 9.64 36.51 -28.32
C THR B 417 9.46 36.31 -26.83
N PHE B 418 10.54 35.98 -26.12
CA PHE B 418 10.44 35.77 -24.68
C PHE B 418 10.05 37.06 -23.97
N ASN B 419 10.64 38.19 -24.35
CA ASN B 419 10.27 39.45 -23.74
C ASN B 419 8.81 39.82 -24.02
N THR B 420 8.37 39.65 -25.26
CA THR B 420 6.99 39.98 -25.59
C THR B 420 6.02 39.07 -24.84
N VAL B 421 6.32 37.78 -24.76
CA VAL B 421 5.45 36.85 -24.06
C VAL B 421 5.40 37.18 -22.58
N MET B 422 6.53 37.53 -21.97
CA MET B 422 6.51 37.88 -20.56
C MET B 422 5.75 39.17 -20.31
N LEU B 423 5.87 40.15 -21.21
CA LEU B 423 5.06 41.35 -21.08
C LEU B 423 3.59 41.01 -21.15
N SER B 424 3.22 40.12 -22.07
CA SER B 424 1.83 39.68 -22.18
C SER B 424 1.36 39.01 -20.90
N PHE B 425 2.22 38.18 -20.30
CA PHE B 425 1.81 37.50 -19.07
C PHE B 425 1.77 38.46 -17.88
N LEU B 426 2.50 39.56 -17.96
CA LEU B 426 2.32 40.61 -16.94
C LEU B 426 0.98 41.29 -17.10
N ILE B 427 0.60 41.64 -18.33
CA ILE B 427 -0.69 42.30 -18.56
C ILE B 427 -1.83 41.35 -18.16
N PHE B 428 -1.73 40.08 -18.54
CA PHE B 428 -2.72 39.08 -18.16
C PHE B 428 -2.73 38.83 -16.65
N SER B 429 -1.63 39.11 -15.96
CA SER B 429 -1.55 38.83 -14.53
C SER B 429 -2.57 39.66 -13.75
N GLY B 430 -2.94 40.81 -14.27
CA GLY B 430 -3.77 41.74 -13.51
C GLY B 430 -3.00 42.58 -12.53
N PHE B 431 -1.68 42.38 -12.41
CA PHE B 431 -0.89 43.19 -11.50
C PHE B 431 -0.83 44.64 -11.96
N LEU B 432 -0.94 44.89 -13.27
CA LEU B 432 -0.98 46.27 -13.74
C LEU B 432 -2.21 46.99 -13.22
N ASN B 433 -3.30 46.26 -13.00
CA ASN B 433 -4.47 46.87 -12.39
C ASN B 433 -4.16 47.38 -10.99
N ASP B 434 -3.33 46.66 -10.25
CA ASP B 434 -2.96 47.09 -8.91
C ASP B 434 -1.96 48.24 -8.95
N LEU B 435 -0.79 48.00 -9.55
CA LEU B 435 0.27 49.01 -9.52
C LEU B 435 -0.13 50.26 -10.28
N TRP B 436 -0.56 50.10 -11.53
CA TRP B 436 -0.80 51.24 -12.40
C TRP B 436 -2.06 51.99 -12.00
N PHE B 437 -3.20 51.33 -12.01
CA PHE B 437 -4.48 51.94 -11.72
C PHE B 437 -4.84 51.78 -10.25
N THR B 438 -6.07 52.13 -9.91
CA THR B 438 -6.59 52.09 -8.54
C THR B 438 -5.64 52.89 -7.65
N LYS B 439 -5.53 52.50 -6.38
CA LYS B 439 -4.58 53.11 -5.46
C LYS B 439 -3.52 52.12 -5.01
N LYS B 440 -3.94 50.99 -4.43
CA LYS B 440 -3.00 49.96 -3.98
C LYS B 440 -3.55 48.59 -4.30
N PHE C 22 8.68 34.49 3.89
CA PHE C 22 8.50 33.09 3.54
C PHE C 22 9.83 32.49 3.09
N GLN C 23 10.66 33.31 2.46
CA GLN C 23 11.97 32.88 1.97
C GLN C 23 13.12 33.65 2.59
N GLY C 24 12.99 34.96 2.75
CA GLY C 24 14.10 35.76 3.25
C GLY C 24 15.26 35.75 2.28
N SER C 25 16.34 35.07 2.66
CA SER C 25 17.45 34.81 1.75
C SER C 25 17.38 33.37 1.26
N MET C 26 17.94 33.14 0.07
CA MET C 26 17.89 31.80 -0.52
C MET C 26 18.64 30.79 0.34
N ILE C 27 19.71 31.22 1.01
CA ILE C 27 20.48 30.30 1.84
C ILE C 27 19.65 29.78 3.00
N ASP C 28 18.85 30.65 3.62
CA ASP C 28 17.99 30.21 4.71
C ASP C 28 16.95 29.21 4.23
N PHE C 29 16.36 29.44 3.05
CA PHE C 29 15.41 28.48 2.50
C PHE C 29 16.09 27.15 2.22
N LEU C 30 17.31 27.18 1.69
CA LEU C 30 18.04 25.93 1.47
C LEU C 30 18.31 25.21 2.79
N LYS C 31 18.66 25.96 3.83
CA LYS C 31 18.83 25.36 5.15
C LYS C 31 17.54 24.72 5.65
N GLN C 32 16.40 25.32 5.33
CA GLN C 32 15.11 24.76 5.75
C GLN C 32 14.85 23.39 5.15
N LEU C 33 15.50 23.07 4.03
CA LEU C 33 15.23 21.82 3.33
C LEU C 33 15.66 20.62 4.19
N PRO C 34 15.08 19.44 3.96
CA PRO C 34 15.47 18.27 4.74
C PRO C 34 16.92 17.89 4.48
N HIS C 35 17.53 17.26 5.47
CA HIS C 35 18.92 16.82 5.40
C HIS C 35 18.97 15.33 5.71
N LEU C 36 19.56 14.56 4.80
CA LEU C 36 19.73 13.12 4.96
C LEU C 36 21.21 12.80 4.80
N GLU C 37 21.86 12.43 5.88
CA GLU C 37 23.27 12.08 5.81
C GLU C 37 23.43 10.86 4.90
N PRO C 38 24.32 10.89 3.93
CA PRO C 38 24.48 9.73 3.03
C PRO C 38 24.98 8.51 3.77
N TYR C 39 24.14 7.47 3.86
CA TYR C 39 24.44 6.26 4.62
C TYR C 39 24.72 6.59 6.09
N GLY C 40 23.73 7.22 6.71
CA GLY C 40 23.82 7.58 8.11
C GLY C 40 23.14 6.55 8.98
N ASN C 41 21.95 6.84 9.47
CA ASN C 41 21.19 5.84 10.19
C ASN C 41 20.76 4.73 9.23
N PRO C 42 20.55 3.51 9.73
CA PRO C 42 20.13 2.41 8.86
C PRO C 42 18.85 2.69 8.11
N PHE C 43 17.93 3.49 8.67
CA PHE C 43 16.67 3.77 8.01
C PHE C 43 16.88 4.42 6.65
N TYR C 44 18.05 5.04 6.43
CA TYR C 44 18.39 5.57 5.12
C TYR C 44 18.18 4.52 4.03
N PHE C 45 18.69 3.31 4.27
CA PHE C 45 18.58 2.26 3.27
C PHE C 45 17.15 1.85 3.00
N ILE C 46 16.23 2.14 3.92
CA ILE C 46 14.82 1.99 3.59
C ILE C 46 14.44 2.93 2.46
N TYR C 47 14.68 4.23 2.67
CA TYR C 47 14.35 5.23 1.65
C TYR C 47 14.92 4.84 0.30
N LEU C 48 16.26 4.75 0.24
CA LEU C 48 16.92 4.34 -0.99
C LEU C 48 16.31 3.05 -1.51
N GLY C 49 16.13 2.06 -0.63
CA GLY C 49 15.54 0.81 -1.07
C GLY C 49 14.24 1.04 -1.80
N ILE C 50 13.31 1.74 -1.16
CA ILE C 50 12.04 2.04 -1.83
C ILE C 50 12.31 2.87 -3.07
N ALA C 51 13.16 3.89 -2.96
CA ALA C 51 13.46 4.73 -4.09
C ALA C 51 14.10 3.94 -5.22
N LEU C 52 14.83 2.87 -4.89
CA LEU C 52 15.45 2.04 -5.90
C LEU C 52 14.67 0.77 -6.17
N LEU C 53 13.51 0.59 -5.55
CA LEU C 53 12.68 -0.56 -5.86
C LEU C 53 12.26 -0.58 -7.33
N PRO C 54 11.76 0.52 -7.93
CA PRO C 54 11.36 0.43 -9.34
C PRO C 54 12.53 0.21 -10.29
N ILE C 55 13.58 1.03 -10.15
CA ILE C 55 14.66 1.03 -11.14
C ILE C 55 15.22 -0.37 -11.30
N PHE C 56 15.56 -1.01 -10.18
CA PHE C 56 16.17 -2.35 -10.27
C PHE C 56 15.23 -3.33 -10.95
N ILE C 57 13.93 -3.24 -10.66
CA ILE C 57 12.98 -4.11 -11.34
C ILE C 57 13.02 -3.85 -12.84
N GLY C 58 13.03 -2.57 -13.24
CA GLY C 58 13.17 -2.24 -14.64
C GLY C 58 14.45 -2.76 -15.24
N LEU C 59 15.47 -3.03 -14.41
CA LEU C 59 16.72 -3.57 -14.92
C LEU C 59 16.56 -5.01 -15.38
N PHE C 60 15.63 -5.76 -14.78
CA PHE C 60 15.43 -7.14 -15.20
C PHE C 60 15.04 -7.21 -16.66
N PHE C 61 14.17 -6.32 -17.10
CA PHE C 61 13.90 -6.14 -18.51
C PHE C 61 14.91 -5.14 -19.06
N LYS C 62 14.88 -4.90 -20.37
CA LYS C 62 15.92 -4.13 -21.02
C LYS C 62 15.60 -2.65 -21.11
N LYS C 63 14.89 -2.09 -20.14
CA LYS C 63 14.47 -0.69 -20.18
C LYS C 63 14.94 0.03 -18.93
N ARG C 64 15.20 1.33 -19.08
CA ARG C 64 15.63 2.20 -18.00
C ARG C 64 14.77 3.45 -18.00
N PHE C 65 14.42 3.93 -16.80
CA PHE C 65 13.56 5.09 -16.63
C PHE C 65 14.44 6.31 -16.39
N ALA C 66 14.72 7.05 -17.46
CA ALA C 66 15.67 8.15 -17.37
C ALA C 66 15.16 9.27 -16.45
N ILE C 67 13.89 9.62 -16.58
CA ILE C 67 13.34 10.72 -15.77
C ILE C 67 13.35 10.34 -14.29
N TYR C 68 12.93 9.13 -13.98
CA TYR C 68 12.89 8.70 -12.59
C TYR C 68 14.29 8.64 -11.98
N GLU C 69 15.26 8.13 -12.73
CA GLU C 69 16.62 8.09 -12.23
C GLU C 69 17.16 9.49 -11.99
N CYS C 70 16.94 10.40 -12.94
CA CYS C 70 17.42 11.77 -12.75
C CYS C 70 16.77 12.42 -11.54
N LEU C 71 15.46 12.24 -11.38
CA LEU C 71 14.77 12.87 -10.26
C LEU C 71 15.24 12.31 -8.93
N VAL C 72 15.39 10.99 -8.82
CA VAL C 72 15.82 10.40 -7.56
C VAL C 72 17.27 10.78 -7.25
N SER C 73 18.12 10.84 -8.28
CA SER C 73 19.50 11.24 -8.07
C SER C 73 19.59 12.67 -7.57
N ILE C 74 18.85 13.59 -8.20
CA ILE C 74 18.85 14.97 -7.76
C ILE C 74 18.29 15.07 -6.35
N THR C 75 17.23 14.31 -6.06
CA THR C 75 16.63 14.34 -4.72
C THR C 75 17.65 13.96 -3.66
N PHE C 76 18.33 12.83 -3.85
CA PHE C 76 19.23 12.37 -2.80
C PHE C 76 20.51 13.20 -2.73
N ILE C 77 20.98 13.73 -3.87
CA ILE C 77 22.12 14.65 -3.82
C ILE C 77 21.77 15.90 -3.03
N VAL C 78 20.59 16.48 -3.30
CA VAL C 78 20.17 17.68 -2.57
C VAL C 78 20.01 17.37 -1.09
N LEU C 79 19.39 16.23 -0.76
CA LEU C 79 19.21 15.88 0.64
C LEU C 79 20.56 15.72 1.34
N ALA C 80 21.54 15.12 0.66
CA ALA C 80 22.85 14.97 1.28
C ALA C 80 23.58 16.30 1.39
N LEU C 81 23.26 17.26 0.53
CA LEU C 81 23.98 18.53 0.52
C LEU C 81 23.41 19.58 1.46
N THR C 82 22.15 19.47 1.87
CA THR C 82 21.53 20.48 2.72
C THR C 82 22.02 20.33 4.16
N GLY C 83 21.39 21.07 5.08
CA GLY C 83 21.81 21.04 6.47
C GLY C 83 22.39 22.36 6.91
N THR C 84 23.39 22.31 7.80
CA THR C 84 24.02 23.56 8.23
C THR C 84 24.76 24.23 7.08
N HIS C 85 25.44 23.45 6.26
CA HIS C 85 26.15 23.97 5.09
C HIS C 85 25.29 23.84 3.84
N ALA C 86 24.10 24.44 3.88
CA ALA C 86 23.22 24.33 2.72
C ALA C 86 23.69 25.21 1.57
N SER C 87 24.40 26.30 1.86
CA SER C 87 24.87 27.19 0.81
C SER C 87 25.75 26.48 -0.20
N GLN C 88 26.39 25.39 0.19
CA GLN C 88 27.23 24.63 -0.72
C GLN C 88 26.45 24.14 -1.94
N ILE C 89 25.13 24.04 -1.84
CA ILE C 89 24.33 23.66 -3.00
C ILE C 89 24.60 24.62 -4.15
N LEU C 90 24.61 25.92 -3.86
CA LEU C 90 24.96 26.88 -4.89
C LEU C 90 26.35 26.60 -5.44
N ALA C 91 27.30 26.32 -4.55
CA ALA C 91 28.65 26.00 -4.98
C ALA C 91 28.66 24.78 -5.90
N LEU C 92 27.71 23.87 -5.73
CA LEU C 92 27.59 22.76 -6.66
C LEU C 92 27.17 23.26 -8.04
N LEU C 93 26.10 24.05 -8.10
CA LEU C 93 25.54 24.45 -9.39
C LEU C 93 26.60 25.16 -10.22
N PHE C 94 27.24 26.19 -9.66
CA PHE C 94 28.33 26.86 -10.36
C PHE C 94 29.35 25.85 -10.84
N TYR C 95 29.78 24.96 -9.95
CA TYR C 95 30.77 23.95 -10.34
C TYR C 95 30.31 23.21 -11.57
N ILE C 96 29.06 22.73 -11.57
CA ILE C 96 28.56 21.98 -12.71
C ILE C 96 28.73 22.80 -13.98
N VAL C 97 28.25 24.05 -13.94
CA VAL C 97 28.35 24.90 -15.12
C VAL C 97 29.80 25.03 -15.55
N TRP C 98 30.69 25.25 -14.57
CA TRP C 98 32.11 25.37 -14.88
C TRP C 98 32.58 24.17 -15.70
N GLN C 99 32.25 22.96 -15.23
CA GLN C 99 32.68 21.79 -15.97
C GLN C 99 32.08 21.77 -17.37
N ILE C 100 30.78 22.06 -17.47
CA ILE C 100 30.13 22.07 -18.77
C ILE C 100 30.77 23.10 -19.67
N ILE C 101 31.31 24.18 -19.09
CA ILE C 101 31.98 25.18 -19.90
C ILE C 101 33.29 24.64 -20.44
N TRP C 102 34.04 23.90 -19.63
CA TRP C 102 35.41 23.56 -19.98
C TRP C 102 35.62 22.13 -20.42
N VAL C 103 34.66 21.23 -20.18
CA VAL C 103 34.68 19.94 -20.85
C VAL C 103 34.29 20.10 -22.31
N TYR C 104 33.08 20.61 -22.55
CA TYR C 104 32.56 20.71 -23.90
C TYR C 104 33.45 21.55 -24.79
N SER C 105 34.00 22.64 -24.25
CA SER C 105 34.93 23.45 -25.02
C SER C 105 36.04 22.58 -25.59
N TYR C 106 36.68 21.79 -24.74
CA TYR C 106 37.76 20.94 -25.23
C TYR C 106 37.27 20.01 -26.31
N LYS C 107 36.04 19.51 -26.16
CA LYS C 107 35.46 18.63 -27.18
C LYS C 107 35.58 19.27 -28.56
N ARG C 108 35.14 20.52 -28.68
CA ARG C 108 35.24 21.20 -29.96
C ARG C 108 36.69 21.26 -30.40
N TYR C 109 37.58 21.69 -29.50
CA TYR C 109 39.00 21.73 -29.83
C TYR C 109 39.51 20.35 -30.18
N ARG C 110 38.98 19.32 -29.51
CA ARG C 110 39.44 17.96 -29.76
C ARG C 110 39.16 17.56 -31.20
N SER C 111 38.12 18.11 -31.81
CA SER C 111 37.82 17.74 -33.19
C SER C 111 38.77 18.40 -34.18
N GLN C 112 39.48 19.46 -33.77
CA GLN C 112 40.35 20.20 -34.68
C GLN C 112 41.79 19.72 -34.61
N ARG C 113 42.42 19.82 -33.44
CA ARG C 113 43.82 19.46 -33.28
C ARG C 113 44.07 19.25 -31.79
N ASP C 114 45.20 18.60 -31.49
CA ASP C 114 45.60 18.35 -30.10
C ASP C 114 46.94 19.01 -29.85
N ASN C 115 46.89 20.28 -29.43
CA ASN C 115 48.08 20.97 -28.97
C ASN C 115 48.25 20.72 -27.47
N LYS C 116 49.47 20.40 -27.05
CA LYS C 116 49.70 19.98 -25.67
C LYS C 116 49.30 21.08 -24.69
N TRP C 117 49.66 22.32 -24.99
CA TRP C 117 49.41 23.39 -24.04
C TRP C 117 47.92 23.65 -23.86
N VAL C 118 47.13 23.48 -24.92
CA VAL C 118 45.68 23.64 -24.78
C VAL C 118 45.11 22.54 -23.89
N PHE C 119 45.61 21.32 -24.03
CA PHE C 119 45.17 20.23 -23.15
C PHE C 119 45.54 20.52 -21.70
N TYR C 120 46.76 21.01 -21.48
CA TYR C 120 47.16 21.35 -20.11
C TYR C 120 46.28 22.46 -19.54
N LEU C 121 45.98 23.47 -20.35
CA LEU C 121 45.12 24.56 -19.89
C LEU C 121 43.73 24.07 -19.55
N HIS C 122 43.16 23.19 -20.38
CA HIS C 122 41.82 22.70 -20.11
C HIS C 122 41.79 21.81 -18.87
N SER C 123 42.79 20.95 -18.70
CA SER C 123 42.85 20.14 -17.48
C SER C 123 43.01 21.01 -16.24
N PHE C 124 43.86 22.04 -16.33
CA PHE C 124 44.04 22.95 -15.21
C PHE C 124 42.76 23.67 -14.87
N LEU C 125 42.03 24.14 -15.88
CA LEU C 125 40.77 24.84 -15.62
C LEU C 125 39.68 23.89 -15.15
N VAL C 126 39.78 22.60 -15.45
CA VAL C 126 38.83 21.64 -14.91
C VAL C 126 39.10 21.37 -13.44
N VAL C 127 40.38 21.27 -13.06
CA VAL C 127 40.72 21.02 -11.65
C VAL C 127 40.86 22.30 -10.84
N LEU C 128 40.64 23.47 -11.45
CA LEU C 128 40.80 24.72 -10.71
C LEU C 128 39.90 24.86 -9.50
N PRO C 129 38.61 24.50 -9.52
CA PRO C 129 37.83 24.57 -8.28
C PRO C 129 38.43 23.75 -7.15
N LEU C 130 38.94 22.56 -7.44
CA LEU C 130 39.56 21.76 -6.38
C LEU C 130 40.85 22.40 -5.91
N ILE C 131 41.61 23.00 -6.82
CA ILE C 131 42.84 23.69 -6.40
C ILE C 131 42.49 24.83 -5.44
N LEU C 132 41.46 25.60 -5.77
CA LEU C 132 41.04 26.68 -4.88
C LEU C 132 40.56 26.15 -3.53
N VAL C 133 39.81 25.06 -3.54
CA VAL C 133 39.31 24.51 -2.29
C VAL C 133 40.47 24.05 -1.41
N LYS C 134 41.45 23.37 -1.99
CA LYS C 134 42.55 22.85 -1.20
C LYS C 134 43.59 23.91 -0.85
N VAL C 135 43.59 25.07 -1.51
CA VAL C 135 44.58 26.10 -1.24
C VAL C 135 44.02 27.31 -0.52
N GLU C 136 42.71 27.43 -0.36
CA GLU C 136 42.15 28.61 0.29
C GLU C 136 42.36 28.60 1.79
N PRO C 137 42.00 27.55 2.54
CA PRO C 137 42.19 27.62 4.00
C PRO C 137 43.64 27.83 4.43
N THR C 138 44.60 27.38 3.62
CA THR C 138 46.00 27.49 4.03
C THR C 138 46.46 28.94 4.04
N ILE C 139 46.00 29.76 3.08
CA ILE C 139 46.57 31.09 2.92
C ILE C 139 46.18 31.98 4.09
N ASN C 140 44.89 32.33 4.19
CA ASN C 140 44.42 33.04 5.37
C ASN C 140 43.02 32.67 5.83
N GLY C 141 42.21 32.02 5.00
CA GLY C 141 40.78 31.94 5.23
C GLY C 141 40.37 30.71 6.02
N THR C 142 39.08 30.38 5.91
CA THR C 142 38.50 29.19 6.50
C THR C 142 38.14 28.14 5.46
N GLN C 143 37.40 28.52 4.42
CA GLN C 143 37.00 27.62 3.35
C GLN C 143 36.61 28.46 2.14
N SER C 144 36.93 27.97 0.95
CA SER C 144 36.56 28.68 -0.25
C SER C 144 35.06 28.54 -0.52
N LEU C 145 34.51 29.50 -1.25
CA LEU C 145 33.07 29.52 -1.48
C LEU C 145 32.63 28.31 -2.28
N LEU C 146 33.38 27.95 -3.32
CA LEU C 146 32.95 26.90 -4.24
C LEU C 146 33.08 25.50 -3.65
N ASN C 147 33.67 25.36 -2.47
CA ASN C 147 33.79 24.06 -1.84
C ASN C 147 32.43 23.49 -1.49
N PHE C 148 32.27 22.18 -1.73
CA PHE C 148 31.07 21.47 -1.29
C PHE C 148 31.48 20.04 -0.96
N LEU C 149 30.49 19.16 -0.81
CA LEU C 149 30.73 17.87 -0.17
C LEU C 149 31.63 16.98 -1.02
N GLY C 150 31.30 16.79 -2.28
CA GLY C 150 31.97 15.81 -3.11
C GLY C 150 32.99 16.33 -4.10
N ILE C 151 33.41 17.59 -3.99
CA ILE C 151 34.28 18.16 -5.00
C ILE C 151 35.60 17.41 -5.10
N SER C 152 36.04 16.77 -4.02
CA SER C 152 37.29 16.04 -4.07
C SER C 152 37.19 14.80 -4.95
N TYR C 153 36.02 14.17 -4.99
CA TYR C 153 35.82 12.94 -5.75
C TYR C 153 35.01 13.16 -7.01
N LEU C 154 34.78 14.40 -7.41
CA LEU C 154 34.13 14.72 -8.67
C LEU C 154 35.10 15.28 -9.71
N THR C 155 36.13 16.01 -9.28
CA THR C 155 37.17 16.42 -10.20
C THR C 155 37.78 15.23 -10.93
N PHE C 156 37.95 14.12 -10.23
CA PHE C 156 38.47 12.91 -10.86
C PHE C 156 37.56 12.43 -11.98
N ARG C 157 36.26 12.65 -11.85
CA ARG C 157 35.35 12.28 -12.92
C ARG C 157 35.27 13.33 -14.03
N ALA C 158 35.82 14.52 -13.82
CA ALA C 158 35.84 15.55 -14.86
C ALA C 158 37.17 15.56 -15.60
N VAL C 159 38.28 15.72 -14.87
CA VAL C 159 39.60 15.62 -15.48
C VAL C 159 39.89 14.21 -15.97
N GLY C 160 39.01 13.26 -15.68
CA GLY C 160 39.09 11.95 -16.30
C GLY C 160 38.55 11.89 -17.70
N MET C 161 37.93 12.97 -18.17
CA MET C 161 37.49 13.12 -19.54
C MET C 161 38.46 13.92 -20.40
N ILE C 162 38.95 15.05 -19.88
CA ILE C 162 39.92 15.84 -20.62
C ILE C 162 41.12 14.99 -21.00
N ILE C 163 41.50 14.06 -20.14
CA ILE C 163 42.58 13.13 -20.48
C ILE C 163 42.12 12.14 -21.54
N GLU C 164 40.92 11.58 -21.38
CA GLU C 164 40.45 10.55 -22.32
C GLU C 164 40.31 11.12 -23.72
N MET C 165 39.82 12.36 -23.85
CA MET C 165 39.79 13.00 -25.15
C MET C 165 41.21 13.19 -25.68
N ARG C 166 42.14 13.59 -24.81
CA ARG C 166 43.50 13.86 -25.26
C ARG C 166 44.14 12.61 -25.86
N ASP C 167 43.80 11.44 -25.36
CA ASP C 167 44.28 10.20 -25.93
C ASP C 167 43.40 9.67 -27.04
N GLY C 168 42.26 10.30 -27.31
CA GLY C 168 41.41 9.94 -28.42
C GLY C 168 40.47 8.78 -28.19
N VAL C 169 40.45 8.20 -26.99
CA VAL C 169 39.53 7.10 -26.71
C VAL C 169 38.10 7.56 -26.54
N LEU C 170 37.87 8.88 -26.51
CA LEU C 170 36.54 9.44 -26.36
C LEU C 170 36.33 10.42 -27.50
N LYS C 171 35.24 10.27 -28.23
CA LYS C 171 35.01 11.18 -29.34
C LYS C 171 33.65 11.86 -29.30
N GLU C 172 32.59 11.12 -28.92
CA GLU C 172 31.25 11.68 -28.94
C GLU C 172 30.50 11.26 -27.68
N PHE C 173 29.75 12.20 -27.12
CA PHE C 173 28.89 11.95 -25.97
C PHE C 173 27.94 13.13 -25.82
N THR C 174 26.74 12.83 -25.31
CA THR C 174 25.73 13.85 -25.09
C THR C 174 25.86 14.43 -23.68
N LEU C 175 25.18 15.55 -23.46
CA LEU C 175 25.16 16.15 -22.12
C LEU C 175 24.47 15.24 -21.12
N GLY C 176 23.48 14.47 -21.57
CA GLY C 176 22.84 13.53 -20.66
C GLY C 176 23.83 12.53 -20.09
N GLU C 177 24.65 11.94 -20.96
CA GLU C 177 25.65 10.97 -20.50
C GLU C 177 26.66 11.63 -19.57
N PHE C 178 27.13 12.82 -19.93
CA PHE C 178 28.15 13.50 -19.13
C PHE C 178 27.63 13.83 -17.74
N LEU C 179 26.45 14.44 -17.65
CA LEU C 179 25.91 14.83 -16.36
C LEU C 179 25.27 13.66 -15.62
N ARG C 180 25.08 12.52 -16.28
CA ARG C 180 24.65 11.32 -15.58
C ARG C 180 25.84 10.57 -15.00
N PHE C 181 27.00 10.70 -15.64
CA PHE C 181 28.20 10.05 -15.14
C PHE C 181 28.86 10.87 -14.04
N MET C 182 28.96 12.19 -14.22
CA MET C 182 29.66 13.00 -13.23
C MET C 182 28.89 13.07 -11.92
N LEU C 183 27.58 13.23 -11.98
CA LEU C 183 26.75 13.42 -10.79
C LEU C 183 26.12 12.12 -10.33
N PHE C 184 26.83 11.01 -10.46
CA PHE C 184 26.30 9.72 -10.04
C PHE C 184 25.95 9.78 -8.57
N MET C 185 24.68 9.53 -8.25
CA MET C 185 24.21 9.69 -6.88
C MET C 185 24.88 8.75 -5.89
N PRO C 186 24.96 7.43 -6.14
CA PRO C 186 25.56 6.54 -5.13
C PRO C 186 27.04 6.72 -4.94
N THR C 187 27.68 7.62 -5.69
CA THR C 187 29.12 7.79 -5.64
C THR C 187 29.49 9.28 -5.64
N PHE C 188 28.68 10.08 -4.97
CA PHE C 188 28.88 11.53 -5.04
C PHE C 188 29.73 12.05 -3.90
N THR C 189 29.35 11.74 -2.66
CA THR C 189 29.97 12.39 -1.51
C THR C 189 31.45 12.08 -1.42
N SER C 190 31.80 10.83 -1.14
CA SER C 190 33.19 10.39 -1.20
C SER C 190 33.18 8.90 -1.53
N GLY C 191 33.17 8.58 -2.82
CA GLY C 191 32.89 7.23 -3.24
C GLY C 191 33.93 6.69 -4.20
N PRO C 192 33.67 5.51 -4.75
CA PRO C 192 34.63 4.92 -5.71
C PRO C 192 34.79 5.80 -6.94
N ILE C 193 36.00 6.31 -7.13
CA ILE C 193 36.30 7.06 -8.34
C ILE C 193 36.11 6.18 -9.55
N ASP C 194 35.50 6.73 -10.59
CA ASP C 194 35.17 5.96 -11.78
C ASP C 194 35.80 6.62 -13.00
N ARG C 195 35.72 5.93 -14.13
CA ARG C 195 36.17 6.46 -15.41
C ARG C 195 34.97 6.59 -16.32
N PHE C 196 35.07 7.47 -17.33
CA PHE C 196 33.90 7.67 -18.18
C PHE C 196 33.69 6.50 -19.14
N LYS C 197 34.76 6.02 -19.78
CA LYS C 197 34.58 5.00 -20.80
C LYS C 197 33.93 3.76 -20.21
N ARG C 198 34.48 3.26 -19.11
CA ARG C 198 33.92 2.08 -18.48
C ARG C 198 32.51 2.32 -18.00
N PHE C 199 32.25 3.48 -17.39
CA PHE C 199 30.92 3.75 -16.84
C PHE C 199 29.87 3.81 -17.94
N ASN C 200 30.18 4.51 -19.02
CA ASN C 200 29.22 4.66 -20.10
C ASN C 200 28.97 3.33 -20.80
N GLU C 201 30.05 2.61 -21.14
CA GLU C 201 29.88 1.32 -21.78
C GLU C 201 29.16 0.34 -20.87
N ASP C 202 29.28 0.51 -19.55
CA ASP C 202 28.56 -0.35 -18.62
C ASP C 202 27.09 0.00 -18.53
N TYR C 203 26.75 1.28 -18.54
CA TYR C 203 25.34 1.65 -18.45
C TYR C 203 24.60 1.46 -19.78
N GLN C 204 25.32 1.44 -20.91
CA GLN C 204 24.64 1.17 -22.17
C GLN C 204 24.03 -0.24 -22.19
N SER C 205 24.79 -1.23 -21.72
CA SER C 205 24.39 -2.63 -21.83
C SER C 205 23.87 -3.10 -20.47
N ILE C 206 22.55 -3.17 -20.35
CA ILE C 206 21.93 -3.73 -19.13
C ILE C 206 22.28 -5.21 -19.03
N PRO C 207 22.68 -5.71 -17.86
CA PRO C 207 23.04 -7.12 -17.74
C PRO C 207 21.81 -8.03 -17.82
N ASN C 208 22.08 -9.32 -17.93
CA ASN C 208 21.03 -10.32 -18.07
C ASN C 208 20.35 -10.59 -16.74
N ARG C 209 19.44 -11.57 -16.73
CA ARG C 209 18.65 -11.83 -15.54
C ARG C 209 19.48 -12.48 -14.44
N ASP C 210 20.26 -13.51 -14.78
CA ASP C 210 21.05 -14.20 -13.76
C ASP C 210 22.15 -13.30 -13.21
N GLU C 211 22.79 -12.51 -14.08
CA GLU C 211 23.77 -11.55 -13.60
C GLU C 211 23.14 -10.54 -12.66
N LEU C 212 21.92 -10.10 -12.97
CA LEU C 212 21.24 -9.14 -12.09
C LEU C 212 20.89 -9.76 -10.75
N LEU C 213 20.48 -11.03 -10.74
CA LEU C 213 20.21 -11.69 -9.46
C LEU C 213 21.49 -11.82 -8.64
N ASN C 214 22.59 -12.17 -9.30
CA ASN C 214 23.87 -12.23 -8.59
C ASN C 214 24.25 -10.87 -8.03
N MET C 215 24.02 -9.81 -8.81
CA MET C 215 24.34 -8.46 -8.34
C MET C 215 23.46 -8.07 -7.17
N LEU C 216 22.19 -8.45 -7.18
CA LEU C 216 21.32 -8.17 -6.04
C LEU C 216 21.77 -8.89 -4.79
N GLU C 217 22.14 -10.17 -4.93
CA GLU C 217 22.64 -10.92 -3.79
C GLU C 217 23.92 -10.30 -3.24
N GLN C 218 24.83 -9.90 -4.13
CA GLN C 218 26.05 -9.24 -3.69
C GLN C 218 25.77 -7.88 -3.08
N ALA C 219 24.74 -7.18 -3.56
CA ALA C 219 24.36 -5.90 -2.96
C ALA C 219 23.85 -6.10 -1.55
N VAL C 220 23.06 -7.15 -1.31
CA VAL C 220 22.59 -7.43 0.04
C VAL C 220 23.76 -7.80 0.95
N LYS C 221 24.69 -8.60 0.44
CA LYS C 221 25.89 -8.91 1.22
C LYS C 221 26.67 -7.65 1.56
N TYR C 222 26.81 -6.75 0.59
CA TYR C 222 27.53 -5.50 0.82
C TYR C 222 26.82 -4.64 1.85
N ILE C 223 25.48 -4.61 1.81
CA ILE C 223 24.73 -3.83 2.79
C ILE C 223 24.96 -4.38 4.19
N MET C 224 24.90 -5.71 4.34
CA MET C 224 25.11 -6.31 5.66
C MET C 224 26.52 -6.04 6.16
N LEU C 225 27.52 -6.29 5.32
CA LEU C 225 28.89 -6.07 5.75
C LEU C 225 29.17 -4.60 6.02
N GLY C 226 28.53 -3.70 5.28
CA GLY C 226 28.66 -2.29 5.60
C GLY C 226 28.04 -1.92 6.93
N PHE C 227 26.89 -2.53 7.24
CA PHE C 227 26.31 -2.38 8.57
C PHE C 227 27.32 -2.75 9.63
N LEU C 228 27.92 -3.94 9.50
CA LEU C 228 28.90 -4.39 10.48
C LEU C 228 30.12 -3.47 10.53
N TYR C 229 30.59 -3.01 9.37
CA TYR C 229 31.82 -2.24 9.29
C TYR C 229 31.66 -0.81 9.75
N LYS C 230 30.46 -0.24 9.64
CA LYS C 230 30.27 1.19 9.86
C LYS C 230 29.44 1.53 11.09
N PHE C 231 28.44 0.71 11.43
CA PHE C 231 27.59 1.01 12.58
C PHE C 231 27.99 0.27 13.84
N VAL C 232 28.91 -0.70 13.74
CA VAL C 232 29.33 -1.45 14.91
C VAL C 232 30.83 -1.29 15.12
N LEU C 233 31.62 -1.81 14.18
CA LEU C 233 33.07 -1.79 14.35
C LEU C 233 33.62 -0.37 14.28
N ALA C 234 33.10 0.44 13.38
CA ALA C 234 33.52 1.84 13.32
C ALA C 234 33.11 2.58 14.59
N GLN C 235 31.93 2.28 15.13
CA GLN C 235 31.53 2.88 16.40
C GLN C 235 32.41 2.40 17.54
N ILE C 236 32.75 1.11 17.56
CA ILE C 236 33.59 0.59 18.64
C ILE C 236 34.96 1.25 18.61
N PHE C 237 35.59 1.31 17.44
CA PHE C 237 36.94 1.86 17.36
C PHE C 237 36.97 3.38 17.31
N GLY C 238 35.85 4.04 17.06
CA GLY C 238 35.87 5.47 16.84
C GLY C 238 35.43 6.30 18.03
N SER C 239 34.34 5.91 18.67
CA SER C 239 33.77 6.66 19.78
C SER C 239 33.84 5.92 21.11
N MET C 240 34.59 4.82 21.18
CA MET C 240 34.73 4.08 22.43
C MET C 240 36.18 3.95 22.88
N LEU C 241 37.11 3.73 21.97
CA LEU C 241 38.53 3.61 22.31
C LEU C 241 39.35 4.84 21.92
N LEU C 242 39.07 5.42 20.75
CA LEU C 242 39.91 6.49 20.23
C LEU C 242 39.90 7.74 21.10
N PRO C 243 38.76 8.27 21.56
CA PRO C 243 38.81 9.49 22.39
C PRO C 243 39.55 9.27 23.71
N PRO C 244 39.27 8.18 24.45
CA PRO C 244 40.08 7.95 25.66
C PRO C 244 41.56 7.77 25.39
N LEU C 245 41.90 7.07 24.30
CA LEU C 245 43.32 6.89 24.00
C LEU C 245 43.99 8.21 23.63
N LYS C 246 43.28 9.06 22.88
CA LYS C 246 43.81 10.39 22.58
C LYS C 246 44.01 11.19 23.86
N ALA C 247 43.03 11.14 24.77
CA ALA C 247 43.15 11.89 26.01
C ALA C 247 44.34 11.40 26.83
N GLN C 248 44.53 10.09 26.92
CA GLN C 248 45.67 9.55 27.67
C GLN C 248 46.98 9.95 27.02
N ALA C 249 47.06 9.89 25.69
CA ALA C 249 48.30 10.25 25.01
C ALA C 249 48.63 11.73 25.20
N LEU C 250 47.62 12.60 25.13
CA LEU C 250 47.86 14.02 25.37
C LEU C 250 48.28 14.28 26.80
N SER C 251 47.62 13.62 27.76
CA SER C 251 47.95 13.85 29.17
C SER C 251 49.37 13.38 29.48
N GLN C 252 49.76 12.22 28.95
CA GLN C 252 51.12 11.74 29.18
C GLN C 252 52.14 12.64 28.49
N GLY C 253 51.77 13.20 27.35
CA GLY C 253 52.66 14.12 26.65
C GLY C 253 53.87 13.43 26.05
N GLY C 254 54.93 14.22 25.89
CA GLY C 254 56.18 13.69 25.37
C GLY C 254 56.17 13.52 23.87
N ILE C 255 57.28 13.00 23.36
CA ILE C 255 57.40 12.80 21.91
C ILE C 255 56.50 11.66 21.45
N PHE C 256 56.45 10.57 22.22
CA PHE C 256 55.53 9.47 21.95
C PHE C 256 55.34 8.67 23.22
N ASN C 257 54.31 7.83 23.21
CA ASN C 257 53.97 7.02 24.38
C ASN C 257 53.15 5.82 23.95
N LEU C 258 52.99 4.87 24.86
CA LEU C 258 52.13 3.72 24.59
C LEU C 258 50.70 4.11 24.25
N PRO C 259 50.06 5.08 24.91
CA PRO C 259 48.77 5.56 24.41
C PRO C 259 48.81 6.08 22.99
N THR C 260 49.94 6.66 22.57
CA THR C 260 50.07 7.07 21.17
C THR C 260 50.04 5.85 20.24
N LEU C 261 50.71 4.77 20.64
CA LEU C 261 50.65 3.54 19.85
C LEU C 261 49.22 3.00 19.79
N GLY C 262 48.52 3.05 20.91
CA GLY C 262 47.11 2.68 20.89
C GLY C 262 46.31 3.55 19.95
N VAL C 263 46.58 4.86 19.95
CA VAL C 263 45.89 5.78 19.05
C VAL C 263 46.16 5.40 17.60
N MET C 264 47.42 5.13 17.28
CA MET C 264 47.81 4.68 15.95
C MET C 264 46.98 3.49 15.50
N TYR C 265 47.04 2.40 16.26
CA TYR C 265 46.37 1.17 15.84
C TYR C 265 44.85 1.36 15.77
N VAL C 266 44.27 2.00 16.78
CA VAL C 266 42.83 2.15 16.84
C VAL C 266 42.34 3.07 15.73
N TYR C 267 43.06 4.15 15.46
CA TYR C 267 42.65 5.04 14.37
C TYR C 267 42.78 4.38 13.02
N GLY C 268 43.85 3.60 12.81
CA GLY C 268 43.98 2.91 11.54
C GLY C 268 42.82 1.95 11.31
N PHE C 269 42.49 1.16 12.34
CA PHE C 269 41.38 0.22 12.18
C PHE C 269 40.05 0.95 12.03
N ASP C 270 39.88 2.07 12.74
CA ASP C 270 38.65 2.84 12.60
C ASP C 270 38.50 3.41 11.21
N LEU C 271 39.59 3.96 10.66
CA LEU C 271 39.55 4.50 9.30
C LEU C 271 39.21 3.40 8.31
N PHE C 272 39.88 2.26 8.40
CA PHE C 272 39.58 1.19 7.46
C PHE C 272 38.14 0.73 7.58
N PHE C 273 37.67 0.53 8.81
CA PHE C 273 36.31 -0.01 8.97
C PHE C 273 35.27 0.99 8.50
N ASP C 274 35.43 2.27 8.85
CA ASP C 274 34.44 3.26 8.44
C ASP C 274 34.45 3.45 6.93
N PHE C 275 35.64 3.54 6.33
CA PHE C 275 35.69 3.78 4.89
C PHE C 275 35.23 2.56 4.11
N ALA C 276 35.60 1.35 4.56
CA ALA C 276 35.12 0.16 3.89
C ALA C 276 33.62 0.01 4.03
N GLY C 277 33.07 0.44 5.18
CA GLY C 277 31.62 0.45 5.31
C GLY C 277 30.98 1.38 4.30
N TYR C 278 31.51 2.59 4.18
CA TYR C 278 30.96 3.51 3.19
C TYR C 278 31.08 2.94 1.78
N SER C 279 32.25 2.39 1.45
CA SER C 279 32.49 1.91 0.10
C SER C 279 31.59 0.72 -0.23
N MET C 280 31.39 -0.17 0.73
CA MET C 280 30.46 -1.27 0.50
C MET C 280 29.04 -0.77 0.34
N PHE C 281 28.65 0.26 1.10
CA PHE C 281 27.35 0.87 0.89
C PHE C 281 27.23 1.43 -0.52
N ALA C 282 28.27 2.12 -0.98
CA ALA C 282 28.23 2.74 -2.30
C ALA C 282 28.17 1.69 -3.40
N LEU C 283 28.95 0.62 -3.28
CA LEU C 283 28.90 -0.45 -4.26
C LEU C 283 27.54 -1.14 -4.25
N ALA C 284 26.94 -1.31 -3.08
CA ALA C 284 25.61 -1.92 -3.02
C ALA C 284 24.57 -1.06 -3.70
N VAL C 285 24.54 0.24 -3.38
CA VAL C 285 23.55 1.11 -4.00
C VAL C 285 23.80 1.23 -5.49
N SER C 286 25.07 1.22 -5.91
CA SER C 286 25.38 1.25 -7.33
C SER C 286 24.88 -0.01 -8.03
N ASN C 287 25.07 -1.17 -7.41
CA ASN C 287 24.55 -2.41 -7.98
C ASN C 287 23.03 -2.38 -8.05
N LEU C 288 22.37 -1.72 -7.11
CA LEU C 288 20.92 -1.59 -7.20
C LEU C 288 20.48 -0.68 -8.35
N MET C 289 21.39 0.05 -8.97
CA MET C 289 21.08 0.84 -10.16
C MET C 289 21.72 0.28 -11.42
N GLY C 290 22.17 -0.98 -11.39
CA GLY C 290 22.63 -1.66 -12.57
C GLY C 290 24.06 -1.38 -12.98
N ILE C 291 24.84 -0.70 -12.15
CA ILE C 291 26.21 -0.32 -12.48
C ILE C 291 27.13 -0.86 -11.41
N LYS C 292 28.23 -1.49 -11.83
CA LYS C 292 29.22 -2.05 -10.92
C LYS C 292 30.35 -1.04 -10.77
N SER C 293 30.29 -0.23 -9.71
CA SER C 293 31.35 0.73 -9.47
C SER C 293 32.62 0.03 -9.03
N PRO C 294 33.79 0.64 -9.23
CA PRO C 294 35.03 0.00 -8.84
C PRO C 294 35.09 -0.26 -7.34
N ILE C 295 35.74 -1.36 -6.96
CA ILE C 295 35.84 -1.72 -5.56
C ILE C 295 36.97 -0.93 -4.93
N ASN C 296 36.77 -0.52 -3.67
CA ASN C 296 37.79 0.24 -2.97
C ASN C 296 38.78 -0.63 -2.21
N PHE C 297 38.32 -1.62 -1.47
CA PHE C 297 39.18 -2.42 -0.61
C PHE C 297 39.04 -3.90 -0.94
N ASP C 298 40.18 -4.57 -1.10
CA ASP C 298 40.23 -6.02 -1.32
C ASP C 298 41.21 -6.59 -0.31
N LYS C 299 40.74 -6.81 0.91
CA LYS C 299 41.51 -7.35 2.01
C LYS C 299 42.85 -6.64 2.20
N PRO C 300 42.86 -5.41 2.73
CA PRO C 300 44.13 -4.80 3.10
C PRO C 300 44.69 -5.44 4.36
N PHE C 301 45.75 -4.88 4.93
CA PHE C 301 46.37 -5.31 6.18
C PHE C 301 47.03 -6.67 6.08
N ILE C 302 46.85 -7.40 4.98
CA ILE C 302 47.53 -8.67 4.74
C ILE C 302 48.56 -8.53 3.64
N SER C 303 48.84 -7.32 3.19
CA SER C 303 49.74 -7.10 2.07
C SER C 303 51.17 -7.37 2.49
N ARG C 304 51.86 -8.22 1.73
CA ARG C 304 53.26 -8.51 2.03
C ARG C 304 54.13 -7.27 1.85
N ASP C 305 53.90 -6.52 0.78
CA ASP C 305 54.72 -5.36 0.45
C ASP C 305 53.85 -4.11 0.43
N MET C 306 54.50 -2.95 0.51
CA MET C 306 53.79 -1.69 0.31
C MET C 306 53.25 -1.60 -1.11
N LYS C 307 54.04 -2.05 -2.09
CA LYS C 307 53.58 -2.04 -3.47
C LYS C 307 52.35 -2.92 -3.64
N GLU C 308 52.29 -4.05 -2.94
CA GLU C 308 51.07 -4.84 -2.95
C GLU C 308 49.99 -4.19 -2.10
N PHE C 309 50.37 -3.40 -1.09
CA PHE C 309 49.37 -2.73 -0.28
C PHE C 309 48.56 -1.74 -1.09
N TRP C 310 49.22 -1.00 -1.99
CA TRP C 310 48.49 0.01 -2.75
C TRP C 310 47.60 -0.58 -3.84
N ASN C 311 47.70 -1.87 -4.11
CA ASN C 311 46.72 -2.54 -4.95
C ASN C 311 45.54 -3.06 -4.16
N ARG C 312 45.50 -2.81 -2.86
CA ARG C 312 44.44 -3.29 -1.99
C ARG C 312 43.77 -2.21 -1.16
N TRP C 313 44.45 -1.09 -0.90
CA TRP C 313 43.92 -0.05 -0.05
C TRP C 313 43.46 1.12 -0.90
N HIS C 314 42.17 1.46 -0.81
CA HIS C 314 41.57 2.49 -1.65
C HIS C 314 41.91 2.23 -3.11
N MET C 315 41.39 1.12 -3.61
CA MET C 315 41.78 0.65 -4.93
C MET C 315 41.40 1.64 -6.02
N SER C 316 40.21 2.24 -5.93
CA SER C 316 39.75 3.11 -7.01
C SER C 316 40.67 4.31 -7.18
N LEU C 317 40.93 5.03 -6.09
CA LEU C 317 41.78 6.22 -6.19
C LEU C 317 43.22 5.84 -6.52
N SER C 318 43.74 4.77 -5.91
CA SER C 318 45.12 4.38 -6.18
C SER C 318 45.31 3.98 -7.63
N PHE C 319 44.35 3.23 -8.18
CA PHE C 319 44.40 2.89 -9.59
C PHE C 319 44.26 4.11 -10.48
N TRP C 320 43.41 5.06 -10.08
CA TRP C 320 43.28 6.29 -10.85
C TRP C 320 44.61 7.03 -10.93
N PHE C 321 45.28 7.16 -9.79
CA PHE C 321 46.56 7.86 -9.80
C PHE C 321 47.63 7.06 -10.55
N ARG C 322 47.58 5.73 -10.48
CA ARG C 322 48.52 4.93 -11.25
C ARG C 322 48.31 5.12 -12.74
N ASP C 323 47.07 5.13 -13.20
CA ASP C 323 46.80 5.23 -14.63
C ASP C 323 47.06 6.61 -15.17
N PHE C 324 46.61 7.66 -14.47
CA PHE C 324 46.56 8.99 -15.04
C PHE C 324 47.60 9.96 -14.49
N VAL C 325 48.28 9.62 -13.40
CA VAL C 325 49.30 10.48 -12.83
C VAL C 325 50.67 9.82 -12.82
N PHE C 326 50.73 8.51 -12.58
CA PHE C 326 52.00 7.81 -12.52
C PHE C 326 52.48 7.39 -13.90
N MET C 327 51.66 6.62 -14.62
CA MET C 327 52.08 6.13 -15.93
C MET C 327 52.32 7.27 -16.90
N ARG C 328 51.46 8.29 -16.88
CA ARG C 328 51.67 9.44 -17.76
C ARG C 328 52.96 10.18 -17.39
N LEU C 329 53.26 10.27 -16.10
CA LEU C 329 54.51 10.90 -15.68
C LEU C 329 55.72 10.14 -16.19
N VAL C 330 55.67 8.80 -16.09
CA VAL C 330 56.78 7.99 -16.58
C VAL C 330 56.92 8.14 -18.09
N ILE C 331 55.79 8.16 -18.80
CA ILE C 331 55.83 8.34 -20.25
C ILE C 331 56.43 9.69 -20.62
N VAL C 332 56.05 10.75 -19.90
CA VAL C 332 56.59 12.07 -20.17
C VAL C 332 58.10 12.10 -19.91
N LEU C 333 58.53 11.53 -18.78
CA LEU C 333 59.95 11.55 -18.46
C LEU C 333 60.77 10.75 -19.47
N MET C 334 60.23 9.63 -19.94
CA MET C 334 60.93 8.85 -20.96
C MET C 334 60.92 9.56 -22.31
N ARG C 335 59.89 10.36 -22.57
CA ARG C 335 59.82 11.08 -23.84
C ARG C 335 60.98 12.06 -23.98
N ASN C 336 61.28 12.78 -22.91
CA ASN C 336 62.41 13.71 -22.89
C ASN C 336 63.70 13.06 -22.41
N LYS C 337 63.65 11.77 -22.02
CA LYS C 337 64.79 11.01 -21.51
C LYS C 337 65.68 11.86 -20.60
N VAL C 338 65.05 12.55 -19.66
CA VAL C 338 65.78 13.44 -18.76
C VAL C 338 66.69 12.64 -17.84
N PHE C 339 66.20 11.51 -17.32
CA PHE C 339 66.98 10.70 -16.40
C PHE C 339 67.76 9.63 -17.15
N LYS C 340 68.81 9.12 -16.49
CA LYS C 340 69.74 8.21 -17.15
C LYS C 340 69.13 6.83 -17.38
N ASN C 341 68.44 6.28 -16.38
CA ASN C 341 67.95 4.91 -16.46
C ASN C 341 66.49 4.85 -16.04
N ARG C 342 65.90 3.66 -16.20
CA ARG C 342 64.50 3.47 -15.89
C ARG C 342 64.24 3.54 -14.38
N ASN C 343 65.18 3.05 -13.57
CA ASN C 343 64.96 2.99 -12.14
C ASN C 343 64.79 4.39 -11.54
N THR C 344 65.62 5.33 -11.96
CA THR C 344 65.50 6.70 -11.44
C THR C 344 64.16 7.31 -11.83
N THR C 345 63.72 7.08 -13.07
CA THR C 345 62.42 7.59 -13.50
C THR C 345 61.30 6.99 -12.67
N SER C 346 61.37 5.68 -12.41
CA SER C 346 60.34 5.04 -11.60
C SER C 346 60.31 5.60 -10.18
N ASN C 347 61.49 5.81 -9.58
CA ASN C 347 61.53 6.35 -8.23
C ASN C 347 60.98 7.76 -8.17
N VAL C 348 61.38 8.61 -9.12
CA VAL C 348 60.90 9.99 -9.13
C VAL C 348 59.40 10.02 -9.37
N ALA C 349 58.90 9.17 -10.27
CA ALA C 349 57.46 9.10 -10.50
C ALA C 349 56.73 8.67 -9.24
N TYR C 350 57.27 7.69 -8.52
CA TYR C 350 56.67 7.28 -7.25
C TYR C 350 56.56 8.46 -6.30
N ILE C 351 57.67 9.16 -6.09
CA ILE C 351 57.70 10.26 -5.12
C ILE C 351 56.71 11.34 -5.53
N ILE C 352 56.71 11.73 -6.81
CA ILE C 352 55.86 12.82 -7.25
C ILE C 352 54.40 12.41 -7.20
N ASN C 353 54.08 11.17 -7.59
CA ASN C 353 52.70 10.72 -7.55
C ASN C 353 52.17 10.70 -6.13
N MET C 354 52.96 10.20 -5.18
CA MET C 354 52.49 10.17 -3.81
C MET C 354 52.40 11.57 -3.22
N MET C 355 53.30 12.47 -3.62
CA MET C 355 53.17 13.86 -3.18
C MET C 355 51.91 14.50 -3.73
N VAL C 356 51.55 14.18 -4.98
CA VAL C 356 50.31 14.70 -5.56
C VAL C 356 49.11 14.13 -4.82
N MET C 357 49.17 12.86 -4.41
CA MET C 357 48.10 12.31 -3.59
C MET C 357 47.96 13.06 -2.27
N GLY C 358 49.10 13.33 -1.63
CA GLY C 358 49.06 14.11 -0.40
C GLY C 358 48.46 15.48 -0.61
N PHE C 359 48.85 16.17 -1.69
CA PHE C 359 48.26 17.45 -2.01
C PHE C 359 46.75 17.32 -2.21
N TRP C 360 46.32 16.27 -2.91
CA TRP C 360 44.89 16.06 -3.11
C TRP C 360 44.16 15.97 -1.78
N HIS C 361 44.77 15.33 -0.78
CA HIS C 361 44.10 15.25 0.50
C HIS C 361 43.93 16.62 1.14
N GLY C 362 44.95 17.47 1.03
CA GLY C 362 44.89 18.80 1.62
C GLY C 362 46.28 19.33 1.90
N ILE C 363 46.47 20.64 1.82
CA ILE C 363 47.81 21.23 1.97
C ILE C 363 48.01 21.49 3.45
N THR C 364 48.44 20.45 4.16
CA THR C 364 48.88 20.55 5.54
C THR C 364 50.22 19.86 5.67
N TRP C 365 50.88 20.06 6.81
CA TRP C 365 52.17 19.42 7.01
C TRP C 365 52.05 17.90 7.07
N TYR C 366 51.00 17.40 7.73
CA TYR C 366 50.89 15.96 7.92
C TYR C 366 50.42 15.23 6.67
N TYR C 367 49.57 15.85 5.85
CA TYR C 367 49.21 15.21 4.58
C TYR C 367 50.41 15.09 3.65
N ILE C 368 51.23 16.14 3.57
CA ILE C 368 52.43 16.06 2.76
C ILE C 368 53.41 15.06 3.34
N ALA C 369 53.50 14.99 4.67
CA ALA C 369 54.34 13.97 5.29
C ALA C 369 53.83 12.58 4.95
N TYR C 370 52.51 12.40 4.91
CA TYR C 370 51.92 11.13 4.52
C TYR C 370 52.27 10.76 3.09
N GLY C 371 52.16 11.72 2.18
CA GLY C 371 52.50 11.46 0.79
C GLY C 371 53.98 11.11 0.61
N ILE C 372 54.85 11.90 1.23
CA ILE C 372 56.29 11.63 1.13
C ILE C 372 56.63 10.30 1.77
N PHE C 373 55.96 9.97 2.88
CA PHE C 373 56.21 8.71 3.56
C PHE C 373 55.83 7.52 2.68
N HIS C 374 54.67 7.59 2.04
CA HIS C 374 54.27 6.49 1.17
C HIS C 374 55.18 6.40 -0.06
N GLY C 375 55.61 7.55 -0.59
CA GLY C 375 56.54 7.50 -1.71
C GLY C 375 57.87 6.88 -1.34
N ILE C 376 58.40 7.23 -0.17
CA ILE C 376 59.64 6.64 0.30
C ILE C 376 59.45 5.15 0.56
N GLY C 377 58.28 4.77 1.08
CA GLY C 377 58.00 3.36 1.26
C GLY C 377 58.00 2.60 -0.04
N LEU C 378 57.36 3.16 -1.08
CA LEU C 378 57.32 2.49 -2.37
C LEU C 378 58.73 2.37 -2.96
N VAL C 379 59.52 3.44 -2.89
CA VAL C 379 60.84 3.37 -3.50
C VAL C 379 61.75 2.41 -2.74
N ILE C 380 61.63 2.39 -1.41
CA ILE C 380 62.43 1.46 -0.61
C ILE C 380 62.01 0.02 -0.89
N ASN C 381 60.70 -0.21 -1.05
CA ASN C 381 60.24 -1.56 -1.39
C ASN C 381 60.76 -1.99 -2.74
N ASP C 382 60.75 -1.10 -3.73
CA ASP C 382 61.29 -1.44 -5.04
C ASP C 382 62.79 -1.73 -4.96
N ALA C 383 63.53 -0.92 -4.21
CA ALA C 383 64.96 -1.16 -4.06
C ALA C 383 65.22 -2.50 -3.37
N TRP C 384 64.42 -2.83 -2.36
CA TRP C 384 64.57 -4.11 -1.68
C TRP C 384 64.26 -5.27 -2.61
N LEU C 385 63.24 -5.13 -3.47
CA LEU C 385 62.95 -6.18 -4.43
C LEU C 385 64.11 -6.38 -5.39
N ARG C 386 64.67 -5.28 -5.90
CA ARG C 386 65.82 -5.41 -6.81
C ARG C 386 67.01 -6.05 -6.11
N LYS C 387 67.29 -5.64 -4.87
CA LYS C 387 68.41 -6.21 -4.14
C LYS C 387 68.19 -7.69 -3.85
N LYS C 388 66.95 -8.06 -3.52
CA LYS C 388 66.65 -9.47 -3.27
C LYS C 388 66.82 -10.29 -4.53
N LYS C 389 66.40 -9.76 -5.68
CA LYS C 389 66.62 -10.47 -6.93
C LYS C 389 68.10 -10.64 -7.23
N THR C 390 68.89 -9.58 -7.01
CA THR C 390 70.33 -9.67 -7.23
C THR C 390 70.98 -10.68 -6.30
N ILE C 391 70.60 -10.69 -5.02
CA ILE C 391 71.21 -11.62 -4.08
C ILE C 391 70.74 -13.05 -4.36
N ASN C 392 69.52 -13.22 -4.86
CA ASN C 392 69.08 -14.56 -5.28
C ASN C 392 69.90 -15.05 -6.46
N LYS C 393 70.18 -14.17 -7.42
CA LYS C 393 71.07 -14.54 -8.51
C LYS C 393 72.46 -14.90 -8.00
N ASP C 394 72.96 -14.13 -7.03
CA ASP C 394 74.27 -14.40 -6.45
C ASP C 394 74.30 -15.77 -5.78
N ARG C 395 73.25 -16.11 -5.04
CA ARG C 395 73.19 -17.43 -4.40
C ARG C 395 73.05 -18.54 -5.43
N LYS C 396 72.29 -18.30 -6.50
CA LYS C 396 72.13 -19.32 -7.53
C LYS C 396 73.45 -19.60 -8.24
N LYS C 397 74.21 -18.54 -8.57
CA LYS C 397 75.49 -18.75 -9.23
C LYS C 397 76.55 -19.30 -8.28
N ALA C 398 76.34 -19.18 -6.97
CA ALA C 398 77.26 -19.74 -5.98
C ALA C 398 76.88 -21.16 -5.56
N GLY C 399 75.72 -21.66 -6.01
CA GLY C 399 75.31 -23.01 -5.70
C GLY C 399 74.52 -23.16 -4.42
N LEU C 400 74.45 -22.11 -3.59
CA LEU C 400 73.70 -22.20 -2.35
C LEU C 400 72.21 -22.12 -2.60
N LYS C 401 71.44 -22.68 -1.66
CA LYS C 401 69.99 -22.61 -1.74
C LYS C 401 69.54 -21.15 -1.62
N PRO C 402 68.56 -20.72 -2.43
CA PRO C 402 68.11 -19.32 -2.35
C PRO C 402 67.51 -18.99 -0.99
N LEU C 403 67.17 -17.72 -0.84
CA LEU C 403 66.65 -17.23 0.43
C LEU C 403 65.33 -17.92 0.78
N PRO C 404 65.08 -18.19 2.05
CA PRO C 404 63.86 -18.91 2.42
C PRO C 404 62.61 -18.11 2.10
N GLU C 405 61.53 -18.83 1.79
CA GLU C 405 60.23 -18.25 1.53
C GLU C 405 59.15 -19.00 2.32
N ASN C 406 59.49 -19.42 3.53
CA ASN C 406 58.58 -20.20 4.36
C ASN C 406 57.49 -19.28 4.91
N LYS C 407 56.62 -19.85 5.75
CA LYS C 407 55.53 -19.08 6.34
C LYS C 407 56.05 -17.96 7.22
N TRP C 408 57.20 -18.16 7.87
CA TRP C 408 57.74 -17.15 8.76
C TRP C 408 58.13 -15.88 8.00
N THR C 409 58.73 -16.02 6.82
CA THR C 409 59.11 -14.85 6.04
C THR C 409 57.88 -14.06 5.60
N LYS C 410 56.84 -14.76 5.16
CA LYS C 410 55.60 -14.08 4.77
C LYS C 410 54.98 -13.36 5.96
N ALA C 411 54.97 -14.01 7.13
CA ALA C 411 54.44 -13.36 8.32
C ALA C 411 55.24 -12.12 8.68
N LEU C 412 56.56 -12.20 8.56
CA LEU C 412 57.41 -11.05 8.85
C LEU C 412 57.11 -9.89 7.89
N GLY C 413 56.98 -10.20 6.60
CA GLY C 413 56.66 -9.16 5.64
C GLY C 413 55.31 -8.52 5.91
N ILE C 414 54.31 -9.35 6.22
CA ILE C 414 52.97 -8.82 6.52
C ILE C 414 53.02 -7.94 7.75
N PHE C 415 53.75 -8.36 8.78
CA PHE C 415 53.85 -7.57 10.00
C PHE C 415 54.53 -6.23 9.74
N ILE C 416 55.62 -6.23 8.97
CA ILE C 416 56.33 -5.00 8.69
C ILE C 416 55.45 -4.04 7.90
N THR C 417 54.77 -4.56 6.86
CA THR C 417 53.89 -3.71 6.07
C THR C 417 52.74 -3.17 6.92
N PHE C 418 52.16 -4.01 7.77
CA PHE C 418 51.06 -3.57 8.62
C PHE C 418 51.50 -2.45 9.55
N ASN C 419 52.67 -2.60 10.18
CA ASN C 419 53.15 -1.55 11.07
C ASN C 419 53.42 -0.27 10.32
N THR C 420 54.04 -0.36 9.14
CA THR C 420 54.33 0.84 8.37
C THR C 420 53.06 1.55 7.94
N VAL C 421 52.06 0.79 7.51
CA VAL C 421 50.79 1.40 7.11
C VAL C 421 50.11 2.06 8.29
N MET C 422 50.13 1.42 9.45
CA MET C 422 49.50 2.03 10.63
C MET C 422 50.23 3.30 11.05
N LEU C 423 51.55 3.32 10.92
CA LEU C 423 52.28 4.56 11.19
C LEU C 423 51.89 5.65 10.20
N SER C 424 51.73 5.28 8.93
CA SER C 424 51.28 6.25 7.94
C SER C 424 49.91 6.79 8.28
N PHE C 425 49.02 5.93 8.80
CA PHE C 425 47.69 6.40 9.16
C PHE C 425 47.71 7.24 10.42
N LEU C 426 48.67 7.00 11.31
CA LEU C 426 48.87 7.90 12.44
C LEU C 426 49.27 9.28 11.96
N ILE C 427 50.19 9.35 11.00
CA ILE C 427 50.60 10.64 10.45
C ILE C 427 49.44 11.30 9.73
N PHE C 428 48.69 10.54 8.93
CA PHE C 428 47.55 11.06 8.20
C PHE C 428 46.43 11.52 9.12
N SER C 429 46.37 10.99 10.34
CA SER C 429 45.30 11.35 11.26
C SER C 429 45.32 12.82 11.64
N GLY C 430 46.49 13.46 11.58
CA GLY C 430 46.63 14.79 12.13
C GLY C 430 46.74 14.82 13.63
N PHE C 431 46.74 13.65 14.28
CA PHE C 431 46.89 13.60 15.72
C PHE C 431 48.27 14.08 16.15
N LEU C 432 49.30 13.84 15.33
CA LEU C 432 50.62 14.32 15.67
C LEU C 432 50.66 15.84 15.72
N ASN C 433 49.75 16.52 15.01
CA ASN C 433 49.65 17.96 15.13
C ASN C 433 49.26 18.36 16.55
N ASP C 434 48.30 17.64 17.15
CA ASP C 434 47.92 17.93 18.53
C ASP C 434 49.03 17.51 19.49
N LEU C 435 49.67 16.37 19.23
CA LEU C 435 50.62 15.82 20.18
C LEU C 435 51.92 16.61 20.22
N TRP C 436 52.34 17.18 19.09
CA TRP C 436 53.60 17.91 19.03
C TRP C 436 53.43 19.41 18.89
N PHE C 437 52.36 19.87 18.22
CA PHE C 437 52.14 21.27 17.90
C PHE C 437 53.23 21.83 17.01
N THR C 438 53.97 20.98 16.30
CA THR C 438 54.99 21.45 15.38
C THR C 438 54.34 22.07 14.14
N LYS C 439 55.04 23.02 13.55
CA LYS C 439 54.60 23.69 12.32
C LYS C 439 53.19 24.26 12.47
N LYS C 440 52.92 24.88 13.63
CA LYS C 440 51.62 25.46 13.90
C LYS C 440 51.58 26.94 13.48
N PHE D 22 38.24 2.59 27.31
CA PHE D 22 37.41 1.40 27.08
C PHE D 22 36.12 1.50 27.87
N GLN D 23 35.36 2.57 27.65
CA GLN D 23 34.12 2.78 28.38
C GLN D 23 33.08 1.72 28.01
N GLY D 24 32.23 1.39 28.98
CA GLY D 24 31.26 0.33 28.79
C GLY D 24 29.84 0.79 28.57
N SER D 25 29.67 1.86 27.78
CA SER D 25 28.34 2.35 27.43
C SER D 25 27.72 1.56 26.29
N MET D 26 28.25 0.36 26.00
CA MET D 26 27.74 -0.45 24.91
C MET D 26 26.29 -0.86 25.16
N ILE D 27 25.94 -1.11 26.42
CA ILE D 27 24.58 -1.52 26.75
C ILE D 27 23.60 -0.40 26.41
N ASP D 28 23.94 0.84 26.74
CA ASP D 28 23.05 1.95 26.41
C ASP D 28 22.97 2.18 24.91
N PHE D 29 24.03 1.86 24.18
CA PHE D 29 23.96 1.91 22.72
C PHE D 29 22.92 0.93 22.20
N LEU D 30 22.85 -0.26 22.80
CA LEU D 30 21.85 -1.24 22.39
C LEU D 30 20.44 -0.82 22.78
N LYS D 31 20.28 -0.16 23.93
CA LYS D 31 18.95 0.25 24.36
C LYS D 31 18.53 1.54 23.67
N GLN D 32 18.73 1.59 22.35
CA GLN D 32 18.24 2.69 21.53
C GLN D 32 17.60 2.24 20.23
N LEU D 33 17.90 1.04 19.75
CA LEU D 33 17.43 0.58 18.46
C LEU D 33 15.92 0.37 18.48
N PRO D 34 15.28 0.33 17.31
CA PRO D 34 13.84 0.08 17.27
C PRO D 34 13.48 -1.27 17.87
N HIS D 35 12.27 -1.36 18.40
CA HIS D 35 11.82 -2.54 19.13
C HIS D 35 10.53 -3.09 18.55
N LEU D 36 10.51 -3.32 17.24
CA LEU D 36 9.35 -3.94 16.61
C LEU D 36 9.05 -5.28 17.26
N GLU D 37 7.95 -5.37 17.99
CA GLU D 37 7.64 -6.58 18.75
C GLU D 37 7.24 -7.71 17.81
N PRO D 38 7.77 -8.91 17.97
CA PRO D 38 7.42 -10.02 17.07
C PRO D 38 5.94 -10.38 17.19
N TYR D 39 5.21 -10.19 16.09
CA TYR D 39 3.77 -10.42 16.06
C TYR D 39 3.06 -9.59 17.11
N GLY D 40 3.35 -8.28 17.11
CA GLY D 40 2.73 -7.36 18.03
C GLY D 40 1.55 -6.68 17.39
N ASN D 41 1.71 -5.44 16.96
CA ASN D 41 0.65 -4.75 16.24
C ASN D 41 0.41 -5.42 14.89
N PRO D 42 -0.81 -5.31 14.33
CA PRO D 42 -1.04 -5.85 12.99
C PRO D 42 -0.15 -5.24 11.93
N PHE D 43 0.22 -3.96 12.10
CA PHE D 43 1.06 -3.28 11.12
C PHE D 43 2.38 -3.99 10.92
N TYR D 44 2.82 -4.78 11.91
CA TYR D 44 4.01 -5.60 11.76
C TYR D 44 3.95 -6.42 10.47
N PHE D 45 2.81 -7.07 10.23
CA PHE D 45 2.68 -7.93 9.07
C PHE D 45 2.72 -7.17 7.75
N ILE D 46 2.63 -5.85 7.79
CA ILE D 46 3.00 -5.08 6.61
C ILE D 46 4.50 -5.19 6.36
N TYR D 47 5.30 -4.72 7.32
CA TYR D 47 6.76 -4.72 7.17
C TYR D 47 7.24 -6.11 6.77
N LEU D 48 7.01 -7.08 7.66
CA LEU D 48 7.42 -8.45 7.40
C LEU D 48 6.93 -8.91 6.04
N GLY D 49 5.67 -8.62 5.72
CA GLY D 49 5.14 -9.04 4.44
C GLY D 49 6.00 -8.55 3.29
N ILE D 50 6.28 -7.24 3.27
CA ILE D 50 7.14 -6.71 2.22
C ILE D 50 8.51 -7.34 2.29
N ALA D 51 9.04 -7.50 3.51
CA ALA D 51 10.37 -8.10 3.65
C ALA D 51 10.39 -9.53 3.15
N LEU D 52 9.24 -10.21 3.15
CA LEU D 52 9.15 -11.57 2.66
C LEU D 52 8.63 -11.63 1.23
N LEU D 53 8.31 -10.49 0.63
CA LEU D 53 7.81 -10.50 -0.74
C LEU D 53 8.82 -11.05 -1.74
N PRO D 54 10.10 -10.66 -1.72
CA PRO D 54 11.04 -11.28 -2.67
C PRO D 54 11.23 -12.77 -2.46
N ILE D 55 11.47 -13.22 -1.23
CA ILE D 55 11.83 -14.61 -1.00
C ILE D 55 10.77 -15.53 -1.58
N PHE D 56 9.51 -15.26 -1.26
CA PHE D 56 8.43 -16.11 -1.75
C PHE D 56 8.42 -16.16 -3.28
N ILE D 57 8.61 -15.00 -3.92
CA ILE D 57 8.65 -14.98 -5.38
C ILE D 57 9.74 -15.91 -5.89
N GLY D 58 10.90 -15.90 -5.24
CA GLY D 58 11.98 -16.76 -5.68
C GLY D 58 11.59 -18.23 -5.67
N LEU D 59 10.78 -18.62 -4.68
CA LEU D 59 10.35 -20.01 -4.60
C LEU D 59 9.57 -20.43 -5.84
N PHE D 60 8.83 -19.49 -6.45
CA PHE D 60 8.08 -19.83 -7.63
C PHE D 60 8.97 -20.16 -8.82
N PHE D 61 10.21 -19.66 -8.83
CA PHE D 61 11.17 -19.99 -9.86
C PHE D 61 12.19 -21.01 -9.38
N LYS D 62 11.92 -21.66 -8.24
CA LYS D 62 12.83 -22.63 -7.64
C LYS D 62 14.22 -22.01 -7.43
N LYS D 63 14.24 -20.77 -6.94
CA LYS D 63 15.46 -20.06 -6.64
C LYS D 63 15.41 -19.59 -5.19
N ARG D 64 16.48 -19.86 -4.45
CA ARG D 64 16.57 -19.52 -3.03
C ARG D 64 17.66 -18.48 -2.83
N PHE D 65 17.31 -17.36 -2.21
CA PHE D 65 18.25 -16.26 -1.97
C PHE D 65 18.85 -16.45 -0.58
N ALA D 66 20.11 -16.90 -0.54
CA ALA D 66 20.72 -17.20 0.75
C ALA D 66 20.99 -15.94 1.55
N ILE D 67 21.60 -14.93 0.93
CA ILE D 67 22.02 -13.74 1.67
C ILE D 67 20.81 -12.90 2.10
N TYR D 68 19.81 -12.78 1.24
CA TYR D 68 18.67 -11.94 1.57
C TYR D 68 17.92 -12.49 2.79
N GLU D 69 17.80 -13.81 2.88
CA GLU D 69 17.21 -14.41 4.07
C GLU D 69 18.04 -14.13 5.31
N CYS D 70 19.37 -14.25 5.19
CA CYS D 70 20.25 -13.93 6.30
C CYS D 70 20.14 -12.47 6.70
N LEU D 71 19.69 -11.60 5.80
CA LEU D 71 19.48 -10.20 6.16
C LEU D 71 18.15 -10.01 6.88
N VAL D 72 17.06 -10.52 6.29
CA VAL D 72 15.75 -10.29 6.87
C VAL D 72 15.61 -10.97 8.22
N SER D 73 16.12 -12.20 8.34
CA SER D 73 16.04 -12.92 9.62
C SER D 73 16.77 -12.16 10.71
N ILE D 74 17.99 -11.69 10.41
CA ILE D 74 18.76 -10.98 11.43
C ILE D 74 18.10 -9.65 11.79
N THR D 75 17.59 -8.93 10.79
CA THR D 75 16.95 -7.65 11.08
C THR D 75 15.76 -7.85 12.01
N PHE D 76 14.93 -8.86 11.74
CA PHE D 76 13.74 -9.01 12.57
C PHE D 76 14.06 -9.63 13.92
N ILE D 77 15.07 -10.50 14.01
CA ILE D 77 15.51 -10.99 15.31
C ILE D 77 15.99 -9.83 16.17
N VAL D 78 16.82 -8.96 15.61
CA VAL D 78 17.34 -7.83 16.38
C VAL D 78 16.22 -6.89 16.77
N LEU D 79 15.29 -6.60 15.84
CA LEU D 79 14.16 -5.76 16.20
C LEU D 79 13.32 -6.38 17.30
N ALA D 80 13.25 -7.71 17.35
CA ALA D 80 12.50 -8.35 18.43
C ALA D 80 13.26 -8.29 19.75
N LEU D 81 14.59 -8.25 19.71
CA LEU D 81 15.39 -8.32 20.93
C LEU D 81 15.84 -6.96 21.46
N THR D 82 15.56 -5.87 20.75
CA THR D 82 16.01 -4.54 21.19
C THR D 82 14.94 -3.84 22.01
N GLY D 83 14.53 -4.49 23.09
CA GLY D 83 13.51 -3.96 23.97
C GLY D 83 14.09 -3.24 25.17
N THR D 84 13.36 -3.33 26.29
CA THR D 84 13.87 -2.78 27.54
C THR D 84 15.16 -3.48 27.96
N HIS D 85 15.20 -4.81 27.81
CA HIS D 85 16.41 -5.58 28.09
C HIS D 85 17.19 -5.83 26.80
N ALA D 86 17.69 -4.75 26.19
CA ALA D 86 18.48 -4.91 24.98
C ALA D 86 19.80 -5.62 25.24
N SER D 87 20.27 -5.63 26.48
CA SER D 87 21.53 -6.29 26.80
C SER D 87 21.52 -7.76 26.40
N GLN D 88 20.33 -8.37 26.34
CA GLN D 88 20.24 -9.78 25.98
C GLN D 88 20.87 -10.05 24.62
N ILE D 89 20.93 -9.04 23.74
CA ILE D 89 21.57 -9.25 22.45
C ILE D 89 22.99 -9.73 22.63
N LEU D 90 23.74 -9.10 23.54
CA LEU D 90 25.09 -9.56 23.82
C LEU D 90 25.06 -11.02 24.27
N ALA D 91 24.13 -11.36 25.16
CA ALA D 91 23.98 -12.74 25.57
C ALA D 91 23.75 -13.64 24.37
N LEU D 92 22.88 -13.21 23.44
CA LEU D 92 22.67 -14.00 22.22
C LEU D 92 23.98 -14.17 21.47
N LEU D 93 24.74 -13.08 21.29
CA LEU D 93 26.00 -13.17 20.59
C LEU D 93 26.99 -14.06 21.32
N PHE D 94 26.80 -14.27 22.61
CA PHE D 94 27.60 -15.30 23.29
C PHE D 94 27.02 -16.67 23.02
N TYR D 95 25.71 -16.82 23.20
CA TYR D 95 25.07 -18.13 23.12
C TYR D 95 25.42 -18.82 21.81
N ILE D 96 25.23 -18.12 20.68
CA ILE D 96 25.52 -18.70 19.38
C ILE D 96 26.95 -19.23 19.36
N VAL D 97 27.90 -18.39 19.77
CA VAL D 97 29.30 -18.81 19.77
C VAL D 97 29.45 -20.08 20.58
N TRP D 98 28.86 -20.10 21.78
CA TRP D 98 28.94 -21.28 22.63
C TRP D 98 28.51 -22.53 21.86
N GLN D 99 27.36 -22.45 21.19
CA GLN D 99 26.88 -23.62 20.48
C GLN D 99 27.84 -24.02 19.37
N ILE D 100 28.37 -23.03 18.63
CA ILE D 100 29.31 -23.34 17.57
C ILE D 100 30.53 -24.05 18.14
N ILE D 101 30.90 -23.74 19.39
CA ILE D 101 32.05 -24.39 19.99
C ILE D 101 31.73 -25.86 20.29
N TRP D 102 30.51 -26.14 20.75
CA TRP D 102 30.22 -27.45 21.31
C TRP D 102 29.40 -28.35 20.40
N VAL D 103 28.90 -27.83 19.28
CA VAL D 103 28.36 -28.71 18.24
C VAL D 103 29.50 -29.25 17.38
N TYR D 104 30.26 -28.35 16.76
CA TYR D 104 31.33 -28.75 15.87
C TYR D 104 32.33 -29.66 16.56
N SER D 105 32.65 -29.35 17.82
CA SER D 105 33.55 -30.23 18.58
C SER D 105 33.06 -31.67 18.51
N TYR D 106 31.78 -31.89 18.84
CA TYR D 106 31.27 -33.24 18.81
C TYR D 106 31.41 -33.84 17.43
N LYS D 107 31.14 -33.04 16.39
CA LYS D 107 31.28 -33.55 15.03
C LYS D 107 32.66 -34.14 14.82
N ARG D 108 33.70 -33.39 15.21
CA ARG D 108 35.06 -33.91 15.09
C ARG D 108 35.17 -35.25 15.80
N TYR D 109 34.72 -35.30 17.06
CA TYR D 109 34.78 -36.54 17.80
C TYR D 109 33.97 -37.63 17.10
N ARG D 110 32.79 -37.28 16.59
CA ARG D 110 31.96 -38.28 15.95
C ARG D 110 32.61 -38.84 14.70
N SER D 111 33.56 -38.11 14.10
CA SER D 111 34.27 -38.66 12.97
C SER D 111 35.14 -39.85 13.38
N GLN D 112 35.76 -39.78 14.55
CA GLN D 112 36.77 -40.75 14.93
C GLN D 112 36.22 -41.80 15.90
N ARG D 113 35.74 -41.38 17.06
CA ARG D 113 35.34 -42.28 18.13
C ARG D 113 33.87 -42.06 18.46
N ASP D 114 33.34 -42.95 19.29
CA ASP D 114 31.94 -42.85 19.70
C ASP D 114 31.82 -43.55 21.06
N ASN D 115 31.75 -42.75 22.12
CA ASN D 115 31.60 -43.26 23.47
C ASN D 115 30.40 -42.58 24.12
N LYS D 116 29.73 -43.32 25.01
CA LYS D 116 28.53 -42.79 25.64
C LYS D 116 28.83 -41.54 26.46
N TRP D 117 29.95 -41.54 27.18
CA TRP D 117 30.22 -40.45 28.11
C TRP D 117 30.56 -39.16 27.38
N VAL D 118 31.23 -39.26 26.23
CA VAL D 118 31.52 -38.05 25.47
C VAL D 118 30.23 -37.43 24.95
N PHE D 119 29.30 -38.26 24.47
CA PHE D 119 28.01 -37.74 24.03
C PHE D 119 27.24 -37.11 25.18
N TYR D 120 27.24 -37.75 26.35
CA TYR D 120 26.56 -37.18 27.50
C TYR D 120 27.17 -35.84 27.87
N LEU D 121 28.50 -35.75 27.88
CA LEU D 121 29.18 -34.51 28.23
C LEU D 121 28.84 -33.41 27.23
N HIS D 122 28.80 -33.74 25.94
CA HIS D 122 28.51 -32.70 24.95
C HIS D 122 27.05 -32.25 25.05
N SER D 123 26.13 -33.17 25.31
CA SER D 123 24.74 -32.77 25.51
C SER D 123 24.62 -31.85 26.72
N PHE D 124 25.27 -32.20 27.83
CA PHE D 124 25.22 -31.36 29.02
C PHE D 124 25.82 -29.99 28.74
N LEU D 125 26.95 -29.93 28.05
CA LEU D 125 27.60 -28.64 27.80
C LEU D 125 26.82 -27.79 26.82
N VAL D 126 26.11 -28.41 25.87
CA VAL D 126 25.28 -27.63 24.96
C VAL D 126 24.05 -27.09 25.67
N VAL D 127 23.47 -27.88 26.59
CA VAL D 127 22.28 -27.43 27.30
C VAL D 127 22.61 -26.62 28.55
N LEU D 128 23.90 -26.43 28.86
CA LEU D 128 24.28 -25.67 30.05
C LEU D 128 23.75 -24.24 30.10
N PRO D 129 23.74 -23.44 29.03
CA PRO D 129 23.13 -22.11 29.15
C PRO D 129 21.69 -22.14 29.63
N LEU D 130 20.89 -23.11 29.16
CA LEU D 130 19.52 -23.23 29.65
C LEU D 130 19.50 -23.59 31.13
N ILE D 131 20.40 -24.49 31.55
CA ILE D 131 20.46 -24.85 32.97
C ILE D 131 20.78 -23.63 33.81
N LEU D 132 21.73 -22.81 33.37
CA LEU D 132 22.07 -21.61 34.13
C LEU D 132 20.90 -20.64 34.17
N VAL D 133 20.23 -20.44 33.04
CA VAL D 133 19.11 -19.50 33.02
C VAL D 133 18.00 -19.97 33.96
N LYS D 134 17.77 -21.27 34.03
CA LYS D 134 16.71 -21.77 34.91
C LYS D 134 17.13 -21.77 36.37
N VAL D 135 18.39 -22.04 36.68
CA VAL D 135 18.82 -22.22 38.06
C VAL D 135 19.21 -20.90 38.73
N GLU D 136 19.74 -19.93 37.98
CA GLU D 136 20.22 -18.71 38.60
C GLU D 136 19.14 -17.98 39.41
N PRO D 137 17.92 -17.78 38.92
CA PRO D 137 16.90 -17.15 39.78
C PRO D 137 16.64 -17.91 41.06
N THR D 138 16.81 -19.24 41.07
CA THR D 138 16.64 -19.99 42.31
C THR D 138 17.67 -19.58 43.35
N ILE D 139 18.92 -19.40 42.94
CA ILE D 139 19.99 -19.11 43.88
C ILE D 139 20.12 -17.61 44.11
N ASN D 140 20.45 -16.87 43.04
CA ASN D 140 20.69 -15.44 43.19
C ASN D 140 19.42 -14.64 43.41
N GLY D 141 18.31 -15.05 42.79
CA GLY D 141 17.10 -14.27 42.82
C GLY D 141 16.94 -13.27 41.69
N THR D 142 17.93 -13.17 40.81
CA THR D 142 17.87 -12.27 39.67
C THR D 142 18.16 -13.05 38.39
N GLN D 143 17.59 -12.57 37.29
CA GLN D 143 17.77 -13.24 36.00
C GLN D 143 19.25 -13.30 35.64
N SER D 144 19.66 -14.44 35.07
CA SER D 144 21.05 -14.63 34.73
C SER D 144 21.45 -13.75 33.54
N LEU D 145 22.76 -13.52 33.42
CA LEU D 145 23.25 -12.65 32.36
C LEU D 145 22.99 -13.25 30.99
N LEU D 146 23.22 -14.54 30.83
CA LEU D 146 23.13 -15.20 29.53
C LEU D 146 21.72 -15.72 29.25
N ASN D 147 20.74 -14.84 29.41
CA ASN D 147 19.35 -15.15 29.15
C ASN D 147 18.79 -14.16 28.15
N PHE D 148 18.12 -14.67 27.12
CA PHE D 148 17.48 -13.81 26.13
C PHE D 148 16.08 -14.36 25.87
N LEU D 149 15.45 -13.88 24.82
CA LEU D 149 14.02 -14.12 24.63
C LEU D 149 13.73 -15.58 24.31
N GLY D 150 14.45 -16.16 23.36
CA GLY D 150 14.08 -17.46 22.86
C GLY D 150 14.94 -18.63 23.27
N ILE D 151 15.77 -18.44 24.31
CA ILE D 151 16.76 -19.46 24.65
C ILE D 151 16.08 -20.80 24.94
N SER D 152 14.95 -20.77 25.65
CA SER D 152 14.28 -22.02 26.02
C SER D 152 13.89 -22.83 24.79
N TYR D 153 13.62 -22.17 23.67
CA TYR D 153 13.22 -22.85 22.44
C TYR D 153 14.35 -22.93 21.44
N LEU D 154 15.58 -22.64 21.84
CA LEU D 154 16.73 -22.74 20.95
C LEU D 154 17.63 -23.92 21.29
N THR D 155 17.92 -24.16 22.57
CA THR D 155 18.74 -25.31 22.91
C THR D 155 18.10 -26.59 22.43
N PHE D 156 16.76 -26.64 22.41
CA PHE D 156 16.06 -27.80 21.86
C PHE D 156 16.58 -28.14 20.47
N ARG D 157 16.79 -27.13 19.64
CA ARG D 157 17.39 -27.39 18.33
C ARG D 157 18.85 -27.79 18.49
N ALA D 158 19.62 -27.02 19.27
CA ALA D 158 21.06 -27.27 19.39
C ALA D 158 21.31 -28.68 19.88
N VAL D 159 20.86 -29.00 21.10
CA VAL D 159 21.06 -30.34 21.62
C VAL D 159 20.43 -31.37 20.70
N GLY D 160 19.35 -31.00 19.99
CA GLY D 160 18.74 -31.93 19.06
C GLY D 160 19.75 -32.42 18.04
N MET D 161 20.51 -31.50 17.45
CA MET D 161 21.51 -31.90 16.47
C MET D 161 22.51 -32.87 17.09
N ILE D 162 22.94 -32.61 18.33
CA ILE D 162 23.90 -33.51 18.96
C ILE D 162 23.33 -34.91 19.02
N ILE D 163 22.06 -35.03 19.38
CA ILE D 163 21.46 -36.37 19.45
C ILE D 163 21.51 -37.04 18.09
N GLU D 164 21.22 -36.27 17.03
CA GLU D 164 21.27 -36.84 15.70
C GLU D 164 22.66 -37.31 15.32
N MET D 165 23.71 -36.74 15.91
CA MET D 165 25.04 -37.24 15.62
C MET D 165 25.32 -38.54 16.37
N ARG D 166 24.73 -38.74 17.54
CA ARG D 166 24.94 -39.98 18.26
C ARG D 166 24.35 -41.17 17.51
N ASP D 167 23.18 -40.98 16.91
CA ASP D 167 22.53 -42.04 16.15
C ASP D 167 23.14 -42.24 14.77
N GLY D 168 23.98 -41.32 14.31
CA GLY D 168 24.54 -41.41 12.98
C GLY D 168 23.66 -40.89 11.87
N VAL D 169 22.50 -40.34 12.21
CA VAL D 169 21.61 -39.81 11.18
C VAL D 169 22.24 -38.62 10.47
N LEU D 170 22.98 -37.81 11.22
CA LEU D 170 23.60 -36.61 10.68
C LEU D 170 25.11 -36.81 10.58
N LYS D 171 25.68 -36.45 9.44
CA LYS D 171 27.11 -36.64 9.20
C LYS D 171 27.83 -35.37 8.77
N GLU D 172 27.23 -34.56 7.91
CA GLU D 172 27.90 -33.40 7.37
C GLU D 172 26.91 -32.24 7.23
N PHE D 173 27.35 -31.06 7.61
CA PHE D 173 26.53 -29.86 7.49
C PHE D 173 27.43 -28.63 7.58
N THR D 174 27.18 -27.66 6.72
CA THR D 174 27.96 -26.44 6.73
C THR D 174 27.45 -25.49 7.82
N LEU D 175 28.24 -24.47 8.12
CA LEU D 175 27.83 -23.49 9.12
C LEU D 175 26.58 -22.74 8.70
N GLY D 176 26.43 -22.47 7.40
CA GLY D 176 25.23 -21.80 6.95
C GLY D 176 23.97 -22.55 7.31
N GLU D 177 23.98 -23.87 7.07
CA GLU D 177 22.81 -24.68 7.40
C GLU D 177 22.55 -24.69 8.89
N PHE D 178 23.59 -24.88 9.69
CA PHE D 178 23.44 -24.94 11.14
C PHE D 178 22.86 -23.65 11.69
N LEU D 179 23.41 -22.51 11.27
CA LEU D 179 22.95 -21.24 11.82
C LEU D 179 21.62 -20.79 11.23
N ARG D 180 21.28 -21.20 10.02
CA ARG D 180 19.96 -20.88 9.50
C ARG D 180 18.90 -21.79 10.09
N PHE D 181 19.31 -22.94 10.64
CA PHE D 181 18.36 -23.82 11.32
C PHE D 181 18.13 -23.37 12.75
N MET D 182 19.20 -23.20 13.52
CA MET D 182 19.04 -22.84 14.93
C MET D 182 18.35 -21.48 15.08
N LEU D 183 18.73 -20.50 14.27
CA LEU D 183 18.26 -19.13 14.40
C LEU D 183 17.13 -18.81 13.43
N PHE D 184 16.23 -19.77 13.18
CA PHE D 184 15.13 -19.52 12.26
C PHE D 184 14.30 -18.33 12.74
N MET D 185 14.05 -17.38 11.85
CA MET D 185 13.42 -16.13 12.27
C MET D 185 12.01 -16.30 12.80
N PRO D 186 11.09 -17.00 12.13
CA PRO D 186 9.72 -17.06 12.66
C PRO D 186 9.62 -17.78 13.99
N THR D 187 10.19 -18.97 14.08
CA THR D 187 10.07 -19.80 15.28
C THR D 187 11.28 -19.58 16.19
N PHE D 188 11.48 -18.34 16.61
CA PHE D 188 12.62 -17.98 17.43
C PHE D 188 12.22 -17.64 18.86
N THR D 189 11.32 -16.67 19.05
CA THR D 189 11.00 -16.20 20.39
C THR D 189 10.42 -17.32 21.23
N SER D 190 9.23 -17.80 20.86
CA SER D 190 8.70 -19.02 21.47
C SER D 190 7.84 -19.71 20.40
N GLY D 191 8.48 -20.54 19.60
CA GLY D 191 7.84 -21.09 18.42
C GLY D 191 7.99 -22.59 18.37
N PRO D 192 7.45 -23.21 17.32
CA PRO D 192 7.49 -24.68 17.22
C PRO D 192 8.93 -25.18 17.23
N ILE D 193 9.16 -26.24 18.00
CA ILE D 193 10.49 -26.81 18.13
C ILE D 193 10.69 -27.81 17.01
N ASP D 194 11.75 -27.63 16.24
CA ASP D 194 11.97 -28.39 15.03
C ASP D 194 13.13 -29.37 15.22
N ARG D 195 13.47 -30.07 14.14
CA ARG D 195 14.62 -30.96 14.11
C ARG D 195 15.47 -30.59 12.91
N PHE D 196 16.75 -30.94 12.94
CA PHE D 196 17.63 -30.52 11.85
C PHE D 196 17.37 -31.31 10.59
N LYS D 197 17.19 -32.63 10.69
CA LYS D 197 17.01 -33.44 9.49
C LYS D 197 15.80 -32.97 8.70
N ARG D 198 14.66 -32.84 9.36
CA ARG D 198 13.44 -32.43 8.67
C ARG D 198 13.58 -31.02 8.11
N PHE D 199 14.15 -30.10 8.90
CA PHE D 199 14.27 -28.73 8.45
C PHE D 199 15.18 -28.62 7.24
N ASN D 200 16.31 -29.31 7.26
CA ASN D 200 17.22 -29.27 6.12
C ASN D 200 16.57 -29.89 4.89
N GLU D 201 15.92 -31.05 5.04
CA GLU D 201 15.31 -31.68 3.87
C GLU D 201 14.18 -30.83 3.30
N ASP D 202 13.47 -30.09 4.15
CA ASP D 202 12.44 -29.21 3.65
C ASP D 202 12.98 -27.86 3.17
N TYR D 203 14.24 -27.55 3.49
CA TYR D 203 14.86 -26.34 2.99
C TYR D 203 15.52 -26.56 1.64
N GLN D 204 16.09 -27.74 1.41
CA GLN D 204 16.75 -28.01 0.13
C GLN D 204 15.75 -27.99 -1.02
N SER D 205 14.65 -28.73 -0.89
CA SER D 205 13.72 -28.96 -1.99
C SER D 205 12.60 -27.95 -1.92
N ILE D 206 12.70 -26.89 -2.71
CA ILE D 206 11.63 -25.89 -2.79
C ILE D 206 10.38 -26.55 -3.38
N PRO D 207 9.22 -26.39 -2.79
CA PRO D 207 8.01 -27.05 -3.30
C PRO D 207 7.60 -26.50 -4.65
N ASN D 208 6.93 -27.34 -5.43
CA ASN D 208 6.43 -26.94 -6.74
C ASN D 208 5.34 -25.88 -6.58
N ARG D 209 4.87 -25.35 -7.72
CA ARG D 209 4.04 -24.16 -7.69
C ARG D 209 2.69 -24.41 -7.02
N ASP D 210 2.06 -25.56 -7.28
CA ASP D 210 0.76 -25.82 -6.68
C ASP D 210 0.86 -25.94 -5.17
N GLU D 211 1.86 -26.66 -4.68
CA GLU D 211 2.06 -26.78 -3.24
C GLU D 211 2.42 -25.43 -2.63
N LEU D 212 3.16 -24.62 -3.37
CA LEU D 212 3.50 -23.28 -2.90
C LEU D 212 2.25 -22.40 -2.79
N LEU D 213 1.34 -22.53 -3.75
CA LEU D 213 0.08 -21.78 -3.69
C LEU D 213 -0.76 -22.24 -2.50
N ASN D 214 -0.80 -23.55 -2.25
CA ASN D 214 -1.50 -24.06 -1.07
C ASN D 214 -0.88 -23.48 0.19
N MET D 215 0.45 -23.41 0.24
CA MET D 215 1.13 -22.85 1.40
C MET D 215 0.79 -21.37 1.58
N LEU D 216 0.71 -20.62 0.48
CA LEU D 216 0.36 -19.21 0.59
C LEU D 216 -1.06 -19.03 1.11
N GLU D 217 -2.01 -19.83 0.60
CA GLU D 217 -3.37 -19.75 1.08
C GLU D 217 -3.46 -20.09 2.56
N GLN D 218 -2.76 -21.15 2.98
CA GLN D 218 -2.75 -21.52 4.39
C GLN D 218 -2.07 -20.46 5.24
N ALA D 219 -1.06 -19.78 4.71
CA ALA D 219 -0.41 -18.71 5.45
C ALA D 219 -1.35 -17.54 5.68
N VAL D 220 -2.12 -17.16 4.65
CA VAL D 220 -3.08 -16.07 4.83
C VAL D 220 -4.17 -16.47 5.81
N LYS D 221 -4.66 -17.71 5.71
CA LYS D 221 -5.66 -18.19 6.66
C LYS D 221 -5.12 -18.17 8.08
N TYR D 222 -3.86 -18.60 8.26
CA TYR D 222 -3.24 -18.60 9.57
C TYR D 222 -3.08 -17.19 10.11
N ILE D 223 -2.74 -16.24 9.24
CA ILE D 223 -2.57 -14.86 9.69
C ILE D 223 -3.91 -14.30 10.18
N MET D 224 -4.98 -14.54 9.42
CA MET D 224 -6.29 -14.04 9.83
C MET D 224 -6.75 -14.69 11.14
N LEU D 225 -6.63 -16.01 11.23
CA LEU D 225 -7.00 -16.68 12.47
C LEU D 225 -6.12 -16.24 13.63
N GLY D 226 -4.86 -15.91 13.37
CA GLY D 226 -4.01 -15.40 14.43
C GLY D 226 -4.47 -14.03 14.91
N PHE D 227 -4.86 -13.17 13.98
CA PHE D 227 -5.48 -11.90 14.37
C PHE D 227 -6.65 -12.16 15.30
N LEU D 228 -7.55 -13.06 14.89
CA LEU D 228 -8.73 -13.34 15.70
C LEU D 228 -8.36 -13.92 17.07
N TYR D 229 -7.39 -14.83 17.12
CA TYR D 229 -7.06 -15.52 18.36
C TYR D 229 -6.34 -14.60 19.32
N LYS D 230 -5.35 -13.86 18.84
CA LYS D 230 -4.46 -13.12 19.72
C LYS D 230 -4.95 -11.70 20.01
N PHE D 231 -5.63 -11.06 19.08
CA PHE D 231 -6.03 -9.67 19.27
C PHE D 231 -7.47 -9.51 19.75
N VAL D 232 -8.29 -10.53 19.64
CA VAL D 232 -9.69 -10.46 20.05
C VAL D 232 -9.99 -11.40 21.22
N LEU D 233 -9.83 -12.71 21.00
CA LEU D 233 -10.19 -13.66 22.05
C LEU D 233 -9.17 -13.66 23.18
N ALA D 234 -7.88 -13.60 22.84
CA ALA D 234 -6.87 -13.54 23.87
C ALA D 234 -7.00 -12.27 24.71
N GLN D 235 -7.28 -11.14 24.06
CA GLN D 235 -7.48 -9.90 24.80
C GLN D 235 -8.70 -9.99 25.70
N ILE D 236 -9.80 -10.56 25.20
CA ILE D 236 -11.00 -10.69 26.01
C ILE D 236 -10.72 -11.53 27.25
N PHE D 237 -10.03 -12.66 27.06
CA PHE D 237 -9.82 -13.57 28.18
C PHE D 237 -8.66 -13.14 29.09
N GLY D 238 -7.80 -12.23 28.66
CA GLY D 238 -6.63 -11.93 29.45
C GLY D 238 -6.59 -10.54 30.04
N SER D 239 -7.15 -9.54 29.36
CA SER D 239 -7.13 -8.17 29.84
C SER D 239 -8.50 -7.67 30.29
N MET D 240 -9.50 -8.53 30.34
CA MET D 240 -10.82 -8.10 30.77
C MET D 240 -11.40 -8.96 31.88
N LEU D 241 -11.15 -10.26 31.88
CA LEU D 241 -11.69 -11.17 32.87
C LEU D 241 -10.66 -11.65 33.88
N LEU D 242 -9.44 -11.92 33.42
CA LEU D 242 -8.42 -12.49 34.31
C LEU D 242 -8.06 -11.56 35.46
N PRO D 243 -7.81 -10.26 35.26
CA PRO D 243 -7.44 -9.40 36.40
C PRO D 243 -8.56 -9.30 37.43
N PRO D 244 -9.81 -8.97 37.04
CA PRO D 244 -10.86 -8.92 38.07
C PRO D 244 -11.13 -10.26 38.73
N LEU D 245 -11.04 -11.36 37.99
CA LEU D 245 -11.24 -12.66 38.61
C LEU D 245 -10.15 -12.97 39.61
N LYS D 246 -8.89 -12.67 39.28
CA LYS D 246 -7.81 -12.84 40.24
C LYS D 246 -8.01 -11.98 41.48
N ALA D 247 -8.43 -10.73 41.27
CA ALA D 247 -8.64 -9.83 42.40
C ALA D 247 -9.74 -10.35 43.32
N GLN D 248 -10.85 -10.79 42.74
CA GLN D 248 -11.95 -11.31 43.56
C GLN D 248 -11.53 -12.59 44.29
N ALA D 249 -10.80 -13.48 43.60
CA ALA D 249 -10.37 -14.72 44.24
C ALA D 249 -9.43 -14.43 45.40
N LEU D 250 -8.51 -13.48 45.23
CA LEU D 250 -7.62 -13.10 46.33
C LEU D 250 -8.41 -12.46 47.48
N SER D 251 -9.39 -11.60 47.14
CA SER D 251 -10.15 -10.92 48.18
C SER D 251 -10.96 -11.90 49.02
N GLN D 252 -11.60 -12.87 48.38
CA GLN D 252 -12.33 -13.88 49.15
C GLN D 252 -11.38 -14.72 49.99
N GLY D 253 -10.23 -15.08 49.43
CA GLY D 253 -9.24 -15.83 50.18
C GLY D 253 -9.66 -17.27 50.41
N GLY D 254 -8.88 -17.93 51.28
CA GLY D 254 -9.11 -19.32 51.60
C GLY D 254 -8.34 -20.26 50.70
N ILE D 255 -8.50 -21.55 50.98
CA ILE D 255 -7.82 -22.57 50.18
C ILE D 255 -8.36 -22.58 48.75
N PHE D 256 -9.68 -22.52 48.60
CA PHE D 256 -10.29 -22.57 47.28
C PHE D 256 -11.63 -21.85 47.34
N ASN D 257 -12.09 -21.40 46.18
CA ASN D 257 -13.36 -20.70 46.07
C ASN D 257 -13.81 -20.72 44.62
N LEU D 258 -15.08 -20.38 44.41
CA LEU D 258 -15.60 -20.31 43.04
C LEU D 258 -14.84 -19.34 42.15
N PRO D 259 -14.44 -18.14 42.60
CA PRO D 259 -13.61 -17.30 41.73
C PRO D 259 -12.33 -17.97 41.30
N THR D 260 -11.80 -18.91 42.10
CA THR D 260 -10.63 -19.66 41.66
C THR D 260 -10.97 -20.59 40.52
N LEU D 261 -12.16 -21.20 40.53
CA LEU D 261 -12.59 -21.96 39.36
C LEU D 261 -12.72 -21.07 38.14
N GLY D 262 -13.28 -19.88 38.33
CA GLY D 262 -13.39 -18.95 37.22
C GLY D 262 -12.04 -18.58 36.64
N VAL D 263 -11.08 -18.28 37.51
CA VAL D 263 -9.76 -17.90 37.02
C VAL D 263 -9.06 -19.10 36.40
N MET D 264 -9.29 -20.30 36.91
CA MET D 264 -8.71 -21.49 36.30
C MET D 264 -9.18 -21.65 34.86
N TYR D 265 -10.49 -21.62 34.64
CA TYR D 265 -11.01 -21.80 33.29
C TYR D 265 -10.62 -20.64 32.38
N VAL D 266 -10.68 -19.42 32.89
CA VAL D 266 -10.33 -18.27 32.06
C VAL D 266 -8.86 -18.30 31.69
N TYR D 267 -7.98 -18.66 32.63
CA TYR D 267 -6.57 -18.71 32.30
C TYR D 267 -6.27 -19.85 31.34
N GLY D 268 -6.95 -20.99 31.48
CA GLY D 268 -6.75 -22.05 30.52
C GLY D 268 -7.08 -21.61 29.11
N PHE D 269 -8.24 -20.95 28.95
CA PHE D 269 -8.62 -20.50 27.61
C PHE D 269 -7.73 -19.37 27.13
N ASP D 270 -7.29 -18.48 28.01
CA ASP D 270 -6.40 -17.41 27.60
C ASP D 270 -5.05 -17.95 27.14
N LEU D 271 -4.49 -18.88 27.91
CA LEU D 271 -3.24 -19.51 27.53
C LEU D 271 -3.38 -20.18 26.16
N PHE D 272 -4.45 -20.98 26.00
CA PHE D 272 -4.61 -21.67 24.73
C PHE D 272 -4.75 -20.70 23.58
N PHE D 273 -5.56 -19.65 23.74
CA PHE D 273 -5.80 -18.76 22.61
C PHE D 273 -4.58 -17.93 22.28
N ASP D 274 -3.88 -17.40 23.29
CA ASP D 274 -2.68 -16.63 23.02
C ASP D 274 -1.60 -17.48 22.36
N PHE D 275 -1.39 -18.70 22.88
CA PHE D 275 -0.35 -19.54 22.30
C PHE D 275 -0.73 -20.02 20.92
N ALA D 276 -2.01 -20.36 20.70
CA ALA D 276 -2.43 -20.77 19.36
C ALA D 276 -2.31 -19.63 18.37
N GLY D 277 -2.59 -18.40 18.82
CA GLY D 277 -2.40 -17.26 17.93
C GLY D 277 -0.94 -17.09 17.55
N TYR D 278 -0.04 -17.18 18.53
CA TYR D 278 1.37 -17.08 18.20
C TYR D 278 1.79 -18.19 17.25
N SER D 279 1.34 -19.42 17.52
CA SER D 279 1.76 -20.54 16.68
C SER D 279 1.23 -20.39 15.26
N MET D 280 0.00 -19.90 15.11
CA MET D 280 -0.52 -19.66 13.76
C MET D 280 0.29 -18.59 13.05
N PHE D 281 0.66 -17.52 13.75
CA PHE D 281 1.51 -16.51 13.15
C PHE D 281 2.85 -17.10 12.71
N ALA D 282 3.46 -17.92 13.58
CA ALA D 282 4.77 -18.48 13.27
C ALA D 282 4.69 -19.43 12.09
N LEU D 283 3.66 -20.27 12.04
CA LEU D 283 3.51 -21.18 10.92
C LEU D 283 3.22 -20.43 9.63
N ALA D 284 2.46 -19.33 9.71
CA ALA D 284 2.21 -18.54 8.50
C ALA D 284 3.49 -17.92 7.96
N VAL D 285 4.28 -17.30 8.84
CA VAL D 285 5.53 -16.68 8.39
C VAL D 285 6.49 -17.74 7.90
N SER D 286 6.49 -18.92 8.52
CA SER D 286 7.33 -20.01 8.04
C SER D 286 6.91 -20.47 6.66
N ASN D 287 5.61 -20.57 6.42
CA ASN D 287 5.13 -20.94 5.09
C ASN D 287 5.51 -19.89 4.06
N LEU D 288 5.52 -18.61 4.44
CA LEU D 288 5.95 -17.59 3.50
C LEU D 288 7.42 -17.71 3.13
N MET D 289 8.22 -18.42 3.93
CA MET D 289 9.62 -18.68 3.59
C MET D 289 9.82 -20.02 2.90
N GLY D 290 8.76 -20.81 2.72
CA GLY D 290 8.86 -22.10 2.07
C GLY D 290 9.12 -23.28 2.97
N ILE D 291 9.12 -23.08 4.29
CA ILE D 291 9.37 -24.15 5.26
C ILE D 291 8.10 -24.37 6.06
N LYS D 292 7.69 -25.63 6.19
CA LYS D 292 6.50 -25.99 6.96
C LYS D 292 6.95 -26.42 8.36
N SER D 293 6.92 -25.48 9.29
CA SER D 293 7.29 -25.80 10.66
C SER D 293 6.23 -26.70 11.29
N PRO D 294 6.60 -27.49 12.30
CA PRO D 294 5.62 -28.38 12.93
C PRO D 294 4.49 -27.59 13.57
N ILE D 295 3.28 -28.17 13.53
CA ILE D 295 2.15 -27.50 14.15
C ILE D 295 2.28 -27.56 15.67
N ASN D 296 1.58 -26.66 16.34
CA ASN D 296 1.61 -26.59 17.80
C ASN D 296 0.33 -27.14 18.42
N PHE D 297 -0.83 -26.70 17.96
CA PHE D 297 -2.11 -27.14 18.51
C PHE D 297 -2.99 -27.67 17.38
N ASP D 298 -3.58 -28.85 17.61
CA ASP D 298 -4.56 -29.42 16.69
C ASP D 298 -5.77 -29.87 17.50
N LYS D 299 -6.68 -28.92 17.80
CA LYS D 299 -7.89 -29.17 18.57
C LYS D 299 -7.55 -29.86 19.89
N PRO D 300 -7.01 -29.15 20.88
CA PRO D 300 -6.59 -29.82 22.12
C PRO D 300 -7.72 -30.12 23.09
N PHE D 301 -8.86 -29.43 22.98
CA PHE D 301 -9.90 -29.56 24.00
C PHE D 301 -10.89 -30.67 23.72
N ILE D 302 -11.04 -31.10 22.47
CA ILE D 302 -11.90 -32.24 22.15
C ILE D 302 -11.25 -33.56 22.50
N SER D 303 -10.02 -33.55 23.01
CA SER D 303 -9.34 -34.77 23.38
C SER D 303 -10.03 -35.41 24.58
N ARG D 304 -10.29 -36.71 24.48
CA ARG D 304 -11.03 -37.43 25.50
C ARG D 304 -10.12 -38.25 26.41
N ASP D 305 -8.83 -37.92 26.44
CA ASP D 305 -7.91 -38.68 27.26
C ASP D 305 -6.59 -37.91 27.36
N MET D 306 -5.86 -38.12 28.45
CA MET D 306 -4.60 -37.43 28.62
C MET D 306 -3.59 -37.82 27.55
N LYS D 307 -3.47 -39.13 27.28
CA LYS D 307 -2.55 -39.56 26.24
C LYS D 307 -2.96 -39.03 24.87
N GLU D 308 -4.25 -38.86 24.65
CA GLU D 308 -4.70 -38.18 23.44
C GLU D 308 -4.55 -36.67 23.56
N PHE D 309 -4.53 -36.15 24.79
CA PHE D 309 -4.33 -34.71 24.97
C PHE D 309 -2.93 -34.29 24.56
N TRP D 310 -1.92 -35.04 25.02
CA TRP D 310 -0.55 -34.66 24.70
C TRP D 310 -0.20 -34.83 23.23
N ASN D 311 -1.06 -35.49 22.46
CA ASN D 311 -0.95 -35.48 21.01
C ASN D 311 -1.79 -34.39 20.39
N ARG D 312 -2.28 -33.44 21.18
CA ARG D 312 -3.02 -32.31 20.65
C ARG D 312 -2.47 -30.99 21.17
N TRP D 313 -1.93 -31.01 22.39
CA TRP D 313 -1.53 -29.79 23.07
C TRP D 313 -0.02 -29.61 22.98
N HIS D 314 0.40 -28.46 22.46
CA HIS D 314 1.81 -28.16 22.25
C HIS D 314 2.46 -29.32 21.52
N MET D 315 2.03 -29.51 20.27
CA MET D 315 2.46 -30.68 19.51
C MET D 315 3.98 -30.73 19.37
N SER D 316 4.60 -29.61 19.04
CA SER D 316 6.04 -29.60 18.78
C SER D 316 6.82 -30.01 20.03
N LEU D 317 6.57 -29.34 21.15
CA LEU D 317 7.31 -29.63 22.37
C LEU D 317 7.03 -31.04 22.89
N SER D 318 5.76 -31.44 22.88
CA SER D 318 5.42 -32.77 23.38
C SER D 318 6.06 -33.86 22.53
N PHE D 319 6.02 -33.70 21.21
CA PHE D 319 6.64 -34.68 20.33
C PHE D 319 8.15 -34.69 20.49
N TRP D 320 8.76 -33.52 20.71
CA TRP D 320 10.20 -33.48 20.94
C TRP D 320 10.56 -34.27 22.19
N PHE D 321 9.85 -34.01 23.29
CA PHE D 321 10.15 -34.72 24.52
C PHE D 321 9.83 -36.21 24.41
N ARG D 322 8.85 -36.57 23.59
CA ARG D 322 8.55 -37.97 23.39
C ARG D 322 9.67 -38.67 22.62
N ASP D 323 10.18 -38.01 21.58
CA ASP D 323 11.18 -38.65 20.73
C ASP D 323 12.55 -38.70 21.38
N PHE D 324 12.99 -37.63 22.03
CA PHE D 324 14.38 -37.54 22.48
C PHE D 324 14.58 -37.74 23.97
N VAL D 325 13.55 -37.58 24.80
CA VAL D 325 13.69 -37.71 26.24
C VAL D 325 12.94 -38.92 26.78
N PHE D 326 11.80 -39.26 26.18
CA PHE D 326 11.00 -40.40 26.64
C PHE D 326 11.46 -41.71 26.01
N MET D 327 11.46 -41.77 24.68
CA MET D 327 11.83 -43.01 23.99
C MET D 327 13.25 -43.43 24.33
N ARG D 328 14.17 -42.48 24.35
CA ARG D 328 15.56 -42.82 24.66
C ARG D 328 15.70 -43.34 26.08
N LEU D 329 14.95 -42.77 27.02
CA LEU D 329 14.99 -43.27 28.39
C LEU D 329 14.39 -44.66 28.50
N VAL D 330 13.31 -44.93 27.76
CA VAL D 330 12.74 -46.27 27.75
C VAL D 330 13.76 -47.27 27.20
N ILE D 331 14.45 -46.89 26.13
CA ILE D 331 15.45 -47.78 25.54
C ILE D 331 16.58 -48.03 26.52
N VAL D 332 17.02 -46.99 27.23
CA VAL D 332 18.08 -47.16 28.23
C VAL D 332 17.63 -48.09 29.34
N LEU D 333 16.40 -47.90 29.84
CA LEU D 333 15.91 -48.72 30.94
C LEU D 333 15.76 -50.18 30.51
N MET D 334 15.30 -50.42 29.28
CA MET D 334 15.17 -51.79 28.80
C MET D 334 16.53 -52.41 28.48
N ARG D 335 17.53 -51.57 28.18
CA ARG D 335 18.87 -52.09 27.90
C ARG D 335 19.47 -52.73 29.14
N ASN D 336 19.29 -52.12 30.30
CA ASN D 336 19.81 -52.64 31.56
C ASN D 336 18.79 -53.45 32.33
N LYS D 337 17.58 -53.61 31.80
CA LYS D 337 16.46 -54.31 32.44
C LYS D 337 16.41 -54.03 33.94
N VAL D 338 16.39 -52.74 34.29
CA VAL D 338 16.30 -52.34 35.69
C VAL D 338 14.98 -52.80 36.29
N PHE D 339 13.88 -52.61 35.56
CA PHE D 339 12.57 -53.06 36.00
C PHE D 339 12.16 -54.31 35.23
N LYS D 340 11.42 -55.18 35.90
CA LYS D 340 11.08 -56.48 35.32
C LYS D 340 10.00 -56.35 34.24
N ASN D 341 8.82 -55.88 34.62
CA ASN D 341 7.72 -55.78 33.67
C ASN D 341 7.83 -54.50 32.85
N ARG D 342 7.18 -54.51 31.69
CA ARG D 342 7.20 -53.34 30.82
C ARG D 342 6.38 -52.20 31.39
N ASN D 343 5.29 -52.50 32.10
CA ASN D 343 4.43 -51.44 32.61
C ASN D 343 5.15 -50.55 33.61
N THR D 344 5.94 -51.14 34.51
CA THR D 344 6.67 -50.34 35.48
C THR D 344 7.67 -49.42 34.80
N THR D 345 8.39 -49.93 33.81
CA THR D 345 9.34 -49.11 33.08
C THR D 345 8.64 -47.98 32.34
N SER D 346 7.49 -48.28 31.73
CA SER D 346 6.74 -47.25 31.03
C SER D 346 6.27 -46.17 31.99
N ASN D 347 5.77 -46.57 33.16
CA ASN D 347 5.31 -45.58 34.13
C ASN D 347 6.47 -44.71 34.63
N VAL D 348 7.61 -45.33 34.92
CA VAL D 348 8.77 -44.56 35.38
C VAL D 348 9.23 -43.60 34.31
N ALA D 349 9.26 -44.04 33.05
CA ALA D 349 9.65 -43.16 31.97
C ALA D 349 8.66 -42.01 31.81
N TYR D 350 7.37 -42.30 31.93
CA TYR D 350 6.36 -41.23 31.89
C TYR D 350 6.65 -40.18 32.96
N ILE D 351 6.88 -40.63 34.19
CA ILE D 351 7.08 -39.72 35.30
C ILE D 351 8.34 -38.88 35.08
N ILE D 352 9.43 -39.52 34.66
CA ILE D 352 10.69 -38.81 34.49
C ILE D 352 10.58 -37.81 33.34
N ASN D 353 9.96 -38.21 32.23
CA ASN D 353 9.79 -37.29 31.11
C ASN D 353 8.95 -36.08 31.51
N MET D 354 7.84 -36.31 32.23
CA MET D 354 7.01 -35.17 32.60
C MET D 354 7.69 -34.32 33.66
N MET D 355 8.50 -34.90 34.53
CA MET D 355 9.24 -34.10 35.49
C MET D 355 10.27 -33.23 34.80
N VAL D 356 10.96 -33.77 33.79
CA VAL D 356 11.91 -32.98 33.04
C VAL D 356 11.21 -31.89 32.26
N MET D 357 10.00 -32.17 31.76
CA MET D 357 9.21 -31.11 31.13
C MET D 357 8.78 -30.06 32.13
N GLY D 358 8.59 -30.46 33.39
CA GLY D 358 8.31 -29.48 34.43
C GLY D 358 9.50 -28.59 34.71
N PHE D 359 10.70 -29.17 34.79
CA PHE D 359 11.90 -28.37 35.04
C PHE D 359 12.12 -27.35 33.93
N TRP D 360 11.88 -27.76 32.69
CA TRP D 360 12.16 -26.90 31.54
C TRP D 360 11.46 -25.55 31.65
N HIS D 361 10.29 -25.51 32.28
CA HIS D 361 9.58 -24.24 32.41
C HIS D 361 10.23 -23.32 33.43
N GLY D 362 11.00 -23.88 34.35
CA GLY D 362 11.58 -23.11 35.43
C GLY D 362 11.54 -23.90 36.73
N ILE D 363 12.61 -23.88 37.50
CA ILE D 363 12.69 -24.73 38.70
C ILE D 363 12.09 -23.93 39.84
N THR D 364 10.77 -24.01 39.95
CA THR D 364 10.00 -23.49 41.07
C THR D 364 9.17 -24.63 41.64
N TRP D 365 8.29 -24.31 42.59
CA TRP D 365 7.46 -25.38 43.16
C TRP D 365 6.31 -25.76 42.23
N TYR D 366 5.66 -24.78 41.60
CA TYR D 366 4.45 -25.09 40.85
C TYR D 366 4.76 -25.73 39.50
N TYR D 367 5.92 -25.44 38.89
CA TYR D 367 6.26 -26.13 37.65
C TYR D 367 6.58 -27.60 37.91
N ILE D 368 7.30 -27.89 39.00
CA ILE D 368 7.54 -29.29 39.35
C ILE D 368 6.24 -29.98 39.71
N ALA D 369 5.32 -29.26 40.37
CA ALA D 369 4.01 -29.83 40.65
C ALA D 369 3.26 -30.14 39.37
N TYR D 370 3.33 -29.25 38.38
CA TYR D 370 2.71 -29.48 37.09
C TYR D 370 3.29 -30.72 36.42
N GLY D 371 4.61 -30.86 36.45
CA GLY D 371 5.23 -32.03 35.83
C GLY D 371 4.82 -33.32 36.50
N ILE D 372 4.87 -33.35 37.84
CA ILE D 372 4.50 -34.56 38.56
C ILE D 372 3.02 -34.88 38.35
N PHE D 373 2.18 -33.83 38.31
CA PHE D 373 0.76 -34.03 38.13
C PHE D 373 0.45 -34.64 36.76
N HIS D 374 1.09 -34.13 35.71
CA HIS D 374 0.84 -34.70 34.39
C HIS D 374 1.42 -36.10 34.26
N GLY D 375 2.58 -36.36 34.90
CA GLY D 375 3.11 -37.70 34.88
C GLY D 375 2.19 -38.70 35.57
N ILE D 376 1.65 -38.31 36.74
CA ILE D 376 0.69 -39.15 37.43
C ILE D 376 -0.57 -39.34 36.59
N GLY D 377 -1.00 -38.29 35.89
CA GLY D 377 -2.15 -38.42 35.01
C GLY D 377 -1.92 -39.43 33.90
N LEU D 378 -0.75 -39.39 33.26
CA LEU D 378 -0.45 -40.33 32.20
C LEU D 378 -0.37 -41.76 32.74
N VAL D 379 0.26 -41.94 33.91
CA VAL D 379 0.34 -43.28 34.48
C VAL D 379 -1.04 -43.80 34.84
N ILE D 380 -1.89 -42.94 35.41
CA ILE D 380 -3.26 -43.32 35.74
C ILE D 380 -4.01 -43.71 34.47
N ASN D 381 -3.84 -42.94 33.40
CA ASN D 381 -4.52 -43.25 32.15
C ASN D 381 -4.09 -44.59 31.58
N ASP D 382 -2.78 -44.88 31.63
CA ASP D 382 -2.31 -46.17 31.15
C ASP D 382 -2.87 -47.32 32.00
N ALA D 383 -2.89 -47.13 33.32
CA ALA D 383 -3.46 -48.15 34.19
C ALA D 383 -4.94 -48.36 33.89
N TRP D 384 -5.68 -47.28 33.65
CA TRP D 384 -7.09 -47.41 33.32
C TRP D 384 -7.29 -48.07 31.97
N LEU D 385 -6.42 -47.81 31.00
CA LEU D 385 -6.51 -48.51 29.72
C LEU D 385 -6.35 -50.01 29.91
N ARG D 386 -5.35 -50.41 30.69
CA ARG D 386 -5.17 -51.85 30.95
C ARG D 386 -6.37 -52.42 31.69
N LYS D 387 -6.88 -51.71 32.68
CA LYS D 387 -8.01 -52.21 33.46
C LYS D 387 -9.27 -52.31 32.60
N LYS D 388 -9.50 -51.33 31.73
CA LYS D 388 -10.64 -51.40 30.82
C LYS D 388 -10.51 -52.59 29.88
N LYS D 389 -9.30 -52.84 29.37
CA LYS D 389 -9.11 -53.98 28.49
C LYS D 389 -9.40 -55.29 29.20
N THR D 390 -8.89 -55.44 30.43
CA THR D 390 -9.12 -56.71 31.13
C THR D 390 -10.58 -56.85 31.58
N ILE D 391 -11.26 -55.73 31.89
CA ILE D 391 -12.67 -55.81 32.23
C ILE D 391 -13.50 -56.17 31.01
N ASN D 392 -13.13 -55.64 29.84
CA ASN D 392 -13.80 -56.05 28.61
C ASN D 392 -13.60 -57.53 28.35
N LYS D 393 -12.38 -58.03 28.61
CA LYS D 393 -12.14 -59.46 28.48
C LYS D 393 -13.03 -60.26 29.44
N ASP D 394 -13.14 -59.80 30.69
CA ASP D 394 -13.98 -60.51 31.66
C ASP D 394 -15.44 -60.54 31.22
N ARG D 395 -15.95 -59.42 30.72
CA ARG D 395 -17.34 -59.37 30.31
C ARG D 395 -17.58 -60.21 29.06
N LYS D 396 -16.64 -60.19 28.11
CA LYS D 396 -16.80 -60.99 26.91
C LYS D 396 -16.76 -62.49 27.21
N LYS D 397 -15.86 -62.90 28.12
CA LYS D 397 -15.79 -64.31 28.47
C LYS D 397 -17.07 -64.78 29.17
N ALA D 398 -17.73 -63.90 29.91
CA ALA D 398 -18.96 -64.24 30.61
C ALA D 398 -20.20 -64.10 29.74
N GLY D 399 -20.04 -63.70 28.49
CA GLY D 399 -21.16 -63.55 27.58
C GLY D 399 -21.86 -62.20 27.62
N LEU D 400 -21.49 -61.32 28.55
CA LEU D 400 -22.11 -60.02 28.63
C LEU D 400 -21.62 -59.12 27.50
N LYS D 401 -22.36 -58.03 27.27
CA LYS D 401 -21.96 -57.06 26.26
C LYS D 401 -20.74 -56.27 26.77
N PRO D 402 -19.90 -55.79 25.84
CA PRO D 402 -18.74 -54.99 26.25
C PRO D 402 -19.17 -53.65 26.84
N LEU D 403 -18.18 -52.94 27.36
CA LEU D 403 -18.45 -51.64 27.98
C LEU D 403 -18.99 -50.67 26.94
N PRO D 404 -19.95 -49.82 27.31
CA PRO D 404 -20.53 -48.89 26.33
C PRO D 404 -19.48 -47.93 25.79
N GLU D 405 -19.65 -47.58 24.51
CA GLU D 405 -18.81 -46.58 23.86
C GLU D 405 -19.68 -45.55 23.14
N ASN D 406 -20.82 -45.22 23.73
CA ASN D 406 -21.78 -44.31 23.11
C ASN D 406 -21.34 -42.87 23.31
N LYS D 407 -22.23 -41.92 23.00
CA LYS D 407 -21.90 -40.51 23.17
C LYS D 407 -21.71 -40.16 24.64
N TRP D 408 -22.36 -40.88 25.55
CA TRP D 408 -22.25 -40.55 26.97
C TRP D 408 -20.85 -40.82 27.50
N THR D 409 -20.25 -41.95 27.12
CA THR D 409 -18.89 -42.24 27.56
C THR D 409 -17.90 -41.23 26.97
N LYS D 410 -18.09 -40.85 25.71
CA LYS D 410 -17.24 -39.83 25.11
C LYS D 410 -17.37 -38.50 25.84
N ALA D 411 -18.60 -38.11 26.19
CA ALA D 411 -18.80 -36.87 26.92
C ALA D 411 -18.15 -36.93 28.29
N LEU D 412 -18.27 -38.07 28.98
CA LEU D 412 -17.64 -38.21 30.29
C LEU D 412 -16.12 -38.11 30.18
N GLY D 413 -15.53 -38.75 29.17
CA GLY D 413 -14.09 -38.68 28.99
C GLY D 413 -13.63 -37.27 28.67
N ILE D 414 -14.36 -36.58 27.79
CA ILE D 414 -14.00 -35.20 27.47
C ILE D 414 -14.10 -34.32 28.70
N PHE D 415 -15.14 -34.54 29.52
CA PHE D 415 -15.31 -33.73 30.72
C PHE D 415 -14.17 -33.96 31.70
N ILE D 416 -13.80 -35.22 31.94
CA ILE D 416 -12.71 -35.50 32.86
C ILE D 416 -11.39 -34.93 32.35
N THR D 417 -11.11 -35.12 31.06
CA THR D 417 -9.87 -34.59 30.50
C THR D 417 -9.85 -33.07 30.58
N PHE D 418 -10.96 -32.41 30.28
CA PHE D 418 -11.01 -30.96 30.33
C PHE D 418 -10.78 -30.45 31.74
N ASN D 419 -11.41 -31.09 32.73
CA ASN D 419 -11.22 -30.67 34.11
C ASN D 419 -9.77 -30.87 34.56
N THR D 420 -9.19 -32.02 34.25
CA THR D 420 -7.81 -32.26 34.67
C THR D 420 -6.84 -31.30 33.99
N VAL D 421 -7.07 -31.04 32.69
CA VAL D 421 -6.20 -30.12 31.96
C VAL D 421 -6.31 -28.71 32.53
N MET D 422 -7.54 -28.28 32.85
CA MET D 422 -7.68 -26.94 33.42
C MET D 422 -7.07 -26.86 34.82
N LEU D 423 -7.14 -27.94 35.59
CA LEU D 423 -6.43 -27.95 36.87
C LEU D 423 -4.93 -27.81 36.67
N SER D 424 -4.39 -28.50 35.66
CA SER D 424 -2.98 -28.37 35.34
C SER D 424 -2.63 -26.93 34.95
N PHE D 425 -3.50 -26.30 34.16
CA PHE D 425 -3.21 -24.94 33.75
C PHE D 425 -3.40 -23.93 34.88
N LEU D 426 -4.16 -24.29 35.91
CA LEU D 426 -4.18 -23.46 37.11
C LEU D 426 -2.89 -23.60 37.89
N ILE D 427 -2.42 -24.84 38.08
CA ILE D 427 -1.18 -25.04 38.83
C ILE D 427 -0.01 -24.39 38.10
N PHE D 428 0.07 -24.58 36.79
CA PHE D 428 1.10 -23.96 35.98
C PHE D 428 0.97 -22.45 35.91
N SER D 429 -0.22 -21.92 36.20
CA SER D 429 -0.43 -20.47 36.12
C SER D 429 0.43 -19.72 37.12
N GLY D 430 0.78 -20.37 38.22
CA GLY D 430 1.45 -19.68 39.30
C GLY D 430 0.52 -18.93 40.22
N PHE D 431 -0.77 -18.90 39.93
CA PHE D 431 -1.72 -18.23 40.79
C PHE D 431 -1.84 -18.91 42.15
N LEU D 432 -1.45 -20.18 42.26
CA LEU D 432 -1.54 -20.87 43.53
C LEU D 432 -0.52 -20.34 44.54
N ASN D 433 0.49 -19.60 44.08
CA ASN D 433 1.31 -18.86 45.03
C ASN D 433 0.57 -17.66 45.59
N ASP D 434 -0.10 -16.91 44.71
CA ASP D 434 -0.80 -15.70 45.16
C ASP D 434 -1.96 -16.05 46.08
N LEU D 435 -2.71 -17.09 45.75
CA LEU D 435 -3.90 -17.41 46.54
C LEU D 435 -3.51 -17.84 47.95
N TRP D 436 -2.58 -18.76 48.08
CA TRP D 436 -2.00 -19.13 49.36
C TRP D 436 -0.49 -19.06 49.24
N PHE D 437 0.13 -18.21 50.05
CA PHE D 437 1.58 -17.97 49.95
C PHE D 437 2.34 -19.17 50.50
N THR D 438 2.23 -20.28 49.77
CA THR D 438 2.98 -21.48 50.08
C THR D 438 4.34 -21.37 49.40
N LYS D 439 5.39 -21.16 50.21
CA LYS D 439 6.72 -20.95 49.65
C LYS D 439 7.21 -22.19 48.91
N LYS D 440 6.92 -23.37 49.44
CA LYS D 440 7.32 -24.61 48.78
C LYS D 440 6.24 -25.68 48.97
#